data_5OL2
#
_entry.id   5OL2
#
_cell.length_a   177.060
_cell.length_b   177.060
_cell.length_c   493.150
_cell.angle_alpha   90.000
_cell.angle_beta   90.000
_cell.angle_gamma   90.000
#
_symmetry.space_group_name_H-M   'I 41 2 2'
#
loop_
_entity.id
_entity.type
_entity.pdbx_description
1 polymer 'Electron transfer flavoprotein large subunit'
2 polymer 'Electron transfer flavoprotein small subunit'
3 polymer 'Acyl-CoA dehydrogenase'
4 non-polymer 'FLAVIN-ADENINE DINUCLEOTIDE'
5 non-polymer 'CALCIUM ION'
6 non-polymer 'COENZYME A PERSULFIDE'
#
loop_
_entity_poly.entity_id
_entity_poly.type
_entity_poly.pdbx_seq_one_letter_code
_entity_poly.pdbx_strand_id
1 'polypeptide(L)'
;MGNVLVVIEQRENVIQTVSLELLGKATEIAKDYDTKVSALLLGSKVEGLIDTLAHYGADEVIVVDDEALAVYTTEPYTKA
AYEAIKAADPIVVLFGATSIGRDLAPRVSARIHTGLTADCTGLAVAEDTKLLLMTRPAFGGNIMATIVCKDFRPQMSTVR
PGVMKKNEPDETKEAVINRFKVEFNDADKLVQVVQVIKEAKKQVKIEDAKILVSAGRGMGGKENLDILYELAEIIGGEVS
GSRATIDAGWLDKARQVGQTGKTVRPDLYIACGISGAIQHIAGMEDAEFIVAINKNPEAPIFKYADVGIVGDVHKVLPEL
ISQLSVAKEKG
;
A,D
2 'polypeptide(L)'
;MNIVVCIKQVPDTTEVKLDPNTGTLIRDGVPSIINPDDKAGLEEAIKLKEEMGAHVTVITMGPPQADMALKEALAMGADR
GILLTDRAFAGADTWATSSALAGALKNIDFDIIIAGRQAIDGDTAQVGPQIAEHLNLPSITYAEEIKTEGEYVLVKRQFE
DCCHDLKVKMPCLITTLKDMNTPRYMKVGRIYDAFENDVVETWTVKDIEVDPSNLGLKGSPTSVFKSFTKSVKPAGTIYN
EDAKTSAGIIIDKLKEKYII
;
B,E
3 'polypeptide(L)'
;MDLNSKKYQMLKELYVSFAENEVKPLATELDEEERFPYETVEKMAKAGMMGIPYPKEYGGEGGDTVGYIMAVEELSRVCG
TTGVILSAHTSLGSWPIYQYGNEEQKQKFLRPLASGEKLGAFGLTEPNAGTDASGQQTTAVLDGDEYILNGSKIFITNAI
AGDIYVVMAMTDKSKGNKGISAFIVEKGTPGFSFGVKEKKMGIRGSATSELIFEDCRIPKENLLGKEGQGFKIAMSTLDG
GRIGIAAQALGLAQGALDETVKYVKERVQFGRPLSKFQNTQFQLADMEVKVQAARHLVYQAAINKDLGKPYGVEAAMAKL
FAAETAMEVTTKAVQLHGGYGYTRDYPVERMMRDAKITEIYEGTSEVQRMVISGKLLK
;
C,F
#
loop_
_chem_comp.id
_chem_comp.type
_chem_comp.name
_chem_comp.formula
CA non-polymer 'CALCIUM ION' 'Ca 2'
COS non-polymer 'COENZYME A PERSULFIDE' 'C21 H36 N7 O16 P3 S2'
FAD non-polymer 'FLAVIN-ADENINE DINUCLEOTIDE' 'C27 H33 N9 O15 P2'
#
# COMPACT_ATOMS: atom_id res chain seq x y z
N MET A 1 33.87 61.40 -41.56
CA MET A 1 32.99 60.44 -40.88
C MET A 1 33.59 59.94 -39.52
N GLY A 2 32.93 58.94 -38.93
CA GLY A 2 33.48 58.19 -37.85
C GLY A 2 33.97 56.86 -38.35
N ASN A 3 34.07 55.90 -37.46
CA ASN A 3 34.58 54.61 -37.86
C ASN A 3 33.72 53.55 -37.17
N VAL A 4 33.88 52.29 -37.54
CA VAL A 4 33.12 51.24 -36.88
C VAL A 4 34.09 50.49 -35.98
N LEU A 5 33.89 50.60 -34.68
CA LEU A 5 34.83 50.08 -33.70
C LEU A 5 34.29 48.81 -33.06
N VAL A 6 35.10 47.77 -33.03
CA VAL A 6 34.79 46.56 -32.28
C VAL A 6 35.72 46.46 -31.10
N VAL A 7 35.15 46.22 -29.94
CA VAL A 7 35.92 46.10 -28.71
C VAL A 7 36.28 44.64 -28.56
N ILE A 8 37.55 44.35 -28.60
CA ILE A 8 38.01 42.96 -28.62
C ILE A 8 38.13 42.40 -27.19
N GLU A 9 37.85 41.10 -27.08
CA GLU A 9 37.98 40.35 -25.83
C GLU A 9 39.11 39.33 -25.94
N GLN A 10 39.95 39.26 -24.92
CA GLN A 10 41.05 38.29 -24.88
C GLN A 10 41.06 37.67 -23.51
N ARG A 11 41.36 36.39 -23.44
CA ARG A 11 41.42 35.70 -22.16
C ARG A 11 42.71 34.92 -22.09
N GLU A 12 43.58 35.31 -21.15
CA GLU A 12 44.94 34.76 -21.08
C GLU A 12 45.56 34.76 -22.48
N ASN A 13 45.60 35.96 -23.05
CA ASN A 13 46.28 36.27 -24.31
C ASN A 13 45.81 35.43 -25.49
N VAL A 14 44.53 35.08 -25.55
CA VAL A 14 43.93 34.55 -26.77
C VAL A 14 42.67 35.33 -27.09
N ILE A 15 42.53 35.75 -28.35
CA ILE A 15 41.33 36.44 -28.78
C ILE A 15 40.14 35.50 -28.71
N GLN A 16 39.02 36.00 -28.20
CA GLN A 16 37.80 35.23 -28.24
C GLN A 16 37.15 35.36 -29.62
N THR A 17 36.61 34.22 -30.11
CA THR A 17 36.13 34.09 -31.48
C THR A 17 35.02 35.08 -31.80
N VAL A 18 34.16 35.36 -30.82
CA VAL A 18 33.11 36.33 -31.05
C VAL A 18 33.68 37.67 -31.51
N SER A 19 34.89 38.01 -31.05
CA SER A 19 35.51 39.22 -31.53
C SER A 19 35.69 39.18 -33.03
N LEU A 20 36.27 38.09 -33.54
CA LEU A 20 36.54 37.98 -34.96
C LEU A 20 35.26 37.93 -35.80
N GLU A 21 34.19 37.34 -35.24
CA GLU A 21 32.89 37.44 -35.89
C GLU A 21 32.40 38.88 -35.91
N LEU A 22 32.64 39.58 -34.83
CA LEU A 22 32.17 40.94 -34.77
C LEU A 22 32.89 41.82 -35.78
N LEU A 23 34.17 41.53 -36.02
CA LEU A 23 34.86 42.26 -37.09
C LEU A 23 34.27 41.90 -38.43
N GLY A 24 33.79 40.65 -38.54
CA GLY A 24 32.99 40.30 -39.70
C GLY A 24 31.85 41.28 -39.92
N LYS A 25 30.89 41.36 -38.97
CA LYS A 25 29.75 42.27 -39.21
C LYS A 25 30.20 43.72 -39.34
N ALA A 26 31.29 44.08 -38.66
CA ALA A 26 31.86 45.41 -38.68
C ALA A 26 32.22 45.85 -40.09
N THR A 27 32.94 45.01 -40.85
CA THR A 27 33.23 45.38 -42.25
C THR A 27 31.97 45.59 -43.09
N GLU A 28 30.88 44.91 -42.77
CA GLU A 28 29.63 45.14 -43.48
C GLU A 28 29.01 46.48 -43.09
N ILE A 29 28.92 46.77 -41.79
CA ILE A 29 28.31 48.03 -41.37
C ILE A 29 29.14 49.18 -41.90
N ALA A 30 30.46 49.05 -41.79
CA ALA A 30 31.36 50.10 -42.25
C ALA A 30 31.25 50.30 -43.74
N LYS A 31 31.12 49.19 -44.50
CA LYS A 31 31.00 49.36 -45.94
C LYS A 31 29.70 50.04 -46.30
N ASP A 32 28.66 49.83 -45.48
CA ASP A 32 27.39 50.49 -45.77
C ASP A 32 27.39 51.97 -45.44
N TYR A 33 28.42 52.43 -44.71
CA TYR A 33 28.60 53.82 -44.30
C TYR A 33 29.72 54.54 -45.06
N ASP A 34 30.52 53.82 -45.85
CA ASP A 34 31.70 54.37 -46.54
C ASP A 34 32.78 54.83 -45.57
N THR A 35 32.95 54.07 -44.51
CA THR A 35 34.03 54.25 -43.57
C THR A 35 34.73 52.91 -43.39
N LYS A 36 35.85 52.91 -42.66
CA LYS A 36 36.74 51.77 -42.41
C LYS A 36 36.38 51.07 -41.08
N VAL A 37 37.25 50.19 -40.56
CA VAL A 37 36.95 49.36 -39.39
C VAL A 37 38.11 49.36 -38.39
N SER A 38 37.78 49.56 -37.10
CA SER A 38 38.77 49.69 -36.04
C SER A 38 38.58 48.66 -34.94
N ALA A 39 39.70 48.25 -34.36
CA ALA A 39 39.75 47.24 -33.31
C ALA A 39 40.32 47.84 -32.04
N LEU A 40 39.65 47.64 -30.91
CA LEU A 40 40.17 48.04 -29.62
C LEU A 40 40.75 46.81 -28.93
N LEU A 41 42.06 46.80 -28.72
CA LEU A 41 42.70 45.65 -28.10
C LEU A 41 43.18 46.03 -26.69
N LEU A 42 42.76 45.27 -25.68
CA LEU A 42 43.01 45.60 -24.27
C LEU A 42 43.64 44.45 -23.51
N GLY A 43 44.77 44.69 -22.87
CA GLY A 43 45.44 43.59 -22.19
C GLY A 43 46.76 44.04 -21.62
N SER A 44 47.53 43.08 -21.08
CA SER A 44 48.79 43.42 -20.43
C SER A 44 49.96 43.26 -21.38
N LYS A 45 50.14 42.08 -21.96
CA LYS A 45 51.27 41.92 -22.84
C LYS A 45 50.78 41.43 -24.18
N VAL A 46 49.84 42.19 -24.71
CA VAL A 46 48.90 41.74 -25.74
C VAL A 46 49.58 41.86 -27.12
N GLU A 47 50.90 42.02 -27.13
CA GLU A 47 51.58 42.17 -28.41
C GLU A 47 51.41 40.92 -29.23
N GLY A 48 51.03 41.08 -30.51
CA GLY A 48 51.01 40.02 -31.49
C GLY A 48 49.63 39.51 -31.85
N LEU A 49 48.71 39.52 -30.88
CA LEU A 49 47.27 39.51 -31.11
C LEU A 49 46.89 40.56 -32.16
N ILE A 50 47.79 41.53 -32.37
CA ILE A 50 47.52 42.66 -33.26
C ILE A 50 47.46 42.19 -34.71
N ASP A 51 48.47 41.40 -35.11
CA ASP A 51 48.53 40.96 -36.50
C ASP A 51 47.34 40.09 -36.85
N THR A 52 46.89 39.28 -35.88
CA THR A 52 45.66 38.51 -36.01
C THR A 52 44.49 39.40 -36.39
N LEU A 53 44.25 40.42 -35.55
CA LEU A 53 43.16 41.35 -35.85
C LEU A 53 43.26 41.93 -37.24
N ALA A 54 44.47 42.23 -37.69
CA ALA A 54 44.63 42.82 -39.02
C ALA A 54 44.12 41.87 -40.08
N HIS A 55 44.50 40.60 -39.92
CA HIS A 55 44.10 39.53 -40.81
C HIS A 55 42.59 39.35 -40.85
N TYR A 56 41.89 39.56 -39.71
CA TYR A 56 40.45 39.32 -39.71
C TYR A 56 39.60 40.55 -40.04
N GLY A 57 40.18 41.56 -40.68
CA GLY A 57 39.42 42.69 -41.21
C GLY A 57 39.67 44.04 -40.55
N ALA A 58 40.48 44.11 -39.49
CA ALA A 58 40.72 45.37 -38.81
C ALA A 58 41.65 46.23 -39.66
N ASP A 59 41.29 47.52 -39.80
CA ASP A 59 42.07 48.53 -40.49
C ASP A 59 42.91 49.43 -39.56
N GLU A 60 42.40 49.71 -38.35
CA GLU A 60 43.15 50.37 -37.30
C GLU A 60 43.07 49.47 -36.08
N VAL A 61 44.19 49.30 -35.38
CA VAL A 61 44.20 48.49 -34.17
C VAL A 61 44.65 49.37 -33.02
N ILE A 62 43.68 49.86 -32.24
CA ILE A 62 43.92 50.64 -31.05
C ILE A 62 44.39 49.73 -29.93
N VAL A 63 45.61 49.98 -29.42
CA VAL A 63 46.32 49.09 -28.50
C VAL A 63 46.54 49.78 -27.17
N VAL A 64 46.22 49.10 -26.08
CA VAL A 64 46.45 49.62 -24.72
C VAL A 64 47.16 48.52 -23.92
N ASP A 65 48.49 48.58 -23.84
CA ASP A 65 49.24 47.59 -23.09
C ASP A 65 49.50 48.13 -21.71
N ASP A 66 48.95 47.48 -20.69
CA ASP A 66 49.29 47.88 -19.34
C ASP A 66 49.05 46.75 -18.35
N GLU A 67 49.89 46.67 -17.32
CA GLU A 67 49.67 45.61 -16.37
C GLU A 67 48.47 45.86 -15.47
N ALA A 68 47.80 47.00 -15.58
CA ALA A 68 46.51 47.17 -14.93
C ALA A 68 45.39 46.47 -15.69
N LEU A 69 45.62 46.16 -16.95
CA LEU A 69 44.68 45.41 -17.75
C LEU A 69 45.04 43.93 -17.77
N ALA A 70 46.04 43.57 -16.98
CA ALA A 70 46.54 42.20 -16.97
C ALA A 70 45.39 41.22 -16.73
N VAL A 71 44.61 41.50 -15.72
CA VAL A 71 43.45 40.73 -15.28
C VAL A 71 42.25 41.63 -15.47
N TYR A 72 41.12 41.06 -15.88
CA TYR A 72 39.93 41.89 -16.02
C TYR A 72 39.33 42.24 -14.67
N THR A 73 39.11 43.53 -14.51
CA THR A 73 38.49 44.20 -13.40
C THR A 73 37.72 45.33 -14.04
N THR A 74 36.45 45.53 -13.68
CA THR A 74 35.54 46.34 -14.48
C THR A 74 36.12 47.71 -14.81
N GLU A 75 36.52 48.47 -13.77
CA GLU A 75 36.85 49.88 -13.98
C GLU A 75 38.07 50.14 -14.86
N PRO A 76 39.23 49.52 -14.66
CA PRO A 76 40.32 49.84 -15.56
C PRO A 76 39.93 49.66 -17.01
N TYR A 77 39.11 48.64 -17.30
CA TYR A 77 38.65 48.38 -18.66
C TYR A 77 37.68 49.45 -19.12
N THR A 78 36.72 49.84 -18.26
CA THR A 78 35.79 50.92 -18.60
C THR A 78 36.52 52.21 -18.95
N LYS A 79 37.38 52.67 -18.02
CA LYS A 79 38.11 53.91 -18.21
C LYS A 79 38.86 53.90 -19.50
N ALA A 80 39.57 52.78 -19.75
CA ALA A 80 40.37 52.66 -20.95
C ALA A 80 39.52 52.80 -22.19
N ALA A 81 38.45 51.99 -22.30
CA ALA A 81 37.60 52.00 -23.48
C ALA A 81 36.95 53.36 -23.69
N TYR A 82 36.41 53.97 -22.62
CA TYR A 82 35.91 55.34 -22.69
C TYR A 82 36.93 56.24 -23.35
N GLU A 83 38.13 56.34 -22.76
CA GLU A 83 39.13 57.23 -23.33
C GLU A 83 39.29 56.93 -24.82
N ALA A 84 39.42 55.64 -25.18
CA ALA A 84 39.82 55.26 -26.53
C ALA A 84 38.72 55.48 -27.55
N ILE A 85 37.49 55.15 -27.17
CA ILE A 85 36.32 55.33 -28.02
C ILE A 85 36.04 56.81 -28.19
N LYS A 86 35.98 57.53 -27.08
CA LYS A 86 35.78 58.98 -27.14
C LYS A 86 36.78 59.62 -28.06
N ALA A 87 37.99 59.07 -28.08
CA ALA A 87 39.07 59.59 -28.90
C ALA A 87 38.89 59.26 -30.37
N ALA A 88 38.48 58.02 -30.70
CA ALA A 88 38.25 57.70 -32.11
C ALA A 88 36.95 58.28 -32.69
N ASP A 89 35.94 58.53 -31.88
CA ASP A 89 34.61 58.95 -32.34
C ASP A 89 34.00 58.00 -33.37
N PRO A 90 33.65 56.79 -32.96
CA PRO A 90 32.97 55.86 -33.86
C PRO A 90 31.50 56.19 -34.06
N ILE A 91 31.03 55.81 -35.24
CA ILE A 91 29.61 55.79 -35.58
C ILE A 91 28.95 54.61 -34.87
N VAL A 92 29.71 53.56 -34.60
CA VAL A 92 29.16 52.32 -34.10
C VAL A 92 30.23 51.63 -33.27
N VAL A 93 29.81 51.07 -32.14
CA VAL A 93 30.70 50.31 -31.26
C VAL A 93 30.03 48.99 -30.92
N LEU A 94 30.75 47.90 -31.11
CA LEU A 94 30.23 46.56 -30.85
C LEU A 94 31.09 45.88 -29.79
N PHE A 95 30.44 45.30 -28.80
CA PHE A 95 31.11 44.42 -27.87
C PHE A 95 30.52 43.03 -28.06
N GLY A 96 31.28 42.00 -27.68
CA GLY A 96 30.71 40.67 -27.58
C GLY A 96 29.90 40.49 -26.30
N ALA A 97 28.66 40.03 -26.44
CA ALA A 97 27.76 39.84 -25.30
C ALA A 97 28.11 38.59 -24.48
N THR A 98 29.19 38.73 -23.67
CA THR A 98 29.78 37.75 -22.75
C THR A 98 29.71 38.31 -21.33
N SER A 99 30.30 37.61 -20.35
CA SER A 99 30.31 38.13 -18.98
C SER A 99 31.18 39.38 -18.85
N ILE A 100 32.22 39.48 -19.67
CA ILE A 100 32.90 40.75 -19.81
C ILE A 100 32.04 41.72 -20.59
N GLY A 101 31.60 41.35 -21.78
CA GLY A 101 30.95 42.34 -22.61
C GLY A 101 29.74 42.97 -21.94
N ARG A 102 28.89 42.16 -21.32
CA ARG A 102 27.62 42.61 -20.72
C ARG A 102 27.82 43.32 -19.40
N ASP A 103 29.06 43.35 -18.88
CA ASP A 103 29.50 44.09 -17.71
C ASP A 103 30.15 45.40 -18.11
N LEU A 104 31.05 45.35 -19.09
CA LEU A 104 31.82 46.52 -19.53
C LEU A 104 30.97 47.51 -20.35
N ALA A 105 30.29 47.06 -21.41
CA ALA A 105 29.54 48.00 -22.24
C ALA A 105 28.52 48.88 -21.50
N PRO A 106 27.62 48.36 -20.68
CA PRO A 106 26.64 49.25 -20.05
C PRO A 106 27.28 50.39 -19.26
N ARG A 107 28.40 50.09 -18.61
CA ARG A 107 29.18 51.10 -17.90
C ARG A 107 29.80 52.12 -18.86
N VAL A 108 30.35 51.66 -19.99
CA VAL A 108 30.94 52.59 -20.95
C VAL A 108 29.87 53.51 -21.55
N SER A 109 28.82 52.92 -22.14
CA SER A 109 27.77 53.74 -22.74
C SER A 109 27.14 54.73 -21.72
N ALA A 110 27.15 54.42 -20.43
CA ALA A 110 26.65 55.39 -19.48
C ALA A 110 27.59 56.57 -19.35
N ARG A 111 28.89 56.29 -19.16
CA ARG A 111 29.88 57.35 -19.06
C ARG A 111 29.91 58.25 -20.29
N ILE A 112 29.76 57.67 -21.49
CA ILE A 112 29.62 58.46 -22.72
C ILE A 112 28.30 59.23 -22.77
N HIS A 113 27.25 58.67 -22.19
CA HIS A 113 25.89 59.17 -22.34
C HIS A 113 25.46 59.05 -23.80
N THR A 114 25.39 57.80 -24.25
CA THR A 114 24.79 57.35 -25.50
C THR A 114 23.82 56.20 -25.18
N GLY A 115 23.38 55.44 -26.20
CA GLY A 115 22.49 54.31 -25.99
C GLY A 115 23.06 52.95 -26.34
N LEU A 116 22.61 51.93 -25.58
CA LEU A 116 23.13 50.55 -25.72
C LEU A 116 22.05 49.48 -25.82
N THR A 117 22.18 48.61 -26.82
CA THR A 117 21.28 47.47 -27.03
C THR A 117 22.03 46.20 -26.67
N ALA A 118 21.42 45.38 -25.83
CA ALA A 118 22.06 44.18 -25.31
C ALA A 118 21.67 42.93 -26.11
N ASP A 119 22.52 41.90 -26.02
CA ASP A 119 22.34 40.57 -26.58
C ASP A 119 21.69 40.64 -27.94
N CYS A 120 22.36 41.23 -28.90
CA CYS A 120 21.72 41.37 -30.19
C CYS A 120 21.95 40.14 -31.03
N THR A 121 21.05 39.97 -31.98
CA THR A 121 21.16 38.91 -32.96
C THR A 121 21.11 39.40 -34.39
N GLY A 122 20.86 40.69 -34.62
CA GLY A 122 20.88 41.20 -35.99
C GLY A 122 21.11 42.68 -36.15
N LEU A 123 21.97 43.08 -37.11
CA LEU A 123 22.36 44.47 -37.26
C LEU A 123 22.35 44.89 -38.72
N ALA A 124 21.69 46.00 -39.05
CA ALA A 124 21.91 46.55 -40.40
C ALA A 124 21.42 47.98 -40.51
N VAL A 125 22.06 48.74 -41.35
CA VAL A 125 21.78 50.16 -41.37
C VAL A 125 20.69 50.40 -42.41
N ALA A 126 19.64 51.10 -42.01
CA ALA A 126 18.49 51.34 -42.86
C ALA A 126 18.87 52.14 -44.10
N GLU A 127 18.11 51.95 -45.19
CA GLU A 127 18.37 52.70 -46.42
C GLU A 127 18.08 54.17 -46.21
N ASP A 128 16.87 54.46 -45.78
CA ASP A 128 16.52 55.78 -45.33
C ASP A 128 17.01 55.88 -43.90
N THR A 129 17.40 57.08 -43.53
CA THR A 129 17.79 57.41 -42.16
C THR A 129 19.12 56.80 -41.76
N LYS A 130 19.60 55.79 -42.46
CA LYS A 130 20.95 55.28 -42.23
C LYS A 130 21.26 55.04 -40.75
N LEU A 131 20.24 54.68 -39.94
CA LEU A 131 20.48 54.34 -38.54
C LEU A 131 20.78 52.87 -38.44
N LEU A 132 21.48 52.48 -37.39
CA LEU A 132 21.75 51.06 -37.21
C LEU A 132 20.51 50.44 -36.61
N LEU A 133 19.85 49.54 -37.34
CA LEU A 133 18.70 48.77 -36.85
C LEU A 133 19.26 47.56 -36.09
N MET A 134 19.19 47.62 -34.75
CA MET A 134 19.74 46.57 -33.90
C MET A 134 18.60 45.75 -33.36
N THR A 135 18.53 44.48 -33.75
CA THR A 135 17.44 43.60 -33.37
C THR A 135 17.89 42.52 -32.39
N ARG A 136 17.18 42.47 -31.29
CA ARG A 136 17.43 41.66 -30.12
C ARG A 136 16.17 40.94 -29.70
N PRO A 137 16.34 39.82 -29.14
CA PRO A 137 15.22 39.06 -28.62
C PRO A 137 14.92 39.33 -27.16
N ALA A 138 13.70 39.70 -26.80
CA ALA A 138 13.34 39.98 -25.42
C ALA A 138 12.19 39.15 -24.91
N PHE A 139 11.92 39.40 -23.62
CA PHE A 139 10.75 38.90 -22.96
C PHE A 139 10.87 37.37 -22.88
N GLY A 140 11.97 36.92 -22.28
CA GLY A 140 12.29 35.51 -22.27
C GLY A 140 12.41 34.92 -23.65
N GLY A 141 12.68 35.72 -24.67
CA GLY A 141 12.85 35.17 -25.99
C GLY A 141 11.61 35.10 -26.84
N ASN A 142 10.43 35.27 -26.28
CA ASN A 142 9.19 35.22 -27.03
C ASN A 142 8.96 36.44 -27.91
N ILE A 143 9.80 37.47 -27.82
CA ILE A 143 9.64 38.73 -28.57
C ILE A 143 10.92 39.04 -29.33
N MET A 144 10.76 39.69 -30.47
CA MET A 144 11.90 40.16 -31.23
C MET A 144 11.64 41.62 -31.50
N ALA A 145 12.47 42.48 -30.91
CA ALA A 145 12.32 43.92 -31.12
C ALA A 145 13.56 44.47 -31.78
N THR A 146 13.32 45.54 -32.52
CA THR A 146 14.33 46.29 -33.23
C THR A 146 14.44 47.69 -32.65
N ILE A 147 15.59 48.00 -32.10
CA ILE A 147 15.86 49.26 -31.44
C ILE A 147 16.86 50.08 -32.23
N VAL A 148 16.67 51.39 -32.23
CA VAL A 148 17.59 52.36 -32.83
C VAL A 148 18.00 53.42 -31.81
N CYS A 149 19.18 53.96 -32.00
CA CYS A 149 19.63 55.09 -31.21
C CYS A 149 19.52 56.33 -32.09
N LYS A 150 18.36 56.99 -32.06
CA LYS A 150 18.08 58.13 -32.94
C LYS A 150 19.20 59.18 -32.97
N ASP A 151 19.50 59.81 -31.82
CA ASP A 151 20.33 61.01 -31.83
C ASP A 151 21.73 60.81 -31.29
N PHE A 152 21.89 60.16 -30.16
CA PHE A 152 23.22 60.02 -29.59
C PHE A 152 24.09 59.09 -30.44
N ARG A 153 25.37 59.46 -30.62
CA ARG A 153 26.48 58.62 -31.10
C ARG A 153 27.40 58.28 -29.92
N PRO A 154 28.22 57.22 -30.01
CA PRO A 154 28.24 56.07 -30.91
C PRO A 154 27.04 55.14 -30.67
N GLN A 155 26.52 54.55 -31.74
CA GLN A 155 25.46 53.55 -31.63
C GLN A 155 26.04 52.28 -31.03
N MET A 156 25.59 51.88 -29.84
CA MET A 156 26.31 50.81 -29.18
C MET A 156 25.51 49.53 -28.98
N SER A 157 26.19 48.40 -29.09
CA SER A 157 25.49 47.15 -28.90
C SER A 157 26.44 46.04 -28.47
N THR A 158 25.97 45.24 -27.51
CA THR A 158 26.51 43.92 -27.20
C THR A 158 25.79 42.88 -28.05
N VAL A 159 26.58 42.04 -28.74
CA VAL A 159 26.09 41.12 -29.78
C VAL A 159 26.30 39.69 -29.33
N ARG A 160 25.37 38.82 -29.72
CA ARG A 160 25.37 37.45 -29.25
C ARG A 160 26.50 36.63 -29.89
N PRO A 161 27.29 35.93 -29.10
CA PRO A 161 28.33 35.07 -29.69
C PRO A 161 27.73 33.94 -30.53
N GLY A 162 28.37 33.65 -31.67
CA GLY A 162 27.96 32.55 -32.53
C GLY A 162 26.99 32.93 -33.64
N VAL A 163 26.54 34.18 -33.69
CA VAL A 163 25.52 34.63 -34.63
C VAL A 163 26.12 35.34 -35.84
N MET A 164 27.10 36.21 -35.65
CA MET A 164 27.68 36.94 -36.78
C MET A 164 28.79 36.13 -37.44
N LYS A 165 28.96 36.29 -38.75
CA LYS A 165 29.93 35.39 -39.38
C LYS A 165 31.23 36.14 -39.66
N LYS A 166 32.36 35.45 -39.42
CA LYS A 166 33.71 35.99 -39.55
C LYS A 166 34.07 36.39 -40.98
N ASN A 167 35.26 36.95 -41.12
CA ASN A 167 35.81 37.27 -42.43
C ASN A 167 36.75 36.16 -42.79
N GLU A 168 37.14 36.10 -44.09
CA GLU A 168 38.16 35.13 -44.49
C GLU A 168 39.56 35.62 -44.16
N PRO A 169 40.28 34.95 -43.22
CA PRO A 169 41.59 35.48 -42.80
C PRO A 169 42.52 35.75 -43.97
N ASP A 170 42.99 37.02 -44.07
CA ASP A 170 43.89 37.48 -45.13
C ASP A 170 45.28 37.73 -44.53
N GLU A 171 46.22 36.85 -44.83
CA GLU A 171 47.52 36.97 -44.19
C GLU A 171 48.35 38.13 -44.74
N THR A 172 47.93 38.73 -45.85
CA THR A 172 48.73 39.77 -46.46
C THR A 172 48.52 41.12 -45.79
N LYS A 173 47.27 41.39 -45.40
CA LYS A 173 46.88 42.70 -44.90
C LYS A 173 47.42 42.94 -43.52
N GLU A 174 48.21 44.01 -43.37
CA GLU A 174 48.52 44.54 -42.06
C GLU A 174 47.65 45.78 -41.88
N ALA A 175 47.50 46.19 -40.62
CA ALA A 175 46.67 47.31 -40.25
C ALA A 175 47.54 48.33 -39.55
N VAL A 176 46.90 49.50 -39.18
CA VAL A 176 47.59 50.60 -38.49
C VAL A 176 47.48 50.35 -37.00
N ILE A 177 48.57 50.55 -36.30
CA ILE A 177 48.64 50.25 -34.87
C ILE A 177 48.66 51.59 -34.14
N ASN A 178 47.70 51.77 -33.22
CA ASN A 178 47.41 53.07 -32.63
C ASN A 178 48.09 53.34 -31.30
N ARG A 179 48.35 52.34 -30.47
CA ARG A 179 49.35 52.49 -29.43
C ARG A 179 48.92 53.54 -28.40
N PHE A 180 47.66 53.43 -28.00
CA PHE A 180 46.95 54.41 -27.18
C PHE A 180 47.36 54.35 -25.71
N LYS A 181 47.85 55.45 -25.17
CA LYS A 181 48.36 55.47 -23.81
C LYS A 181 47.27 55.87 -22.85
N VAL A 182 47.19 55.17 -21.72
CA VAL A 182 46.15 55.44 -20.72
C VAL A 182 46.72 55.35 -19.33
N GLU A 183 46.44 56.37 -18.48
CA GLU A 183 46.92 56.34 -17.10
C GLU A 183 45.83 55.74 -16.20
N PHE A 184 46.27 54.96 -15.18
CA PHE A 184 45.34 54.25 -14.28
C PHE A 184 45.75 54.51 -12.85
N ASN A 185 44.89 55.16 -12.09
CA ASN A 185 45.25 55.56 -10.74
C ASN A 185 44.21 55.06 -9.73
N ASP A 186 44.41 55.46 -8.47
CA ASP A 186 43.79 54.82 -7.30
C ASP A 186 42.26 54.72 -7.40
N ALA A 187 41.60 55.81 -7.72
CA ALA A 187 40.14 55.88 -7.82
C ALA A 187 39.58 54.99 -8.95
N ASP A 188 40.43 54.14 -9.52
CA ASP A 188 40.07 53.22 -10.57
C ASP A 188 40.38 51.77 -10.21
N LYS A 189 41.33 51.58 -9.32
CA LYS A 189 41.83 50.30 -8.90
C LYS A 189 41.14 49.89 -7.60
N LEU A 190 39.88 50.32 -7.46
CA LEU A 190 39.15 50.20 -6.22
C LEU A 190 38.78 48.76 -5.90
N VAL A 191 38.43 47.99 -6.95
CA VAL A 191 38.21 46.55 -6.92
C VAL A 191 39.56 45.84 -6.97
N GLN A 192 39.85 44.99 -5.97
CA GLN A 192 41.12 44.28 -5.95
C GLN A 192 40.88 42.79 -6.05
N VAL A 193 41.65 42.17 -6.92
CA VAL A 193 41.52 40.76 -7.23
C VAL A 193 42.39 39.96 -6.25
N VAL A 194 41.75 39.20 -5.34
CA VAL A 194 42.50 38.45 -4.35
C VAL A 194 43.05 37.18 -4.96
N GLN A 195 42.21 36.45 -5.70
CA GLN A 195 42.56 35.15 -6.28
C GLN A 195 41.83 34.92 -7.59
N VAL A 196 42.55 34.41 -8.57
CA VAL A 196 41.89 33.94 -9.79
C VAL A 196 41.90 32.42 -9.75
N ILE A 197 40.77 31.79 -9.34
CA ILE A 197 40.67 30.33 -9.26
C ILE A 197 39.75 29.83 -10.37
N LYS A 198 40.19 28.80 -11.07
CA LYS A 198 39.44 28.19 -12.16
C LYS A 198 39.01 26.80 -11.71
N GLU A 199 37.71 26.61 -11.67
CA GLU A 199 37.13 25.36 -11.25
C GLU A 199 36.40 24.79 -12.47
N ALA A 200 35.79 23.62 -12.30
CA ALA A 200 35.21 22.89 -13.42
C ALA A 200 33.78 23.34 -13.71
N LYS A 201 33.20 22.75 -14.77
CA LYS A 201 31.95 23.16 -15.41
C LYS A 201 30.66 22.87 -14.58
N LYS A 202 30.72 22.22 -13.40
CA LYS A 202 29.57 22.18 -12.50
C LYS A 202 28.35 21.46 -13.06
N GLN A 203 28.36 20.13 -13.00
CA GLN A 203 27.20 19.31 -13.37
C GLN A 203 25.86 19.89 -12.90
N VAL A 204 24.87 19.82 -13.79
CA VAL A 204 23.55 20.36 -13.49
C VAL A 204 22.45 19.30 -13.67
N LYS A 205 21.32 19.59 -13.03
CA LYS A 205 20.13 18.76 -13.08
C LYS A 205 19.51 18.78 -14.46
N ILE A 206 18.84 17.68 -14.85
CA ILE A 206 18.36 17.64 -16.22
C ILE A 206 17.24 18.63 -16.43
N GLU A 207 16.48 18.94 -15.37
CA GLU A 207 15.37 19.87 -15.55
C GLU A 207 15.91 21.23 -15.98
N ASP A 208 17.08 21.63 -15.44
CA ASP A 208 17.82 22.84 -15.77
C ASP A 208 18.77 22.72 -16.96
N ALA A 209 18.98 21.53 -17.52
CA ALA A 209 20.03 21.35 -18.53
C ALA A 209 19.68 22.09 -19.83
N LYS A 210 20.72 22.46 -20.59
CA LYS A 210 20.48 23.26 -21.80
C LYS A 210 20.30 22.39 -23.00
N ILE A 211 21.09 21.34 -23.10
CA ILE A 211 20.96 20.30 -24.12
C ILE A 211 20.75 18.97 -23.44
N LEU A 212 19.89 18.14 -24.00
CA LEU A 212 19.72 16.79 -23.49
C LEU A 212 19.95 15.81 -24.62
N VAL A 213 20.88 14.89 -24.41
CA VAL A 213 21.01 13.68 -25.22
C VAL A 213 20.33 12.58 -24.44
N SER A 214 19.28 12.01 -25.00
CA SER A 214 18.37 11.15 -24.26
C SER A 214 18.40 9.71 -24.73
N ALA A 215 18.63 8.79 -23.80
CA ALA A 215 18.73 7.36 -24.09
C ALA A 215 17.36 6.70 -24.16
N GLY A 216 17.19 5.83 -25.14
CA GLY A 216 15.99 5.05 -25.28
C GLY A 216 16.24 3.56 -25.05
N ARG A 217 15.18 2.78 -25.25
CA ARG A 217 15.37 1.34 -25.25
C ARG A 217 16.32 0.95 -26.36
N GLY A 218 16.31 1.72 -27.48
CA GLY A 218 17.10 1.40 -28.66
C GLY A 218 18.59 1.19 -28.46
N MET A 219 19.19 1.84 -27.45
CA MET A 219 20.64 1.73 -27.24
C MET A 219 21.09 0.32 -26.91
N GLY A 220 20.34 -0.39 -26.08
CA GLY A 220 20.55 -1.80 -25.90
C GLY A 220 21.53 -2.23 -24.82
N GLY A 221 21.92 -1.33 -23.91
CA GLY A 221 22.84 -1.71 -22.85
C GLY A 221 23.41 -0.53 -22.08
N LYS A 222 23.94 -0.76 -20.87
CA LYS A 222 24.41 0.33 -20.04
C LYS A 222 25.69 0.93 -20.60
N GLU A 223 26.70 0.10 -20.87
CA GLU A 223 27.91 0.67 -21.46
C GLU A 223 27.67 1.24 -22.84
N ASN A 224 26.62 0.82 -23.54
CA ASN A 224 26.29 1.49 -24.79
C ASN A 224 25.93 2.95 -24.61
N LEU A 225 25.62 3.38 -23.39
CA LEU A 225 25.37 4.79 -23.16
C LEU A 225 26.64 5.62 -23.10
N ASP A 226 27.82 5.00 -23.01
CA ASP A 226 29.02 5.81 -22.96
C ASP A 226 29.13 6.67 -24.21
N ILE A 227 28.78 6.12 -25.38
CA ILE A 227 28.80 6.90 -26.61
C ILE A 227 27.92 8.15 -26.50
N LEU A 228 26.81 8.08 -25.75
CA LEU A 228 26.01 9.28 -25.50
C LEU A 228 26.73 10.27 -24.61
N TYR A 229 27.20 9.82 -23.44
CA TYR A 229 27.98 10.65 -22.52
C TYR A 229 29.17 11.29 -23.21
N GLU A 230 29.76 10.57 -24.18
CA GLU A 230 30.82 11.14 -25.00
C GLU A 230 30.31 12.33 -25.79
N LEU A 231 29.20 12.15 -26.52
CA LEU A 231 28.56 13.24 -27.24
C LEU A 231 28.04 14.30 -26.30
N ALA A 232 27.50 13.89 -25.16
CA ALA A 232 27.04 14.87 -24.19
C ALA A 232 28.16 15.79 -23.78
N GLU A 233 29.40 15.29 -23.78
CA GLU A 233 30.54 16.14 -23.43
C GLU A 233 30.78 17.18 -24.50
N ILE A 234 30.64 16.79 -25.77
CA ILE A 234 31.04 17.68 -26.86
C ILE A 234 30.02 18.82 -27.06
N ILE A 235 28.80 18.68 -26.55
CA ILE A 235 27.79 19.74 -26.64
C ILE A 235 27.50 20.39 -25.26
N GLY A 236 27.92 19.79 -24.15
CA GLY A 236 27.74 20.36 -22.84
C GLY A 236 26.48 19.94 -22.11
N GLY A 237 25.43 19.56 -22.83
CA GLY A 237 24.21 19.10 -22.19
C GLY A 237 24.41 17.78 -21.46
N GLU A 238 23.39 17.37 -20.68
CA GLU A 238 23.44 16.09 -19.98
C GLU A 238 22.64 14.99 -20.69
N VAL A 239 22.72 13.78 -20.16
CA VAL A 239 21.99 12.67 -20.74
C VAL A 239 20.78 12.40 -19.87
N SER A 240 19.66 12.19 -20.52
CA SER A 240 18.45 11.82 -19.81
C SER A 240 17.93 10.56 -20.46
N GLY A 241 16.75 10.13 -20.12
CA GLY A 241 16.34 8.90 -20.76
C GLY A 241 14.91 8.55 -20.43
N SER A 242 14.41 7.58 -21.18
CA SER A 242 13.09 7.04 -21.02
C SER A 242 13.01 6.13 -19.81
N ARG A 243 11.80 5.97 -19.28
CA ARG A 243 11.61 5.04 -18.17
C ARG A 243 12.12 3.65 -18.53
N ALA A 244 12.21 3.36 -19.82
CA ALA A 244 12.74 2.08 -20.24
C ALA A 244 14.14 1.91 -19.70
N THR A 245 14.99 2.89 -19.95
CA THR A 245 16.40 2.80 -19.60
C THR A 245 16.58 2.80 -18.10
N ILE A 246 15.78 3.60 -17.39
CA ILE A 246 15.90 3.65 -15.93
C ILE A 246 15.51 2.32 -15.35
N ASP A 247 14.36 1.77 -15.79
CA ASP A 247 13.88 0.50 -15.29
C ASP A 247 14.94 -0.56 -15.41
N ALA A 248 15.53 -0.66 -16.61
CA ALA A 248 16.58 -1.60 -16.97
C ALA A 248 17.89 -1.44 -16.22
N GLY A 249 17.97 -0.47 -15.30
CA GLY A 249 19.15 -0.22 -14.48
C GLY A 249 20.22 0.67 -15.07
N TRP A 250 19.95 1.38 -16.18
CA TRP A 250 21.03 2.14 -16.82
C TRP A 250 21.23 3.53 -16.19
N LEU A 251 20.19 4.20 -15.71
CA LEU A 251 20.32 5.55 -15.19
C LEU A 251 19.54 5.76 -13.88
N ASP A 252 19.89 6.81 -13.12
CA ASP A 252 19.11 7.17 -11.93
C ASP A 252 17.72 7.59 -12.34
N LYS A 253 16.77 7.48 -11.40
CA LYS A 253 15.44 8.03 -11.69
C LYS A 253 15.53 9.53 -12.00
N ALA A 254 16.56 10.17 -11.45
CA ALA A 254 16.75 11.57 -11.66
C ALA A 254 16.93 11.92 -13.15
N ARG A 255 17.16 10.94 -14.02
CA ARG A 255 17.29 11.23 -15.44
C ARG A 255 16.06 10.83 -16.24
N GLN A 256 14.99 10.40 -15.57
CA GLN A 256 13.79 9.94 -16.28
C GLN A 256 12.96 11.14 -16.71
N VAL A 257 12.46 11.06 -17.94
CA VAL A 257 11.75 12.17 -18.57
C VAL A 257 10.33 11.73 -18.89
N GLY A 258 9.33 12.43 -18.34
CA GLY A 258 7.96 12.18 -18.77
C GLY A 258 6.95 12.27 -17.64
N GLN A 259 5.74 11.73 -17.90
CA GLN A 259 4.61 11.97 -17.03
C GLN A 259 4.86 11.58 -15.57
N THR A 260 5.78 10.66 -15.31
CA THR A 260 6.14 10.28 -13.95
C THR A 260 7.64 10.40 -13.69
N GLY A 261 8.37 11.04 -14.59
CA GLY A 261 9.72 11.48 -14.29
C GLY A 261 9.85 12.97 -14.15
N LYS A 262 10.68 13.59 -14.98
CA LYS A 262 10.84 15.04 -15.01
C LYS A 262 10.36 15.59 -16.35
N THR A 263 9.75 16.77 -16.28
CA THR A 263 9.28 17.53 -17.43
C THR A 263 10.35 18.57 -17.80
N VAL A 264 10.87 18.48 -19.00
CA VAL A 264 12.05 19.25 -19.35
C VAL A 264 11.81 20.06 -20.62
N ARG A 265 12.25 21.30 -20.63
CA ARG A 265 11.99 22.18 -21.76
C ARG A 265 13.29 22.85 -22.18
N PRO A 266 14.28 22.04 -22.59
CA PRO A 266 15.59 22.56 -22.98
C PRO A 266 15.64 23.00 -24.44
N ASP A 267 16.76 23.61 -24.80
CA ASP A 267 16.88 24.18 -26.14
C ASP A 267 17.07 23.09 -27.17
N LEU A 268 17.69 21.99 -26.82
CA LEU A 268 17.83 20.89 -27.76
C LEU A 268 17.50 19.59 -27.04
N TYR A 269 16.86 18.67 -27.77
CA TYR A 269 16.56 17.34 -27.28
C TYR A 269 16.90 16.34 -28.37
N ILE A 270 17.85 15.44 -28.10
CA ILE A 270 18.15 14.38 -29.05
C ILE A 270 17.68 13.06 -28.46
N ALA A 271 16.70 12.47 -29.12
CA ALA A 271 16.08 11.20 -28.76
C ALA A 271 16.82 10.08 -29.46
N CYS A 272 17.59 9.31 -28.69
CA CYS A 272 18.37 8.24 -29.27
C CYS A 272 17.64 6.93 -28.98
N GLY A 273 16.93 6.43 -29.99
CA GLY A 273 16.31 5.16 -29.80
C GLY A 273 15.12 5.19 -28.87
N ILE A 274 14.28 6.22 -28.98
CA ILE A 274 13.08 6.33 -28.17
C ILE A 274 11.90 6.22 -29.10
N SER A 275 10.93 5.36 -28.74
CA SER A 275 9.73 5.21 -29.57
C SER A 275 8.80 6.38 -29.35
N GLY A 276 8.68 6.80 -28.09
CA GLY A 276 7.91 7.96 -27.76
C GLY A 276 6.47 7.70 -27.41
N ALA A 277 6.21 6.94 -26.37
CA ALA A 277 4.85 6.90 -25.87
C ALA A 277 4.46 8.25 -25.26
N ILE A 278 3.14 8.49 -25.12
CA ILE A 278 2.66 9.75 -24.53
C ILE A 278 3.23 9.92 -23.13
N GLN A 279 3.42 8.82 -22.38
CA GLN A 279 4.08 8.86 -21.07
C GLN A 279 5.44 9.54 -21.14
N HIS A 280 6.13 9.39 -22.25
CA HIS A 280 7.37 10.09 -22.46
C HIS A 280 7.17 11.43 -23.14
N ILE A 281 6.40 11.50 -24.23
CA ILE A 281 6.33 12.76 -24.97
C ILE A 281 5.81 13.89 -24.10
N ALA A 282 4.78 13.64 -23.28
CA ALA A 282 4.28 14.78 -22.52
C ALA A 282 5.31 15.30 -21.51
N GLY A 283 6.46 14.65 -21.37
CA GLY A 283 7.61 15.13 -20.60
C GLY A 283 8.49 16.16 -21.28
N MET A 284 8.68 16.04 -22.60
CA MET A 284 9.55 16.94 -23.35
C MET A 284 8.94 17.52 -24.63
N GLU A 285 7.63 17.44 -24.83
CA GLU A 285 7.06 17.96 -26.08
C GLU A 285 7.41 19.43 -26.26
N ASP A 286 7.63 20.14 -25.17
CA ASP A 286 7.82 21.57 -25.27
C ASP A 286 9.29 21.96 -25.43
N ALA A 287 10.10 21.14 -26.06
CA ALA A 287 11.45 21.63 -26.22
C ALA A 287 11.53 22.51 -27.46
N GLU A 288 12.54 23.35 -27.47
CA GLU A 288 12.69 24.29 -28.56
C GLU A 288 13.04 23.56 -29.83
N PHE A 289 13.88 22.54 -29.73
CA PHE A 289 14.33 21.86 -30.94
C PHE A 289 14.60 20.41 -30.63
N ILE A 290 13.86 19.51 -31.32
CA ILE A 290 13.92 18.07 -31.08
C ILE A 290 14.44 17.36 -32.32
N VAL A 291 15.45 16.51 -32.12
CA VAL A 291 16.07 15.64 -33.11
C VAL A 291 15.96 14.23 -32.62
N ALA A 292 15.57 13.32 -33.51
CA ALA A 292 15.28 11.96 -33.12
C ALA A 292 15.95 10.99 -34.09
N ILE A 293 16.56 9.95 -33.54
CA ILE A 293 17.11 8.86 -34.33
C ILE A 293 16.37 7.57 -33.96
N ASN A 294 15.88 6.86 -34.97
CA ASN A 294 15.23 5.58 -34.77
C ASN A 294 15.44 4.71 -36.02
N LYS A 295 15.38 3.38 -35.83
CA LYS A 295 15.33 2.51 -37.00
C LYS A 295 13.94 2.47 -37.64
N ASN A 296 12.87 2.73 -36.88
CA ASN A 296 11.51 2.57 -37.39
C ASN A 296 10.98 3.90 -37.89
N PRO A 297 10.73 4.07 -39.18
CA PRO A 297 10.19 5.34 -39.67
C PRO A 297 8.76 5.53 -39.32
N GLU A 298 8.12 4.49 -38.78
CA GLU A 298 6.78 4.56 -38.22
C GLU A 298 6.78 4.75 -36.69
N ALA A 299 7.94 5.02 -36.10
CA ALA A 299 8.01 5.45 -34.70
C ALA A 299 7.16 6.71 -34.52
N PRO A 300 6.43 6.83 -33.39
CA PRO A 300 5.55 7.97 -33.22
C PRO A 300 6.32 9.19 -32.81
N ILE A 301 7.54 9.00 -32.32
CA ILE A 301 8.40 10.13 -31.95
C ILE A 301 8.62 11.07 -33.13
N PHE A 302 8.97 10.53 -34.30
CA PHE A 302 9.09 11.30 -35.52
C PHE A 302 7.93 12.26 -35.76
N LYS A 303 6.74 11.88 -35.27
CA LYS A 303 5.57 12.74 -35.27
C LYS A 303 5.80 14.06 -34.50
N TYR A 304 6.87 14.14 -33.70
CA TYR A 304 7.19 15.33 -32.94
C TYR A 304 8.52 15.97 -33.28
N ALA A 305 9.37 15.31 -34.09
CA ALA A 305 10.74 15.78 -34.29
C ALA A 305 10.83 16.85 -35.36
N ASP A 306 11.63 17.85 -35.08
CA ASP A 306 11.93 18.85 -36.08
C ASP A 306 12.88 18.29 -37.11
N VAL A 307 13.69 17.35 -36.70
CA VAL A 307 14.54 16.61 -37.60
C VAL A 307 14.45 15.14 -37.25
N GLY A 308 13.73 14.39 -38.06
CA GLY A 308 13.59 12.95 -37.87
C GLY A 308 14.60 12.22 -38.73
N ILE A 309 15.66 11.69 -38.11
CA ILE A 309 16.64 10.86 -38.80
C ILE A 309 16.26 9.40 -38.58
N VAL A 310 16.33 8.62 -39.64
CA VAL A 310 15.97 7.22 -39.57
C VAL A 310 17.25 6.43 -39.80
N GLY A 311 17.77 5.86 -38.72
CA GLY A 311 19.00 5.13 -38.88
C GLY A 311 19.35 4.40 -37.60
N ASP A 312 20.43 3.63 -37.70
CA ASP A 312 20.97 2.90 -36.55
C ASP A 312 21.59 3.88 -35.55
N VAL A 313 21.31 3.69 -34.27
CA VAL A 313 21.95 4.53 -33.29
C VAL A 313 23.45 4.33 -33.31
N HIS A 314 23.90 3.09 -33.19
CA HIS A 314 25.33 2.80 -33.13
C HIS A 314 26.07 3.05 -34.42
N LYS A 315 25.44 3.57 -35.47
CA LYS A 315 26.16 3.99 -36.66
C LYS A 315 26.02 5.48 -36.95
N VAL A 316 24.89 6.06 -36.58
CA VAL A 316 24.76 7.51 -36.61
C VAL A 316 25.62 8.15 -35.53
N LEU A 317 25.49 7.69 -34.28
CA LEU A 317 26.15 8.40 -33.19
C LEU A 317 27.65 8.56 -33.43
N PRO A 318 28.43 7.52 -33.70
CA PRO A 318 29.87 7.74 -33.88
C PRO A 318 30.21 8.62 -35.07
N GLU A 319 29.33 8.67 -36.08
CA GLU A 319 29.53 9.53 -37.23
C GLU A 319 29.24 10.99 -36.87
N LEU A 320 28.25 11.20 -36.00
CA LEU A 320 27.98 12.52 -35.44
C LEU A 320 29.11 13.02 -34.55
N ILE A 321 29.69 12.11 -33.76
CA ILE A 321 30.89 12.46 -33.00
C ILE A 321 32.07 12.80 -33.92
N SER A 322 32.37 11.99 -34.94
CA SER A 322 33.51 12.32 -35.79
C SER A 322 33.30 13.63 -36.54
N GLN A 323 32.08 13.88 -37.02
CA GLN A 323 31.86 15.13 -37.74
C GLN A 323 31.97 16.32 -36.80
N LEU A 324 31.49 16.20 -35.56
CA LEU A 324 31.61 17.37 -34.68
C LEU A 324 33.02 17.55 -34.10
N SER A 325 33.67 16.45 -33.72
CA SER A 325 35.03 16.56 -33.20
C SER A 325 36.00 17.15 -34.23
N VAL A 326 35.78 16.93 -35.52
CA VAL A 326 36.56 17.72 -36.47
C VAL A 326 36.02 19.17 -36.56
N ALA A 327 34.72 19.37 -36.25
CA ALA A 327 34.17 20.75 -36.24
C ALA A 327 34.92 21.65 -35.26
N LYS A 328 34.94 21.30 -33.98
CA LYS A 328 35.65 22.20 -33.05
C LYS A 328 37.16 21.91 -32.94
N GLU A 329 37.69 20.88 -33.62
CA GLU A 329 39.14 20.85 -33.82
C GLU A 329 39.58 21.96 -34.77
N LYS A 330 38.89 22.08 -35.91
CA LYS A 330 39.29 23.08 -36.89
C LYS A 330 38.90 24.48 -36.45
N GLY A 331 37.61 24.68 -36.20
CA GLY A 331 37.06 25.92 -35.71
C GLY A 331 36.53 25.65 -34.33
N MET B 1 24.92 48.68 9.31
CA MET B 1 25.36 48.43 7.93
C MET B 1 24.18 48.44 7.00
N ASN B 2 24.17 49.28 6.00
CA ASN B 2 22.93 49.57 5.30
C ASN B 2 22.95 48.95 3.91
N ILE B 3 21.91 48.20 3.61
CA ILE B 3 21.85 47.47 2.36
C ILE B 3 20.57 47.85 1.63
N VAL B 4 20.70 48.29 0.40
CA VAL B 4 19.56 48.63 -0.41
C VAL B 4 19.51 47.68 -1.60
N VAL B 5 18.35 47.04 -1.79
CA VAL B 5 18.10 46.04 -2.82
C VAL B 5 17.08 46.58 -3.81
N CYS B 6 17.42 46.52 -5.09
CA CYS B 6 16.51 46.93 -6.17
C CYS B 6 15.85 45.71 -6.80
N ILE B 7 14.64 45.46 -6.44
CA ILE B 7 13.89 44.35 -7.01
C ILE B 7 12.94 44.92 -8.04
N LYS B 8 12.69 44.16 -9.10
CA LYS B 8 11.74 44.53 -10.13
C LYS B 8 10.66 43.44 -10.25
N GLN B 9 9.41 43.83 -10.10
CA GLN B 9 8.30 42.92 -10.32
C GLN B 9 8.14 42.68 -11.82
N VAL B 10 8.31 41.43 -12.25
CA VAL B 10 8.21 41.05 -13.67
C VAL B 10 7.20 39.93 -13.88
N PRO B 11 6.57 39.85 -15.03
CA PRO B 11 5.77 38.68 -15.31
C PRO B 11 6.70 37.52 -15.67
N ASP B 12 6.41 36.35 -15.11
CA ASP B 12 7.30 35.18 -15.19
C ASP B 12 7.39 34.69 -16.62
N THR B 13 8.46 35.05 -17.32
CA THR B 13 8.47 34.74 -18.74
C THR B 13 8.90 33.32 -19.04
N THR B 14 9.21 32.50 -18.04
CA THR B 14 9.27 31.06 -18.30
C THR B 14 7.89 30.55 -18.68
N GLU B 15 6.88 30.93 -17.91
CA GLU B 15 5.51 30.48 -18.09
C GLU B 15 4.78 31.13 -19.29
N VAL B 16 5.50 31.72 -20.23
CA VAL B 16 4.87 32.27 -21.42
C VAL B 16 5.05 31.30 -22.56
N LYS B 17 3.94 31.01 -23.25
CA LYS B 17 3.88 30.12 -24.40
C LYS B 17 3.07 30.79 -25.49
N LEU B 18 3.33 30.45 -26.74
CA LEU B 18 2.54 31.01 -27.82
C LEU B 18 1.57 29.97 -28.34
N ASP B 19 0.31 30.30 -28.30
CA ASP B 19 -0.76 29.44 -28.74
C ASP B 19 -0.68 29.17 -30.24
N PRO B 20 -0.39 27.92 -30.68
CA PRO B 20 -0.36 27.65 -32.13
C PRO B 20 -1.67 27.94 -32.83
N ASN B 21 -2.81 27.74 -32.16
CA ASN B 21 -4.14 27.94 -32.75
C ASN B 21 -4.66 29.39 -32.66
N THR B 22 -3.91 30.33 -32.08
CA THR B 22 -4.14 31.76 -32.31
C THR B 22 -2.94 32.43 -32.98
N GLY B 23 -1.72 32.03 -32.64
CA GLY B 23 -0.47 32.62 -33.10
C GLY B 23 0.24 33.54 -32.12
N THR B 24 -0.53 34.32 -31.34
CA THR B 24 0.08 35.29 -30.42
C THR B 24 0.57 34.56 -29.18
N LEU B 25 1.08 35.33 -28.20
CA LEU B 25 1.49 34.72 -26.95
C LEU B 25 0.33 34.69 -25.95
N ILE B 26 0.33 33.65 -25.09
CA ILE B 26 -0.75 33.47 -24.12
C ILE B 26 -0.73 34.65 -23.15
N ARG B 27 -1.83 35.41 -23.14
CA ARG B 27 -1.84 36.70 -22.46
C ARG B 27 -1.82 36.56 -20.93
N ASP B 28 -2.86 35.96 -20.37
CA ASP B 28 -3.07 36.00 -18.94
C ASP B 28 -2.45 34.79 -18.28
N GLY B 29 -2.80 34.60 -17.02
CA GLY B 29 -2.29 33.52 -16.25
C GLY B 29 -0.87 33.67 -15.79
N VAL B 30 -0.08 34.59 -16.37
CA VAL B 30 1.31 34.60 -15.92
C VAL B 30 1.31 35.37 -14.63
N PRO B 31 1.77 34.78 -13.55
CA PRO B 31 1.82 35.53 -12.30
C PRO B 31 2.90 36.59 -12.40
N SER B 32 2.76 37.65 -11.61
CA SER B 32 3.81 38.65 -11.49
C SER B 32 4.63 38.22 -10.31
N ILE B 33 5.96 38.32 -10.43
CA ILE B 33 6.86 37.84 -9.39
C ILE B 33 8.11 38.70 -9.28
N ILE B 34 8.79 38.58 -8.14
CA ILE B 34 10.13 39.13 -8.03
C ILE B 34 11.04 38.44 -9.04
N ASN B 35 11.52 39.19 -10.01
CA ASN B 35 12.52 38.63 -10.91
C ASN B 35 13.59 37.87 -10.12
N PRO B 36 14.05 36.73 -10.61
CA PRO B 36 14.72 35.78 -9.72
C PRO B 36 16.11 36.17 -9.30
N ASP B 37 16.89 36.75 -10.20
CA ASP B 37 18.17 37.31 -9.81
C ASP B 37 17.98 38.28 -8.65
N ASP B 38 16.90 39.07 -8.72
CA ASP B 38 16.57 40.02 -7.66
C ASP B 38 16.21 39.31 -6.36
N LYS B 39 15.32 38.31 -6.41
CA LYS B 39 15.00 37.56 -5.20
C LYS B 39 16.29 37.01 -4.60
N ALA B 40 17.23 36.64 -5.47
CA ALA B 40 18.48 36.05 -5.01
C ALA B 40 19.25 37.06 -4.20
N GLY B 41 19.39 38.27 -4.76
CA GLY B 41 20.04 39.36 -4.06
C GLY B 41 19.39 39.61 -2.72
N LEU B 42 18.08 39.81 -2.75
CA LEU B 42 17.33 39.97 -1.52
C LEU B 42 17.65 38.86 -0.51
N GLU B 43 17.90 37.64 -1.00
CA GLU B 43 18.30 36.56 -0.12
C GLU B 43 19.62 36.85 0.52
N GLU B 44 20.61 37.26 -0.30
CA GLU B 44 21.96 37.51 0.23
C GLU B 44 21.98 38.65 1.26
N ALA B 45 21.11 39.65 1.07
CA ALA B 45 20.97 40.75 2.02
C ALA B 45 20.40 40.27 3.33
N ILE B 46 19.29 39.55 3.30
CA ILE B 46 18.73 39.09 4.56
C ILE B 46 19.68 38.14 5.28
N LYS B 47 20.45 37.37 4.52
CA LYS B 47 21.49 36.56 5.12
C LYS B 47 22.42 37.45 5.91
N LEU B 48 22.80 38.59 5.30
CA LEU B 48 23.66 39.54 5.98
C LEU B 48 22.97 40.20 7.16
N LYS B 49 21.65 40.41 7.08
CA LYS B 49 20.93 40.96 8.22
C LYS B 49 21.01 40.02 9.40
N GLU B 50 21.07 38.73 9.12
CA GLU B 50 21.04 37.74 10.19
C GLU B 50 22.42 37.53 10.79
N GLU B 51 23.47 37.60 9.96
CA GLU B 51 24.86 37.42 10.41
C GLU B 51 25.48 38.72 10.97
N MET B 52 25.54 39.79 10.16
CA MET B 52 26.21 41.02 10.57
C MET B 52 25.31 41.98 11.30
N GLY B 53 24.01 41.80 11.26
CA GLY B 53 23.13 42.79 11.85
C GLY B 53 22.82 43.95 10.94
N ALA B 54 22.85 43.72 9.63
CA ALA B 54 22.57 44.79 8.68
C ALA B 54 21.09 45.20 8.65
N HIS B 55 20.82 46.20 7.84
CA HIS B 55 19.50 46.80 7.74
C HIS B 55 19.14 46.81 6.27
N VAL B 56 18.15 45.99 5.92
CA VAL B 56 17.75 45.81 4.54
C VAL B 56 16.57 46.71 4.24
N THR B 57 16.77 47.57 3.27
CA THR B 57 15.73 48.36 2.64
C THR B 57 15.52 47.83 1.23
N VAL B 58 14.28 47.83 0.76
CA VAL B 58 14.01 47.34 -0.59
C VAL B 58 13.24 48.39 -1.37
N ILE B 59 13.60 48.57 -2.64
CA ILE B 59 12.93 49.53 -3.50
C ILE B 59 12.60 48.89 -4.84
N THR B 60 11.41 49.21 -5.39
CA THR B 60 10.99 48.80 -6.73
C THR B 60 10.34 49.95 -7.47
N MET B 61 10.71 50.11 -8.74
CA MET B 61 10.04 51.04 -9.66
C MET B 61 8.98 50.34 -10.46
N GLY B 62 7.76 50.80 -10.35
CA GLY B 62 6.70 50.27 -11.18
C GLY B 62 5.35 50.79 -10.72
N PRO B 63 4.30 50.10 -11.11
CA PRO B 63 2.94 50.60 -10.84
C PRO B 63 2.47 50.09 -9.51
N PRO B 64 1.35 50.55 -8.99
CA PRO B 64 0.91 50.13 -7.67
C PRO B 64 1.02 48.63 -7.36
N GLN B 65 0.74 47.80 -8.39
CA GLN B 65 0.82 46.35 -8.24
C GLN B 65 2.19 45.91 -7.72
N ALA B 66 3.23 46.69 -7.96
CA ALA B 66 4.53 46.27 -7.50
C ALA B 66 4.65 46.35 -6.00
N ASP B 67 3.65 46.95 -5.36
CA ASP B 67 3.55 46.86 -3.93
C ASP B 67 3.71 45.43 -3.45
N MET B 68 3.07 44.47 -4.17
CA MET B 68 3.06 43.07 -3.74
C MET B 68 4.48 42.52 -3.68
N ALA B 69 5.34 42.93 -4.63
CA ALA B 69 6.75 42.55 -4.58
C ALA B 69 7.38 42.97 -3.27
N LEU B 70 7.19 44.23 -2.85
CA LEU B 70 7.79 44.70 -1.61
C LEU B 70 7.19 43.96 -0.43
N LYS B 71 5.89 43.67 -0.48
CA LYS B 71 5.34 42.92 0.63
C LYS B 71 5.89 41.50 0.69
N GLU B 72 6.11 40.87 -0.47
CA GLU B 72 6.73 39.56 -0.42
C GLU B 72 8.10 39.67 0.23
N ALA B 73 8.90 40.66 -0.24
CA ALA B 73 10.25 40.93 0.26
C ALA B 73 10.26 41.25 1.75
N LEU B 74 9.25 41.99 2.19
CA LEU B 74 9.19 42.32 3.60
C LEU B 74 8.94 41.09 4.43
N ALA B 75 8.02 40.22 3.97
CA ALA B 75 7.73 39.06 4.78
C ALA B 75 8.88 38.09 4.73
N MET B 76 9.81 38.24 3.77
CA MET B 76 10.97 37.37 3.76
C MET B 76 12.01 37.79 4.77
N GLY B 77 12.00 39.04 5.20
CA GLY B 77 12.95 39.56 6.18
C GLY B 77 13.43 41.00 6.05
N ALA B 78 13.13 41.65 4.94
CA ALA B 78 13.47 43.05 4.75
C ALA B 78 12.83 43.91 5.84
N ASP B 79 13.37 45.13 5.99
CA ASP B 79 12.96 46.10 7.01
C ASP B 79 12.13 47.23 6.43
N ARG B 80 12.46 47.70 5.25
CA ARG B 80 11.82 48.89 4.73
C ARG B 80 11.34 48.63 3.30
N GLY B 81 10.23 49.23 2.93
CA GLY B 81 9.91 49.12 1.53
C GLY B 81 9.54 50.41 0.81
N ILE B 82 10.08 50.62 -0.38
CA ILE B 82 9.79 51.82 -1.15
C ILE B 82 9.25 51.45 -2.54
N LEU B 83 8.09 51.97 -2.88
CA LEU B 83 7.51 51.77 -4.20
C LEU B 83 7.57 53.08 -4.94
N LEU B 84 8.21 53.11 -6.08
CA LEU B 84 8.50 54.38 -6.73
C LEU B 84 7.68 54.46 -8.01
N THR B 85 6.65 55.29 -8.04
CA THR B 85 5.70 55.32 -9.15
C THR B 85 5.60 56.71 -9.78
N ASP B 86 5.89 56.84 -11.08
CA ASP B 86 5.48 58.11 -11.67
C ASP B 86 5.28 58.05 -13.19
N ARG B 87 4.24 58.79 -13.63
CA ARG B 87 3.90 58.97 -15.05
C ARG B 87 5.12 59.37 -15.84
N ALA B 88 6.04 60.03 -15.18
CA ALA B 88 7.23 60.55 -15.83
C ALA B 88 8.05 59.47 -16.46
N PHE B 89 8.03 58.23 -15.87
CA PHE B 89 8.97 57.19 -16.29
C PHE B 89 8.51 56.46 -17.54
N ALA B 90 7.27 56.71 -17.97
CA ALA B 90 6.66 56.06 -19.11
C ALA B 90 7.59 56.01 -20.30
N GLY B 91 8.01 54.84 -20.69
CA GLY B 91 8.81 54.70 -21.88
C GLY B 91 10.28 54.62 -21.62
N ALA B 92 10.68 54.58 -20.36
CA ALA B 92 12.09 54.68 -19.98
C ALA B 92 12.92 53.54 -20.55
N ASP B 93 14.06 53.84 -21.12
CA ASP B 93 15.01 52.81 -21.48
C ASP B 93 15.97 52.61 -20.31
N THR B 94 17.11 51.95 -20.51
CA THR B 94 17.94 51.57 -19.36
C THR B 94 18.75 52.73 -18.82
N TRP B 95 19.06 53.71 -19.66
CA TRP B 95 19.61 54.95 -19.17
C TRP B 95 18.60 55.67 -18.30
N ALA B 96 17.41 55.95 -18.85
CA ALA B 96 16.39 56.71 -18.14
C ALA B 96 15.83 55.98 -16.94
N THR B 97 16.22 54.72 -16.79
CA THR B 97 15.77 53.87 -15.72
C THR B 97 16.82 53.86 -14.64
N SER B 98 18.06 53.55 -15.02
CA SER B 98 19.12 53.60 -14.03
C SER B 98 19.21 54.96 -13.42
N SER B 99 18.99 56.05 -14.21
CA SER B 99 19.12 57.37 -13.60
C SER B 99 17.98 57.62 -12.63
N ALA B 100 16.77 57.23 -12.99
CA ALA B 100 15.66 57.30 -12.04
C ALA B 100 15.99 56.60 -10.72
N LEU B 101 16.31 55.30 -10.79
CA LEU B 101 16.67 54.59 -9.58
C LEU B 101 17.87 55.24 -8.83
N ALA B 102 18.89 55.66 -9.56
CA ALA B 102 20.03 56.36 -8.94
C ALA B 102 19.58 57.56 -8.15
N GLY B 103 18.70 58.35 -8.74
CA GLY B 103 18.24 59.54 -8.08
C GLY B 103 17.48 59.25 -6.80
N ALA B 104 16.78 58.14 -6.75
CA ALA B 104 16.22 57.74 -5.47
C ALA B 104 17.31 57.38 -4.48
N LEU B 105 18.32 56.65 -4.92
CA LEU B 105 19.35 56.23 -3.98
C LEU B 105 20.08 57.40 -3.36
N LYS B 106 20.10 58.54 -4.05
CA LYS B 106 20.62 59.74 -3.42
C LYS B 106 19.97 60.03 -2.07
N ASN B 107 18.75 59.52 -1.83
CA ASN B 107 17.95 59.73 -0.62
C ASN B 107 17.66 58.43 0.16
N ILE B 108 18.51 57.42 0.02
CA ILE B 108 18.34 56.17 0.75
C ILE B 108 19.70 55.78 1.29
N ASP B 109 19.88 55.84 2.59
CA ASP B 109 21.22 55.56 3.10
C ASP B 109 21.65 54.17 2.75
N PHE B 110 22.79 54.05 2.05
CA PHE B 110 23.34 52.77 1.67
C PHE B 110 24.83 52.60 1.94
N ASP B 111 25.25 51.36 2.04
CA ASP B 111 26.65 50.95 2.05
C ASP B 111 26.93 49.86 1.03
N ILE B 112 25.94 48.99 0.81
CA ILE B 112 25.91 48.03 -0.28
C ILE B 112 24.63 48.26 -1.04
N ILE B 113 24.72 48.30 -2.36
CA ILE B 113 23.54 48.25 -3.21
C ILE B 113 23.58 46.97 -4.00
N ILE B 114 22.50 46.19 -3.93
CA ILE B 114 22.35 44.91 -4.62
C ILE B 114 21.24 45.00 -5.67
N ALA B 115 21.54 44.59 -6.90
CA ALA B 115 20.52 44.40 -7.93
C ALA B 115 20.76 43.07 -8.64
N GLY B 116 19.76 42.57 -9.39
CA GLY B 116 19.97 41.33 -10.10
C GLY B 116 20.74 41.56 -11.38
N ARG B 117 21.39 40.50 -11.88
CA ARG B 117 22.00 40.61 -13.21
C ARG B 117 20.94 40.96 -14.27
N GLN B 118 19.95 40.12 -14.47
CA GLN B 118 19.05 40.30 -15.61
C GLN B 118 17.60 40.25 -15.21
N ALA B 119 16.83 41.20 -15.69
CA ALA B 119 15.38 41.16 -15.57
C ALA B 119 14.77 40.41 -16.73
N ILE B 120 13.97 39.39 -16.41
CA ILE B 120 13.59 38.35 -17.37
C ILE B 120 12.57 38.86 -18.36
N ASP B 121 12.18 40.12 -18.29
CA ASP B 121 11.25 40.60 -19.30
C ASP B 121 11.84 41.64 -20.25
N GLY B 122 12.88 42.36 -19.86
CA GLY B 122 13.46 43.26 -20.82
C GLY B 122 14.73 42.64 -21.33
N ASP B 123 15.33 41.84 -20.44
CA ASP B 123 16.46 40.97 -20.75
C ASP B 123 17.74 41.72 -21.08
N THR B 124 18.00 42.93 -20.55
CA THR B 124 19.20 43.66 -20.97
C THR B 124 20.39 43.48 -20.03
N ALA B 125 20.15 43.33 -18.74
CA ALA B 125 21.22 43.14 -17.78
C ALA B 125 22.14 44.33 -17.77
N GLN B 126 21.52 45.53 -17.94
CA GLN B 126 22.20 46.81 -18.12
C GLN B 126 21.94 47.83 -17.00
N VAL B 127 20.85 47.72 -16.26
CA VAL B 127 20.53 48.73 -15.26
C VAL B 127 21.45 48.65 -14.05
N GLY B 128 21.81 47.49 -13.60
CA GLY B 128 22.71 47.45 -12.47
C GLY B 128 23.99 48.29 -12.62
N PRO B 129 24.81 48.02 -13.65
CA PRO B 129 26.05 48.79 -13.78
C PRO B 129 25.80 50.20 -14.21
N GLN B 130 24.72 50.49 -14.93
CA GLN B 130 24.47 51.89 -15.21
C GLN B 130 24.12 52.66 -13.94
N ILE B 131 23.28 52.10 -13.05
CA ILE B 131 23.08 52.73 -11.74
C ILE B 131 24.41 52.97 -11.03
N ALA B 132 25.26 51.97 -11.00
CA ALA B 132 26.53 52.14 -10.30
C ALA B 132 27.36 53.24 -10.93
N GLU B 133 27.33 53.35 -12.26
CA GLU B 133 28.06 54.42 -12.92
C GLU B 133 27.48 55.78 -12.55
N HIS B 134 26.14 55.94 -12.61
CA HIS B 134 25.51 57.21 -12.28
C HIS B 134 25.92 57.67 -10.90
N LEU B 135 25.99 56.76 -9.96
CA LEU B 135 26.35 57.07 -8.60
C LEU B 135 27.84 57.00 -8.35
N ASN B 136 28.60 56.69 -9.37
CA ASN B 136 30.05 56.75 -9.34
C ASN B 136 30.68 55.90 -8.21
N LEU B 137 30.21 54.66 -8.09
CA LEU B 137 30.52 53.56 -7.20
C LEU B 137 31.19 52.41 -7.93
N PRO B 138 32.17 51.76 -7.32
CA PRO B 138 32.73 50.55 -7.92
C PRO B 138 31.63 49.51 -8.05
N SER B 139 31.62 48.73 -9.16
CA SER B 139 30.60 47.69 -9.27
C SER B 139 31.15 46.27 -9.54
N ILE B 140 30.49 45.26 -8.98
CA ILE B 140 30.83 43.86 -9.20
C ILE B 140 29.60 43.14 -9.72
N THR B 141 29.74 42.40 -10.83
CA THR B 141 28.66 41.63 -11.46
C THR B 141 28.85 40.10 -11.30
N TYR B 142 27.89 39.33 -11.84
CA TYR B 142 27.98 37.88 -11.92
C TYR B 142 28.50 37.34 -10.58
N ALA B 143 27.79 37.72 -9.52
CA ALA B 143 28.18 37.44 -8.15
C ALA B 143 27.69 36.07 -7.69
N GLU B 144 28.61 35.21 -7.26
CA GLU B 144 28.22 33.87 -6.84
C GLU B 144 28.31 33.69 -5.33
N GLU B 145 28.99 34.56 -4.62
CA GLU B 145 29.00 34.52 -3.16
C GLU B 145 29.32 35.92 -2.63
N ILE B 146 28.70 36.28 -1.50
CA ILE B 146 28.96 37.58 -0.88
C ILE B 146 29.19 37.46 0.62
N LYS B 147 30.36 37.87 1.06
CA LYS B 147 30.80 37.82 2.44
C LYS B 147 31.26 39.23 2.82
N THR B 148 31.21 39.62 4.10
CA THR B 148 31.82 40.89 4.50
C THR B 148 32.79 40.71 5.65
N GLU B 149 33.85 41.52 5.62
CA GLU B 149 34.81 41.63 6.71
C GLU B 149 34.95 43.10 7.02
N GLY B 150 34.49 43.51 8.20
CA GLY B 150 34.67 44.91 8.53
C GLY B 150 34.17 45.80 7.42
N GLU B 151 35.02 46.73 7.00
CA GLU B 151 34.61 47.76 6.07
C GLU B 151 34.61 47.32 4.61
N TYR B 152 34.92 46.05 4.35
CA TYR B 152 35.12 45.53 3.00
C TYR B 152 34.11 44.42 2.69
N VAL B 153 33.75 44.33 1.40
CA VAL B 153 32.99 43.24 0.83
C VAL B 153 33.92 42.30 0.10
N LEU B 154 33.73 41.00 0.26
CA LEU B 154 34.43 39.98 -0.51
C LEU B 154 33.40 39.29 -1.37
N VAL B 155 33.66 39.20 -2.68
CA VAL B 155 32.70 38.69 -3.67
C VAL B 155 33.36 37.72 -4.63
N LYS B 156 32.71 36.58 -4.94
CA LYS B 156 33.20 35.73 -6.03
C LYS B 156 32.52 36.08 -7.35
N ARG B 157 33.31 36.37 -8.38
CA ARG B 157 32.81 36.81 -9.67
C ARG B 157 32.88 35.65 -10.68
N GLN B 158 31.74 35.24 -11.23
CA GLN B 158 31.68 34.02 -12.00
C GLN B 158 31.95 34.36 -13.46
N PHE B 159 32.81 33.55 -14.09
CA PHE B 159 33.12 33.68 -15.50
C PHE B 159 32.91 32.34 -16.22
N GLU B 160 32.78 32.46 -17.54
CA GLU B 160 32.88 31.36 -18.48
C GLU B 160 33.91 30.28 -18.10
N ASP B 161 35.11 30.68 -17.70
CA ASP B 161 36.17 29.73 -17.45
C ASP B 161 36.71 29.81 -16.04
N CYS B 162 36.91 31.00 -15.55
CA CYS B 162 37.49 31.16 -14.24
C CYS B 162 36.42 31.73 -13.32
N CYS B 163 36.85 32.07 -12.13
CA CYS B 163 36.04 32.94 -11.31
C CYS B 163 37.01 33.68 -10.40
N HIS B 164 36.80 34.98 -10.21
CA HIS B 164 37.69 35.82 -9.41
C HIS B 164 37.16 35.93 -8.00
N ASP B 165 38.07 35.88 -7.02
CA ASP B 165 37.78 36.25 -5.63
C ASP B 165 38.15 37.73 -5.40
N LEU B 166 37.15 38.60 -5.23
CA LEU B 166 37.33 40.05 -5.20
C LEU B 166 37.05 40.65 -3.82
N LYS B 167 37.55 41.90 -3.63
CA LYS B 167 37.51 42.69 -2.38
C LYS B 167 37.36 44.19 -2.68
N VAL B 168 36.37 44.84 -2.06
CA VAL B 168 36.01 46.24 -2.30
C VAL B 168 35.75 46.94 -0.98
N LYS B 169 36.08 48.22 -0.90
CA LYS B 169 35.72 49.00 0.29
C LYS B 169 34.37 49.66 0.10
N MET B 170 33.49 49.46 1.08
CA MET B 170 32.14 49.94 0.88
C MET B 170 32.18 51.45 0.82
N PRO B 171 31.35 52.06 0.01
CA PRO B 171 30.29 51.57 -0.85
C PRO B 171 30.59 50.93 -2.22
N CYS B 172 29.58 50.20 -2.72
CA CYS B 172 29.70 49.44 -3.96
C CYS B 172 28.35 48.92 -4.40
N LEU B 173 28.23 48.69 -5.70
CA LEU B 173 27.06 48.01 -6.25
C LEU B 173 27.43 46.59 -6.68
N ILE B 174 26.56 45.62 -6.40
CA ILE B 174 26.78 44.21 -6.74
C ILE B 174 25.55 43.68 -7.47
N THR B 175 25.74 43.09 -8.66
CA THR B 175 24.66 42.37 -9.30
C THR B 175 24.81 40.88 -9.06
N THR B 176 23.73 40.32 -8.58
CA THR B 176 23.65 38.99 -8.05
C THR B 176 22.95 38.07 -9.08
N LEU B 177 23.22 36.77 -9.00
CA LEU B 177 22.78 35.78 -9.97
C LEU B 177 21.69 34.81 -9.46
N LYS B 178 20.79 34.45 -10.37
CA LYS B 178 19.66 33.60 -10.01
C LYS B 178 20.03 32.36 -9.21
N ASP B 179 21.09 31.64 -9.57
CA ASP B 179 21.37 30.53 -8.68
C ASP B 179 22.05 30.99 -7.38
N MET B 180 23.36 30.83 -7.25
CA MET B 180 24.15 31.28 -6.11
C MET B 180 23.65 31.11 -4.67
N ASN B 181 22.35 30.89 -4.45
CA ASN B 181 21.74 30.80 -3.12
C ASN B 181 20.35 30.25 -3.30
N THR B 182 19.73 29.81 -2.22
CA THR B 182 18.33 29.39 -2.38
C THR B 182 17.37 30.16 -1.45
N PRO B 183 16.47 30.95 -2.02
CA PRO B 183 15.86 32.05 -1.27
C PRO B 183 14.82 31.60 -0.27
N ARG B 184 14.95 32.07 0.96
CA ARG B 184 14.18 31.60 2.09
C ARG B 184 12.70 31.95 1.89
N TYR B 185 11.81 31.19 2.53
CA TYR B 185 10.39 31.45 2.38
C TYR B 185 9.93 32.60 3.29
N MET B 186 8.74 33.15 3.00
CA MET B 186 8.19 34.17 3.89
C MET B 186 7.87 33.54 5.23
N LYS B 187 7.62 34.39 6.21
CA LYS B 187 7.05 33.91 7.46
C LYS B 187 5.60 34.32 7.57
N VAL B 188 4.73 33.39 7.98
CA VAL B 188 3.38 33.83 8.26
C VAL B 188 3.55 34.82 9.39
N GLY B 189 2.68 35.79 9.45
CA GLY B 189 2.77 36.65 10.60
C GLY B 189 3.59 37.83 10.20
N ARG B 190 4.72 37.57 9.54
CA ARG B 190 5.32 38.62 8.73
C ARG B 190 4.40 38.98 7.60
N ILE B 191 3.63 38.01 7.07
CA ILE B 191 2.68 38.42 6.05
C ILE B 191 1.52 39.10 6.72
N TYR B 192 1.00 38.46 7.76
CA TYR B 192 -0.12 39.05 8.44
C TYR B 192 0.16 40.51 8.77
N ASP B 193 1.29 40.83 9.43
CA ASP B 193 1.43 42.25 9.81
C ASP B 193 1.85 43.14 8.65
N ALA B 194 2.78 42.73 7.78
CA ALA B 194 3.02 43.55 6.60
C ALA B 194 1.75 44.00 5.90
N PHE B 195 0.64 43.32 6.11
CA PHE B 195 -0.59 43.82 5.55
C PHE B 195 -1.47 44.49 6.57
N GLU B 196 -1.39 44.08 7.84
CA GLU B 196 -2.28 44.58 8.89
C GLU B 196 -1.86 45.97 9.37
N ASN B 197 -0.58 46.28 9.28
CA ASN B 197 -0.08 47.57 9.71
C ASN B 197 0.47 48.41 8.55
N ASP B 198 1.33 47.89 7.68
CA ASP B 198 1.70 48.52 6.41
C ASP B 198 2.58 49.79 6.43
N VAL B 199 3.88 49.59 6.61
CA VAL B 199 4.88 50.65 6.66
C VAL B 199 5.47 50.98 5.30
N VAL B 200 4.79 50.64 4.23
CA VAL B 200 5.41 50.69 2.91
C VAL B 200 5.26 52.11 2.37
N GLU B 201 6.42 52.70 2.05
CA GLU B 201 6.58 54.05 1.53
C GLU B 201 6.38 54.12 0.02
N THR B 202 5.58 55.05 -0.44
CA THR B 202 5.43 55.26 -1.87
C THR B 202 6.00 56.62 -2.33
N TRP B 203 7.10 56.62 -3.09
CA TRP B 203 7.77 57.84 -3.53
C TRP B 203 7.37 58.19 -4.95
N THR B 204 7.18 59.48 -5.21
CA THR B 204 7.05 60.03 -6.54
C THR B 204 8.36 60.67 -6.98
N VAL B 205 8.33 61.37 -8.13
CA VAL B 205 9.54 62.02 -8.64
C VAL B 205 10.07 63.05 -7.62
N LYS B 206 9.16 63.80 -6.98
CA LYS B 206 9.50 64.73 -5.92
C LYS B 206 10.51 64.15 -4.93
N ASP B 207 10.48 62.84 -4.72
CA ASP B 207 11.30 62.22 -3.71
C ASP B 207 12.68 61.82 -4.21
N ILE B 208 12.99 62.05 -5.49
CA ILE B 208 14.29 61.71 -6.09
C ILE B 208 15.02 62.98 -6.58
N GLU B 209 16.32 62.80 -6.87
CA GLU B 209 17.26 63.84 -7.30
C GLU B 209 17.73 63.50 -8.72
N VAL B 210 17.05 64.05 -9.73
CA VAL B 210 17.34 63.74 -11.14
C VAL B 210 17.11 64.95 -12.01
N ASP B 211 17.83 65.00 -13.12
CA ASP B 211 17.48 65.95 -14.18
C ASP B 211 16.30 65.37 -14.94
N PRO B 212 15.13 66.02 -14.97
CA PRO B 212 13.93 65.39 -15.53
C PRO B 212 14.00 65.09 -17.00
N SER B 213 14.91 65.70 -17.70
CA SER B 213 15.28 65.40 -19.07
C SER B 213 16.14 64.15 -19.16
N ASN B 214 16.11 63.34 -18.12
CA ASN B 214 16.73 62.03 -18.10
C ASN B 214 15.71 60.97 -17.72
N LEU B 215 14.42 61.25 -17.88
CA LEU B 215 13.36 60.35 -17.43
C LEU B 215 12.49 59.97 -18.62
N GLY B 216 12.06 58.72 -18.67
CA GLY B 216 11.06 58.37 -19.65
C GLY B 216 11.60 58.34 -21.05
N LEU B 217 10.69 58.16 -22.00
CA LEU B 217 11.09 58.05 -23.40
C LEU B 217 11.88 59.30 -23.80
N LYS B 218 11.28 60.48 -23.55
CA LYS B 218 11.91 61.73 -23.92
C LYS B 218 13.35 61.82 -23.39
N GLY B 219 13.68 61.06 -22.36
CA GLY B 219 15.03 61.01 -21.81
C GLY B 219 15.83 59.77 -22.18
N SER B 220 15.34 58.97 -23.12
CA SER B 220 15.91 57.66 -23.37
C SER B 220 16.73 57.72 -24.64
N PRO B 221 18.04 57.48 -24.64
CA PRO B 221 18.76 57.40 -25.91
C PRO B 221 18.17 56.37 -26.84
N THR B 222 18.12 55.12 -26.42
CA THR B 222 17.64 54.10 -27.33
C THR B 222 16.13 54.18 -27.41
N SER B 223 15.56 53.55 -28.45
CA SER B 223 14.12 53.54 -28.68
C SER B 223 13.74 52.35 -29.52
N VAL B 224 12.48 51.91 -29.41
CA VAL B 224 12.01 50.71 -30.10
C VAL B 224 11.36 51.06 -31.43
N PHE B 225 12.02 50.63 -32.52
CA PHE B 225 11.56 50.93 -33.87
C PHE B 225 10.39 50.06 -34.29
N LYS B 226 10.63 48.75 -34.40
CA LYS B 226 9.59 47.74 -34.63
C LYS B 226 9.79 46.62 -33.60
N SER B 227 8.70 45.90 -33.31
CA SER B 227 8.77 44.74 -32.42
C SER B 227 7.70 43.77 -32.87
N PHE B 228 8.10 42.51 -33.07
CA PHE B 228 7.20 41.50 -33.63
C PHE B 228 7.36 40.20 -32.83
N THR B 229 6.31 39.37 -32.88
CA THR B 229 6.16 38.22 -31.99
C THR B 229 6.92 37.03 -32.56
N LYS B 230 7.20 36.05 -31.71
CA LYS B 230 7.96 34.89 -32.20
C LYS B 230 7.19 34.11 -33.27
N SER B 231 7.91 33.74 -34.35
CA SER B 231 7.36 32.91 -35.41
C SER B 231 7.04 31.51 -34.88
N VAL B 232 5.88 30.97 -35.28
CA VAL B 232 5.48 29.64 -34.81
C VAL B 232 6.38 28.59 -35.48
N LYS B 233 6.80 27.58 -34.69
CA LYS B 233 7.74 26.57 -35.18
C LYS B 233 7.25 25.90 -36.46
N PRO B 234 8.16 25.54 -37.40
CA PRO B 234 7.70 24.90 -38.63
C PRO B 234 7.57 23.38 -38.59
N ALA B 235 7.21 22.86 -39.77
CA ALA B 235 6.79 21.47 -40.00
C ALA B 235 7.79 20.43 -39.47
N GLY B 236 9.01 20.43 -39.99
CA GLY B 236 9.92 19.41 -39.52
C GLY B 236 10.08 18.33 -40.53
N THR B 237 11.31 17.98 -40.84
CA THR B 237 11.54 17.08 -41.94
C THR B 237 12.08 15.76 -41.40
N ILE B 238 11.71 14.68 -42.10
CA ILE B 238 12.06 13.31 -41.72
C ILE B 238 12.89 12.74 -42.87
N TYR B 239 14.03 12.11 -42.54
CA TYR B 239 15.13 11.87 -43.47
C TYR B 239 15.61 10.42 -43.44
N ASN B 240 15.98 9.88 -44.63
CA ASN B 240 16.45 8.51 -44.77
C ASN B 240 17.79 8.41 -45.54
N GLU B 241 18.96 8.58 -44.89
CA GLU B 241 20.24 8.09 -45.46
C GLU B 241 21.20 7.87 -44.31
N ASP B 242 22.49 7.65 -44.61
CA ASP B 242 23.43 7.50 -43.53
C ASP B 242 24.71 8.28 -43.77
N ALA B 243 25.27 8.80 -42.66
CA ALA B 243 26.51 9.57 -42.45
C ALA B 243 26.47 10.89 -43.21
N LYS B 244 25.70 10.90 -44.30
CA LYS B 244 25.05 12.09 -44.80
C LYS B 244 24.01 12.48 -43.80
N THR B 245 23.71 11.53 -42.92
CA THR B 245 22.71 11.68 -41.88
C THR B 245 23.18 12.64 -40.78
N SER B 246 24.38 12.38 -40.21
CA SER B 246 24.92 13.28 -39.21
C SER B 246 25.13 14.66 -39.77
N ALA B 247 25.55 14.76 -41.03
CA ALA B 247 25.51 16.07 -41.67
C ALA B 247 24.09 16.61 -41.68
N GLY B 248 23.09 15.75 -41.86
CA GLY B 248 21.71 16.20 -41.70
C GLY B 248 21.55 16.91 -40.38
N ILE B 249 22.07 16.31 -39.32
CA ILE B 249 21.91 16.83 -37.96
C ILE B 249 22.65 18.14 -37.80
N ILE B 250 23.92 18.15 -38.15
CA ILE B 250 24.80 19.26 -37.84
C ILE B 250 24.55 20.52 -38.68
N ILE B 251 24.09 20.40 -39.92
CA ILE B 251 23.78 21.62 -40.69
C ILE B 251 22.47 22.29 -40.22
N ASP B 252 21.50 21.52 -39.68
CA ASP B 252 20.36 22.18 -39.02
C ASP B 252 20.69 22.76 -37.68
N LYS B 253 21.74 22.27 -37.05
CA LYS B 253 22.18 22.84 -35.79
C LYS B 253 22.91 24.16 -36.03
N LEU B 254 23.89 24.16 -36.92
CA LEU B 254 24.46 25.39 -37.46
C LEU B 254 23.38 26.44 -37.79
N LYS B 255 22.19 26.03 -38.26
CA LYS B 255 21.10 26.98 -38.55
C LYS B 255 20.48 27.63 -37.32
N GLU B 256 20.39 26.90 -36.22
CA GLU B 256 19.82 27.42 -34.99
C GLU B 256 20.91 27.89 -34.07
N LYS B 257 22.07 28.20 -34.65
CA LYS B 257 23.17 28.82 -33.95
C LYS B 257 23.72 27.95 -32.84
N TYR B 258 24.57 26.96 -33.21
CA TYR B 258 25.63 26.43 -32.33
C TYR B 258 26.86 26.15 -33.14
N ILE B 259 27.28 27.06 -34.04
CA ILE B 259 28.49 26.78 -34.82
C ILE B 259 29.73 26.83 -33.94
N ILE B 260 30.22 25.65 -33.52
CA ILE B 260 31.41 25.65 -32.67
C ILE B 260 32.31 24.56 -33.23
N MET C 1 -12.69 40.02 7.87
CA MET C 1 -13.92 40.17 7.12
C MET C 1 -13.74 39.38 5.83
N ASP C 2 -13.30 40.02 4.71
CA ASP C 2 -13.35 39.41 3.37
C ASP C 2 -12.12 38.57 3.07
N LEU C 3 -12.34 37.51 2.28
CA LEU C 3 -11.41 36.41 2.13
C LEU C 3 -10.64 36.48 0.82
N ASN C 4 -11.00 37.40 -0.08
CA ASN C 4 -10.17 37.66 -1.26
C ASN C 4 -9.23 38.84 -1.04
N SER C 5 -8.92 39.16 0.21
CA SER C 5 -7.94 40.20 0.51
C SER C 5 -6.54 39.77 0.10
N LYS C 6 -5.73 40.74 -0.33
CA LYS C 6 -4.39 40.40 -0.74
C LYS C 6 -3.59 39.78 0.39
N LYS C 7 -3.99 39.99 1.62
CA LYS C 7 -3.30 39.35 2.73
C LYS C 7 -3.32 37.85 2.53
N TYR C 8 -4.54 37.32 2.48
CA TYR C 8 -4.76 35.89 2.29
C TYR C 8 -4.16 35.41 0.98
N GLN C 9 -4.36 36.17 -0.12
CA GLN C 9 -3.65 35.89 -1.37
C GLN C 9 -2.19 35.63 -1.15
N MET C 10 -1.56 36.47 -0.32
CA MET C 10 -0.13 36.36 -0.08
C MET C 10 0.21 35.15 0.76
N LEU C 11 -0.62 34.82 1.76
CA LEU C 11 -0.46 33.54 2.41
C LEU C 11 -0.53 32.38 1.38
N LYS C 12 -1.64 32.29 0.61
CA LYS C 12 -1.79 31.23 -0.37
C LYS C 12 -0.60 31.12 -1.29
N GLU C 13 -0.08 32.24 -1.76
CA GLU C 13 1.15 32.21 -2.54
C GLU C 13 2.28 31.51 -1.78
N LEU C 14 2.37 31.72 -0.46
CA LEU C 14 3.45 31.13 0.31
C LEU C 14 3.26 29.65 0.42
N TYR C 15 2.07 29.27 0.90
CA TYR C 15 1.68 27.88 1.00
C TYR C 15 1.92 27.13 -0.31
N VAL C 16 1.45 27.64 -1.42
CA VAL C 16 1.65 26.90 -2.65
C VAL C 16 3.14 26.71 -2.93
N SER C 17 3.96 27.75 -2.74
CA SER C 17 5.36 27.51 -3.10
C SER C 17 6.04 26.52 -2.14
N PHE C 18 5.64 26.54 -0.87
CA PHE C 18 6.18 25.56 0.08
C PHE C 18 5.73 24.15 -0.29
N ALA C 19 4.46 24.01 -0.62
CA ALA C 19 3.85 22.74 -0.99
C ALA C 19 4.58 22.12 -2.16
N GLU C 20 4.57 22.80 -3.33
CA GLU C 20 5.24 22.28 -4.52
C GLU C 20 6.72 22.01 -4.31
N ASN C 21 7.44 22.88 -3.59
CA ASN C 21 8.89 22.69 -3.59
C ASN C 21 9.44 21.80 -2.49
N GLU C 22 8.75 21.74 -1.35
CA GLU C 22 9.24 21.03 -0.18
C GLU C 22 8.50 19.76 0.15
N VAL C 23 7.21 19.66 -0.27
CA VAL C 23 6.27 18.58 0.16
C VAL C 23 5.91 17.63 -0.99
N LYS C 24 5.46 18.19 -2.11
CA LYS C 24 5.15 17.41 -3.32
C LYS C 24 6.21 16.39 -3.72
N PRO C 25 7.51 16.67 -3.69
CA PRO C 25 8.45 15.66 -4.18
C PRO C 25 8.92 14.68 -3.13
N LEU C 26 8.35 14.77 -1.92
CA LEU C 26 8.41 13.73 -0.90
C LEU C 26 7.19 12.85 -0.80
N ALA C 27 6.08 13.24 -1.40
CA ALA C 27 4.78 12.63 -1.10
C ALA C 27 4.83 11.12 -1.09
N THR C 28 5.21 10.54 -2.23
CA THR C 28 5.09 9.07 -2.25
C THR C 28 6.26 8.39 -1.56
N GLU C 29 7.41 9.06 -1.37
CA GLU C 29 8.46 8.44 -0.55
C GLU C 29 7.97 8.18 0.87
N LEU C 30 7.09 9.02 1.35
CA LEU C 30 6.55 8.80 2.67
C LEU C 30 5.47 7.75 2.61
N ASP C 31 4.75 7.69 1.50
CA ASP C 31 3.74 6.63 1.35
C ASP C 31 4.38 5.26 1.34
N GLU C 32 5.42 5.08 0.52
CA GLU C 32 6.03 3.77 0.34
C GLU C 32 6.88 3.42 1.55
N GLU C 33 7.75 4.33 2.01
CA GLU C 33 8.56 3.96 3.18
C GLU C 33 7.76 3.96 4.48
N GLU C 34 6.52 4.47 4.45
CA GLU C 34 5.66 4.60 5.62
C GLU C 34 6.42 5.23 6.78
N ARG C 35 6.80 6.49 6.52
CA ARG C 35 7.85 7.22 7.24
C ARG C 35 7.34 8.60 7.66
N PHE C 36 7.72 9.03 8.86
CA PHE C 36 7.35 10.38 9.28
C PHE C 36 8.29 11.44 8.69
N PRO C 37 7.70 12.61 8.19
CA PRO C 37 8.46 13.67 7.48
C PRO C 37 9.09 14.66 8.45
N TYR C 38 10.07 14.17 9.20
CA TYR C 38 10.82 15.00 10.13
C TYR C 38 11.36 16.25 9.46
N GLU C 39 12.01 16.08 8.31
CA GLU C 39 12.46 17.22 7.51
C GLU C 39 11.34 18.20 7.25
N THR C 40 10.24 17.79 6.66
CA THR C 40 9.35 18.90 6.37
C THR C 40 8.59 19.41 7.61
N VAL C 41 8.75 18.78 8.78
CA VAL C 41 8.32 19.45 10.01
C VAL C 41 9.25 20.59 10.36
N GLU C 42 10.58 20.36 10.42
CA GLU C 42 11.47 21.44 10.83
C GLU C 42 11.45 22.59 9.80
N LYS C 43 11.53 22.24 8.50
CA LYS C 43 11.25 23.21 7.42
C LYS C 43 9.94 23.91 7.61
N MET C 44 8.90 23.18 7.94
CA MET C 44 7.61 23.84 8.11
C MET C 44 7.69 24.89 9.24
N ALA C 45 8.31 24.52 10.36
CA ALA C 45 8.34 25.36 11.55
C ALA C 45 8.98 26.70 11.24
N LYS C 46 10.19 26.65 10.70
CA LYS C 46 11.01 27.75 10.23
C LYS C 46 10.25 28.81 9.41
N ALA C 47 9.37 28.42 8.50
CA ALA C 47 8.66 29.41 7.71
C ALA C 47 7.38 29.83 8.38
N GLY C 48 7.28 29.64 9.67
CA GLY C 48 6.19 30.25 10.36
C GLY C 48 5.08 29.31 10.72
N MET C 49 4.77 28.35 9.84
CA MET C 49 3.67 27.43 10.11
C MET C 49 3.99 26.68 11.38
N MET C 50 3.00 25.91 11.86
CA MET C 50 2.97 25.23 13.16
C MET C 50 2.35 26.03 14.31
N GLY C 51 2.05 27.32 14.11
CA GLY C 51 1.43 28.17 15.12
C GLY C 51 0.57 29.25 14.50
N ILE C 52 0.08 29.00 13.32
CA ILE C 52 -0.47 30.07 12.48
C ILE C 52 -1.51 30.91 13.23
N PRO C 53 -2.52 30.32 13.84
CA PRO C 53 -3.56 31.14 14.49
C PRO C 53 -3.41 31.30 15.97
N TYR C 54 -2.23 31.63 16.47
CA TYR C 54 -2.12 31.91 17.89
C TYR C 54 -1.42 33.24 18.11
N PRO C 55 -1.83 33.95 19.13
CA PRO C 55 -1.20 35.21 19.50
C PRO C 55 0.31 35.13 19.61
N LYS C 56 0.97 36.22 19.21
CA LYS C 56 2.43 36.26 19.23
C LYS C 56 2.95 36.05 20.64
N GLU C 57 2.29 36.62 21.65
CA GLU C 57 2.78 36.57 23.03
C GLU C 57 3.01 35.14 23.51
N TYR C 58 2.45 34.16 22.83
CA TYR C 58 2.64 32.77 23.18
C TYR C 58 3.52 32.02 22.20
N GLY C 59 4.23 32.74 21.33
CA GLY C 59 5.11 32.13 20.34
C GLY C 59 4.46 31.75 19.03
N GLY C 60 3.14 31.85 18.90
CA GLY C 60 2.49 31.72 17.62
C GLY C 60 2.72 32.96 16.77
N GLU C 61 2.11 32.96 15.57
CA GLU C 61 2.43 33.95 14.54
C GLU C 61 1.51 35.17 14.52
N GLY C 62 0.38 35.14 15.23
CA GLY C 62 -0.59 36.22 15.19
C GLY C 62 -1.63 36.15 14.08
N GLY C 63 -1.75 34.99 13.42
CA GLY C 63 -2.70 34.79 12.35
C GLY C 63 -4.06 34.42 12.87
N ASP C 64 -4.92 34.04 11.93
CA ASP C 64 -6.29 33.65 12.24
C ASP C 64 -6.54 32.21 11.80
N THR C 65 -7.68 31.62 12.18
CA THR C 65 -7.80 30.21 11.77
C THR C 65 -8.02 30.14 10.28
N VAL C 66 -8.51 31.20 9.64
CA VAL C 66 -8.74 31.10 8.21
C VAL C 66 -7.42 30.90 7.50
N GLY C 67 -6.37 31.65 7.87
CA GLY C 67 -5.07 31.42 7.25
C GLY C 67 -4.41 30.09 7.61
N TYR C 68 -4.79 29.54 8.75
CA TYR C 68 -4.37 28.19 9.12
C TYR C 68 -5.07 27.12 8.28
N ILE C 69 -6.40 27.11 8.28
CA ILE C 69 -7.14 26.17 7.46
C ILE C 69 -6.68 26.25 6.02
N MET C 70 -6.43 27.47 5.51
CA MET C 70 -5.85 27.67 4.16
C MET C 70 -4.59 26.82 4.03
N ALA C 71 -3.82 26.72 5.12
CA ALA C 71 -2.58 25.95 5.07
C ALA C 71 -2.83 24.45 4.99
N VAL C 72 -3.72 23.94 5.83
CA VAL C 72 -4.07 22.53 5.73
C VAL C 72 -4.58 22.23 4.33
N GLU C 73 -5.48 23.06 3.82
CA GLU C 73 -5.99 22.84 2.47
C GLU C 73 -4.83 22.76 1.48
N GLU C 74 -3.92 23.72 1.52
CA GLU C 74 -2.91 23.72 0.47
C GLU C 74 -1.83 22.66 0.66
N LEU C 75 -1.72 22.08 1.83
CA LEU C 75 -0.79 20.98 1.98
C LEU C 75 -1.41 19.66 1.47
N SER C 76 -2.59 19.30 1.99
CA SER C 76 -3.23 18.07 1.54
C SER C 76 -3.48 18.09 0.04
N ARG C 77 -3.54 19.26 -0.57
CA ARG C 77 -3.62 19.30 -2.01
C ARG C 77 -2.46 18.51 -2.67
N VAL C 78 -1.36 18.27 -1.95
CA VAL C 78 -0.22 17.67 -2.62
C VAL C 78 0.22 16.42 -1.82
N CYS C 79 -0.05 16.39 -0.50
CA CYS C 79 0.40 15.28 0.37
C CYS C 79 -0.44 15.21 1.65
N GLY C 80 -1.32 14.21 1.72
CA GLY C 80 -2.31 14.18 2.78
C GLY C 80 -1.76 13.94 4.16
N THR C 81 -0.70 13.12 4.27
CA THR C 81 -0.19 12.82 5.60
C THR C 81 0.31 14.09 6.23
N THR C 82 1.06 14.90 5.44
CA THR C 82 1.61 16.16 5.92
C THR C 82 0.51 17.10 6.38
N GLY C 83 -0.59 17.18 5.61
CA GLY C 83 -1.78 17.88 6.06
C GLY C 83 -2.19 17.49 7.47
N VAL C 84 -2.23 16.19 7.76
CA VAL C 84 -2.78 15.90 9.08
C VAL C 84 -1.72 16.21 10.16
N ILE C 85 -0.43 16.00 9.89
CA ILE C 85 0.56 16.28 10.92
C ILE C 85 0.37 17.70 11.41
N LEU C 86 0.17 18.62 10.47
CA LEU C 86 -0.12 19.97 10.89
C LEU C 86 -1.46 20.04 11.60
N SER C 87 -2.56 19.63 10.93
CA SER C 87 -3.89 19.93 11.50
C SER C 87 -4.04 19.35 12.90
N ALA C 88 -3.46 18.18 13.11
CA ALA C 88 -3.45 17.55 14.41
C ALA C 88 -2.65 18.36 15.41
N HIS C 89 -1.44 18.81 15.00
CA HIS C 89 -0.61 19.68 15.86
C HIS C 89 -1.31 20.99 16.28
N THR C 90 -1.71 21.82 15.32
CA THR C 90 -2.41 23.07 15.64
C THR C 90 -3.79 22.86 16.26
N SER C 91 -4.64 22.00 15.70
CA SER C 91 -6.05 21.96 16.15
C SER C 91 -6.32 21.08 17.34
N LEU C 92 -5.62 19.95 17.42
CA LEU C 92 -5.87 18.94 18.44
C LEU C 92 -4.97 19.03 19.64
N GLY C 93 -3.68 19.24 19.43
CA GLY C 93 -2.76 19.46 20.53
C GLY C 93 -2.62 20.89 21.03
N SER C 94 -2.25 21.84 20.15
CA SER C 94 -2.04 23.21 20.61
C SER C 94 -3.31 23.82 21.23
N TRP C 95 -4.40 23.84 20.47
CA TRP C 95 -5.57 24.64 20.84
C TRP C 95 -6.13 24.35 22.23
N PRO C 96 -6.39 23.10 22.67
CA PRO C 96 -6.91 22.97 24.06
C PRO C 96 -6.04 23.67 25.10
N ILE C 97 -4.71 23.68 24.94
CA ILE C 97 -3.84 24.37 25.88
C ILE C 97 -4.00 25.86 25.73
N TYR C 98 -4.14 26.34 24.49
CA TYR C 98 -4.41 27.76 24.28
C TYR C 98 -5.70 28.20 24.94
N GLN C 99 -6.76 27.41 24.76
CA GLN C 99 -8.08 27.81 25.21
C GLN C 99 -8.32 27.53 26.70
N TYR C 100 -7.85 26.40 27.21
CA TYR C 100 -8.21 26.00 28.56
C TYR C 100 -7.04 26.05 29.53
N GLY C 101 -5.82 26.22 29.03
CA GLY C 101 -4.67 26.30 29.92
C GLY C 101 -4.48 27.71 30.46
N ASN C 102 -3.96 27.77 31.69
CA ASN C 102 -3.65 29.03 32.40
C ASN C 102 -2.37 29.63 31.85
N GLU C 103 -1.85 30.66 32.52
CA GLU C 103 -0.70 31.37 31.97
C GLU C 103 0.59 30.57 32.07
N GLU C 104 0.85 29.96 33.24
CA GLU C 104 2.06 29.15 33.39
C GLU C 104 2.10 28.10 32.30
N GLN C 105 0.94 27.45 32.09
CA GLN C 105 0.76 26.35 31.14
C GLN C 105 0.94 26.81 29.70
N LYS C 106 0.29 27.91 29.31
CA LYS C 106 0.50 28.45 27.98
C LYS C 106 1.93 28.89 27.76
N GLN C 107 2.72 29.10 28.81
CA GLN C 107 4.10 29.46 28.55
C GLN C 107 5.03 28.27 28.43
N LYS C 108 4.80 27.23 29.21
CA LYS C 108 5.70 26.07 29.19
C LYS C 108 5.33 25.09 28.08
N PHE C 109 4.07 24.99 27.75
CA PHE C 109 3.69 24.02 26.74
C PHE C 109 3.20 24.66 25.45
N LEU C 110 2.51 25.80 25.54
CA LEU C 110 1.90 26.32 24.33
C LEU C 110 2.93 26.97 23.42
N ARG C 111 3.95 27.61 24.01
CA ARG C 111 5.00 28.28 23.24
C ARG C 111 5.88 27.32 22.46
N PRO C 112 6.41 26.25 23.05
CA PRO C 112 7.21 25.28 22.26
C PRO C 112 6.47 24.76 21.03
N LEU C 113 5.15 24.57 21.18
CA LEU C 113 4.30 24.16 20.09
C LEU C 113 4.19 25.25 19.04
N ALA C 114 3.68 26.42 19.43
CA ALA C 114 3.35 27.49 18.49
C ALA C 114 4.57 27.98 17.70
N SER C 115 5.75 27.82 18.26
CA SER C 115 6.98 28.22 17.60
C SER C 115 7.55 27.14 16.72
N GLY C 116 6.88 25.99 16.62
CA GLY C 116 7.38 24.86 15.85
C GLY C 116 8.56 24.14 16.47
N GLU C 117 8.93 24.48 17.71
CA GLU C 117 10.10 23.87 18.32
C GLU C 117 9.82 22.46 18.80
N LYS C 118 8.52 22.16 18.99
CA LYS C 118 8.02 20.87 19.46
C LYS C 118 6.75 20.50 18.68
N LEU C 119 6.25 19.26 18.89
CA LEU C 119 5.12 18.72 18.15
C LEU C 119 4.02 18.18 19.06
N GLY C 120 2.77 18.49 18.72
CA GLY C 120 1.64 18.22 19.59
C GLY C 120 0.72 17.09 19.18
N ALA C 121 0.08 16.51 20.18
CA ALA C 121 -0.83 15.43 19.88
C ALA C 121 -1.93 15.36 20.93
N PHE C 122 -3.03 14.76 20.50
CA PHE C 122 -4.27 14.65 21.25
C PHE C 122 -4.65 13.17 21.34
N GLY C 123 -4.86 12.68 22.57
CA GLY C 123 -5.17 11.29 22.81
C GLY C 123 -6.45 11.13 23.58
N LEU C 124 -7.49 10.61 22.92
CA LEU C 124 -8.81 10.42 23.50
C LEU C 124 -9.36 9.02 23.26
N THR C 125 -9.09 8.45 22.10
CA THR C 125 -9.74 7.22 21.73
C THR C 125 -8.97 6.05 22.37
N GLU C 126 -9.72 5.05 22.83
CA GLU C 126 -9.22 3.87 23.51
C GLU C 126 -9.77 2.67 22.75
N PRO C 127 -9.26 1.45 23.00
CA PRO C 127 -9.85 0.31 22.28
C PRO C 127 -11.32 0.12 22.59
N ASN C 128 -11.75 0.18 23.85
CA ASN C 128 -13.17 0.01 24.14
C ASN C 128 -13.99 1.29 24.07
N ALA C 129 -13.39 2.44 23.73
CA ALA C 129 -14.06 3.73 23.75
C ALA C 129 -13.61 4.55 22.55
N GLY C 130 -14.41 4.50 21.50
CA GLY C 130 -14.14 5.08 20.22
C GLY C 130 -15.12 6.17 19.95
N THR C 131 -16.22 5.83 19.28
CA THR C 131 -17.26 6.81 19.00
C THR C 131 -18.07 7.16 20.23
N ASP C 132 -18.30 6.18 21.09
CA ASP C 132 -18.76 6.39 22.46
C ASP C 132 -17.56 6.82 23.29
N ALA C 133 -17.32 8.15 23.33
CA ALA C 133 -16.09 8.69 23.91
C ALA C 133 -16.08 8.66 25.42
N SER C 134 -17.25 8.59 26.03
CA SER C 134 -17.33 8.70 27.47
C SER C 134 -17.07 7.39 28.19
N GLY C 135 -16.81 6.31 27.47
CA GLY C 135 -16.50 5.04 28.09
C GLY C 135 -15.00 4.86 28.27
N GLN C 136 -14.34 5.97 28.64
CA GLN C 136 -12.90 5.98 28.90
C GLN C 136 -12.53 4.96 29.97
N GLN C 137 -11.38 4.30 29.79
CA GLN C 137 -10.94 3.35 30.78
C GLN C 137 -9.62 3.69 31.42
N THR C 138 -8.88 4.63 30.85
CA THR C 138 -7.62 5.06 31.43
C THR C 138 -7.88 5.93 32.68
N THR C 139 -7.19 5.65 33.76
CA THR C 139 -7.49 6.35 35.00
C THR C 139 -6.38 7.32 35.37
N ALA C 140 -6.80 8.42 36.01
CA ALA C 140 -5.95 9.38 36.70
C ALA C 140 -6.40 9.50 38.15
N VAL C 141 -5.47 9.27 39.07
CA VAL C 141 -5.75 9.51 40.47
C VAL C 141 -4.63 10.32 41.11
N LEU C 142 -5.05 11.26 41.94
CA LEU C 142 -4.20 12.26 42.52
C LEU C 142 -3.54 11.71 43.78
N ASP C 143 -2.19 11.79 43.82
CA ASP C 143 -1.38 11.25 44.92
C ASP C 143 -0.29 12.28 45.23
N GLY C 144 -0.42 12.93 46.37
CA GLY C 144 0.51 13.99 46.64
C GLY C 144 0.34 15.15 45.66
N ASP C 145 1.46 15.65 45.16
CA ASP C 145 1.49 16.74 44.19
C ASP C 145 1.89 16.17 42.84
N GLU C 146 1.32 15.01 42.55
CA GLU C 146 1.42 14.29 41.28
C GLU C 146 0.12 13.53 41.05
N TYR C 147 -0.19 13.31 39.79
CA TYR C 147 -1.21 12.41 39.32
C TYR C 147 -0.56 11.12 38.82
N ILE C 148 -1.26 10.00 39.01
CA ILE C 148 -0.85 8.71 38.48
C ILE C 148 -1.82 8.28 37.40
N LEU C 149 -1.27 7.80 36.28
CA LEU C 149 -2.01 7.53 35.04
C LEU C 149 -1.82 6.10 34.59
N ASN C 150 -2.93 5.39 34.35
CA ASN C 150 -2.86 3.99 33.97
C ASN C 150 -3.84 3.65 32.85
N GLY C 151 -3.33 3.24 31.71
CA GLY C 151 -4.22 2.81 30.65
C GLY C 151 -3.64 3.02 29.27
N SER C 152 -4.51 2.91 28.26
CA SER C 152 -4.04 2.94 26.90
C SER C 152 -4.93 3.75 25.98
N LYS C 153 -4.27 4.51 25.11
CA LYS C 153 -4.92 5.23 24.03
C LYS C 153 -4.41 4.65 22.73
N ILE C 154 -5.32 4.20 21.83
CA ILE C 154 -4.92 3.65 20.52
C ILE C 154 -5.31 4.60 19.41
N PHE C 155 -4.56 4.50 18.32
CA PHE C 155 -4.75 5.30 17.11
C PHE C 155 -4.35 6.74 17.31
N ILE C 156 -3.29 7.06 17.99
CA ILE C 156 -3.07 8.48 18.30
C ILE C 156 -2.15 9.08 17.25
N THR C 157 -2.64 10.11 16.54
CA THR C 157 -1.85 10.72 15.47
C THR C 157 -0.69 11.46 16.07
N ASN C 158 0.45 11.38 15.38
CA ASN C 158 1.66 12.01 15.88
C ASN C 158 2.05 11.43 17.24
N ALA C 159 1.83 10.14 17.42
CA ALA C 159 2.50 9.41 18.47
C ALA C 159 3.93 9.34 17.98
N ILE C 160 4.75 8.42 18.43
CA ILE C 160 6.16 8.65 18.73
C ILE C 160 6.78 10.03 18.43
N ALA C 161 6.58 10.61 17.25
CA ALA C 161 7.29 11.87 16.94
C ALA C 161 6.95 12.99 17.90
N GLY C 162 5.73 12.97 18.45
CA GLY C 162 5.25 14.09 19.23
C GLY C 162 5.91 14.22 20.60
N ASP C 163 5.94 15.46 21.08
CA ASP C 163 6.58 15.85 22.32
C ASP C 163 5.59 16.15 23.44
N ILE C 164 4.41 16.68 23.12
CA ILE C 164 3.40 17.01 24.13
C ILE C 164 2.08 16.37 23.74
N TYR C 165 1.43 15.73 24.72
CA TYR C 165 0.25 14.91 24.52
C TYR C 165 -0.85 15.39 25.45
N VAL C 166 -2.01 15.68 24.91
CA VAL C 166 -3.13 16.20 25.70
C VAL C 166 -4.09 15.04 25.90
N VAL C 167 -3.91 14.27 26.98
CA VAL C 167 -4.58 12.96 27.09
C VAL C 167 -5.76 13.12 28.03
N MET C 168 -6.73 12.22 27.91
CA MET C 168 -7.95 12.31 28.71
C MET C 168 -8.05 11.09 29.58
N ALA C 169 -8.46 11.27 30.84
CA ALA C 169 -8.70 10.09 31.66
C ALA C 169 -9.75 10.36 32.70
N MET C 170 -10.29 9.26 33.21
CA MET C 170 -11.32 9.31 34.21
C MET C 170 -10.65 9.59 35.53
N THR C 171 -11.13 10.60 36.24
CA THR C 171 -10.70 10.82 37.62
C THR C 171 -11.77 10.44 38.61
N ASP C 172 -13.02 10.31 38.16
CA ASP C 172 -14.15 9.80 38.93
C ASP C 172 -15.01 9.02 37.94
N LYS C 173 -14.83 7.69 37.87
CA LYS C 173 -15.67 6.88 36.97
C LYS C 173 -17.15 6.96 37.34
N SER C 174 -17.44 7.09 38.62
CA SER C 174 -18.81 7.10 39.09
C SER C 174 -19.59 8.38 38.78
N LYS C 175 -19.15 9.16 37.79
CA LYS C 175 -19.89 10.32 37.28
C LYS C 175 -19.97 10.36 35.76
N GLY C 176 -19.60 9.27 35.09
CA GLY C 176 -19.79 9.21 33.65
C GLY C 176 -18.82 10.12 32.94
N ASN C 177 -19.34 11.01 32.09
CA ASN C 177 -18.54 12.02 31.40
C ASN C 177 -18.43 13.32 32.18
N LYS C 178 -19.19 13.44 33.24
CA LYS C 178 -18.81 14.44 34.18
C LYS C 178 -17.70 13.93 35.09
N GLY C 179 -16.94 12.93 34.63
CA GLY C 179 -15.87 12.36 35.41
C GLY C 179 -14.56 12.31 34.66
N ILE C 180 -14.53 12.83 33.46
CA ILE C 180 -13.28 12.86 32.74
C ILE C 180 -12.56 14.17 32.96
N SER C 181 -11.25 14.09 33.16
CA SER C 181 -10.36 15.23 33.25
C SER C 181 -9.26 15.14 32.18
N ALA C 182 -8.70 16.29 31.86
CA ALA C 182 -7.72 16.38 30.78
C ALA C 182 -6.35 16.79 31.29
N PHE C 183 -5.29 16.13 30.80
CA PHE C 183 -3.93 16.30 31.34
C PHE C 183 -2.93 16.55 30.22
N ILE C 184 -1.95 17.42 30.50
CA ILE C 184 -0.85 17.70 29.59
C ILE C 184 0.32 16.82 29.98
N VAL C 185 0.80 16.00 29.05
CA VAL C 185 1.73 14.92 29.36
C VAL C 185 2.91 14.96 28.42
N GLU C 186 4.11 15.09 28.99
CA GLU C 186 5.31 15.30 28.19
C GLU C 186 5.94 13.96 27.88
N LYS C 187 6.28 13.76 26.61
CA LYS C 187 6.94 12.53 26.21
C LYS C 187 8.31 12.46 26.84
N GLY C 188 8.50 11.44 27.67
CA GLY C 188 9.75 11.20 28.36
C GLY C 188 9.48 10.79 29.79
N THR C 189 8.25 10.99 30.27
CA THR C 189 8.02 10.77 31.69
C THR C 189 8.16 9.27 31.96
N PRO C 190 8.55 8.89 33.16
CA PRO C 190 8.54 7.48 33.53
C PRO C 190 7.14 6.89 33.46
N GLY C 191 7.00 5.79 32.73
CA GLY C 191 5.75 5.11 32.60
C GLY C 191 5.02 5.38 31.30
N PHE C 192 5.33 6.49 30.65
CA PHE C 192 4.77 6.85 29.35
C PHE C 192 5.60 6.21 28.24
N SER C 193 4.97 5.24 27.51
CA SER C 193 5.58 4.36 26.50
C SER C 193 4.71 4.19 25.25
N PHE C 194 5.35 3.96 24.11
CA PHE C 194 4.62 3.95 22.85
C PHE C 194 4.28 2.56 22.32
N GLY C 195 3.30 2.55 21.41
CA GLY C 195 2.88 1.36 20.71
C GLY C 195 3.74 1.11 19.51
N VAL C 196 3.24 0.31 18.61
CA VAL C 196 3.89 0.13 17.33
C VAL C 196 3.10 0.91 16.32
N LYS C 197 3.80 1.73 15.56
CA LYS C 197 3.12 2.51 14.54
C LYS C 197 2.26 1.56 13.65
N GLU C 198 0.95 1.84 13.58
CA GLU C 198 -0.02 1.01 12.86
C GLU C 198 0.25 0.95 11.36
N LYS C 199 -0.27 -0.10 10.72
CA LYS C 199 -0.17 -0.27 9.28
C LYS C 199 -1.50 0.11 8.69
N LYS C 200 -1.53 1.19 7.92
CA LYS C 200 -2.85 1.64 7.50
C LYS C 200 -2.96 1.74 5.98
N MET C 201 -4.15 2.13 5.52
CA MET C 201 -4.47 2.06 4.10
C MET C 201 -3.75 3.14 3.30
N GLY C 202 -3.96 4.40 3.66
CA GLY C 202 -3.28 5.49 2.99
C GLY C 202 -2.43 6.48 3.77
N ILE C 203 -2.83 6.87 4.95
CA ILE C 203 -1.99 7.94 5.44
C ILE C 203 -0.77 7.34 6.07
N ARG C 204 0.18 7.06 5.24
CA ARG C 204 1.16 6.12 5.72
C ARG C 204 2.33 6.83 6.32
N GLY C 205 2.53 8.08 5.89
CA GLY C 205 3.53 8.92 6.52
C GLY C 205 3.21 9.25 7.98
N SER C 206 1.95 9.62 8.25
CA SER C 206 1.53 9.98 9.61
C SER C 206 1.78 8.85 10.59
N ALA C 207 2.54 9.13 11.65
CA ALA C 207 2.82 8.10 12.63
C ALA C 207 1.63 7.99 13.57
N THR C 208 0.85 6.90 13.44
CA THR C 208 -0.26 6.61 14.33
C THR C 208 0.08 5.41 15.19
N SER C 209 -0.18 5.50 16.49
CA SER C 209 0.29 4.48 17.41
C SER C 209 -0.38 4.66 18.75
N GLU C 210 0.02 3.79 19.70
CA GLU C 210 -0.62 3.60 20.99
C GLU C 210 0.15 4.32 22.07
N LEU C 211 -0.57 4.88 23.02
CA LEU C 211 0.01 5.46 24.21
C LEU C 211 -0.27 4.51 25.36
N ILE C 212 0.78 4.19 26.09
CA ILE C 212 0.76 3.25 27.19
C ILE C 212 1.18 3.98 28.49
N PHE C 213 0.33 3.91 29.49
CA PHE C 213 0.56 4.53 30.77
C PHE C 213 0.55 3.49 31.88
N GLU C 214 1.75 3.15 32.39
CA GLU C 214 1.95 2.19 33.48
C GLU C 214 2.47 2.90 34.72
N ASP C 215 1.62 3.07 35.73
CA ASP C 215 1.91 3.94 36.90
C ASP C 215 2.65 5.20 36.47
N CYS C 216 2.05 5.91 35.53
CA CYS C 216 2.73 7.04 34.95
C CYS C 216 2.53 8.27 35.82
N ARG C 217 3.61 8.78 36.40
CA ARG C 217 3.57 9.90 37.34
C ARG C 217 3.76 11.23 36.62
N ILE C 218 2.84 12.16 36.89
CA ILE C 218 2.61 13.48 36.28
C ILE C 218 2.48 14.57 37.36
N PRO C 219 3.03 15.77 37.15
CA PRO C 219 2.81 16.83 38.11
C PRO C 219 1.37 17.24 38.14
N LYS C 220 0.84 17.46 39.35
CA LYS C 220 -0.53 17.94 39.49
C LYS C 220 -0.74 19.23 38.71
N GLU C 221 0.32 20.03 38.56
CA GLU C 221 0.29 21.26 37.75
C GLU C 221 0.04 21.00 36.27
N ASN C 222 -0.08 19.74 35.86
CA ASN C 222 -0.35 19.46 34.46
C ASN C 222 -1.82 19.21 34.19
N LEU C 223 -2.68 19.40 35.18
CA LEU C 223 -4.09 19.25 34.93
C LEU C 223 -4.59 20.45 34.14
N LEU C 224 -5.06 20.17 32.92
CA LEU C 224 -5.58 21.18 32.00
C LEU C 224 -7.05 21.41 32.30
N GLY C 225 -7.42 22.57 32.79
CA GLY C 225 -8.82 22.79 33.15
C GLY C 225 -9.12 22.35 34.56
N LYS C 226 -10.41 22.23 34.90
CA LYS C 226 -10.79 21.67 36.18
C LYS C 226 -10.94 20.14 36.13
N GLU C 227 -10.93 19.52 37.32
CA GLU C 227 -11.26 18.09 37.43
C GLU C 227 -12.70 17.88 36.96
N GLY C 228 -12.90 16.90 36.06
CA GLY C 228 -14.22 16.66 35.53
C GLY C 228 -14.54 17.48 34.31
N GLN C 229 -13.74 18.47 33.99
CA GLN C 229 -14.01 19.22 32.79
C GLN C 229 -13.60 18.50 31.51
N GLY C 230 -12.61 17.62 31.58
CA GLY C 230 -12.10 16.94 30.40
C GLY C 230 -13.06 16.53 29.28
N PHE C 231 -14.22 15.98 29.61
CA PHE C 231 -15.14 15.63 28.54
C PHE C 231 -15.45 16.85 27.66
N LYS C 232 -15.94 17.93 28.28
CA LYS C 232 -16.24 19.16 27.53
C LYS C 232 -14.99 19.74 26.90
N ILE C 233 -13.83 19.64 27.54
CA ILE C 233 -12.60 20.10 26.89
C ILE C 233 -12.35 19.33 25.60
N ALA C 234 -12.50 17.99 25.63
CA ALA C 234 -12.23 17.22 24.41
C ALA C 234 -13.30 17.45 23.38
N MET C 235 -14.54 17.70 23.82
CA MET C 235 -15.63 17.81 22.87
C MET C 235 -15.46 19.06 22.02
N SER C 236 -15.27 20.20 22.67
CA SER C 236 -14.99 21.45 21.99
C SER C 236 -13.66 21.45 21.27
N THR C 237 -12.71 20.63 21.69
CA THR C 237 -11.49 20.62 20.90
C THR C 237 -11.78 20.02 19.54
N LEU C 238 -12.62 18.97 19.51
CA LEU C 238 -12.87 18.28 18.25
C LEU C 238 -13.65 19.14 17.28
N ASP C 239 -14.54 19.99 17.80
CA ASP C 239 -15.23 20.93 16.93
C ASP C 239 -14.25 21.71 16.08
N GLY C 240 -13.12 22.09 16.67
CA GLY C 240 -12.15 22.84 15.88
C GLY C 240 -11.48 21.96 14.85
N GLY C 241 -11.12 20.75 15.26
CA GLY C 241 -10.29 19.90 14.42
C GLY C 241 -11.04 19.41 13.22
N ARG C 242 -12.36 19.19 13.39
CA ARG C 242 -13.23 18.82 12.28
C ARG C 242 -13.01 19.80 11.13
N ILE C 243 -12.82 21.09 11.44
CA ILE C 243 -12.53 22.08 10.39
C ILE C 243 -11.24 21.72 9.66
N GLY C 244 -10.18 21.44 10.43
CA GLY C 244 -8.91 21.03 9.84
C GLY C 244 -9.08 19.86 8.93
N ILE C 245 -9.77 18.81 9.41
CA ILE C 245 -9.91 17.63 8.58
C ILE C 245 -10.79 17.92 7.39
N ALA C 246 -11.87 18.71 7.55
CA ALA C 246 -12.69 18.98 6.39
C ALA C 246 -11.84 19.60 5.30
N ALA C 247 -10.92 20.47 5.70
CA ALA C 247 -10.04 21.10 4.74
C ALA C 247 -9.04 20.11 4.18
N GLN C 248 -8.54 19.20 5.01
CA GLN C 248 -7.76 18.05 4.50
C GLN C 248 -8.48 17.34 3.35
N ALA C 249 -9.76 17.00 3.57
CA ALA C 249 -10.52 16.38 2.51
C ALA C 249 -10.51 17.29 1.29
N LEU C 250 -10.82 18.57 1.53
CA LEU C 250 -10.85 19.57 0.47
C LEU C 250 -9.54 19.59 -0.31
N GLY C 251 -8.42 19.63 0.41
CA GLY C 251 -7.13 19.63 -0.24
C GLY C 251 -7.02 18.47 -1.18
N LEU C 252 -7.25 17.27 -0.61
CA LEU C 252 -7.22 16.02 -1.38
C LEU C 252 -8.12 16.13 -2.61
N ALA C 253 -9.40 16.45 -2.39
CA ALA C 253 -10.30 16.57 -3.52
C ALA C 253 -9.75 17.52 -4.57
N GLN C 254 -9.33 18.73 -4.16
CA GLN C 254 -8.87 19.68 -5.16
C GLN C 254 -7.59 19.20 -5.84
N GLY C 255 -6.65 18.61 -5.11
CA GLY C 255 -5.46 18.06 -5.77
C GLY C 255 -5.78 16.96 -6.78
N ALA C 256 -6.67 16.01 -6.40
CA ALA C 256 -7.02 14.94 -7.33
C ALA C 256 -7.65 15.49 -8.58
N LEU C 257 -8.49 16.53 -8.42
CA LEU C 257 -9.11 17.19 -9.58
C LEU C 257 -8.05 17.90 -10.41
N ASP C 258 -7.12 18.59 -9.75
CA ASP C 258 -6.10 19.30 -10.51
C ASP C 258 -5.30 18.31 -11.34
N GLU C 259 -5.10 17.09 -10.81
CA GLU C 259 -4.24 16.16 -11.53
C GLU C 259 -4.96 15.64 -12.76
N THR C 260 -6.26 15.33 -12.63
CA THR C 260 -6.96 14.76 -13.75
C THR C 260 -7.05 15.78 -14.88
N VAL C 261 -7.31 17.04 -14.56
CA VAL C 261 -7.38 18.04 -15.61
C VAL C 261 -6.07 18.07 -16.39
N LYS C 262 -4.93 17.95 -15.69
CA LYS C 262 -3.65 17.93 -16.42
C LYS C 262 -3.63 16.78 -17.39
N TYR C 263 -4.07 15.59 -16.93
CA TYR C 263 -3.93 14.34 -17.67
C TYR C 263 -4.85 14.31 -18.85
N VAL C 264 -6.13 14.62 -18.62
CA VAL C 264 -7.16 14.47 -19.63
C VAL C 264 -6.90 15.35 -20.85
N LYS C 265 -5.91 16.21 -20.79
CA LYS C 265 -5.57 17.05 -21.93
C LYS C 265 -4.39 16.49 -22.69
N GLU C 266 -3.47 15.83 -21.97
CA GLU C 266 -2.25 15.29 -22.57
C GLU C 266 -2.55 14.01 -23.29
N ARG C 267 -3.38 13.16 -22.68
CA ARG C 267 -3.70 11.83 -23.18
C ARG C 267 -4.71 11.87 -24.35
N VAL C 268 -4.27 11.36 -25.50
CA VAL C 268 -5.12 11.24 -26.67
C VAL C 268 -5.36 9.79 -26.89
N GLN C 269 -6.64 9.44 -27.15
CA GLN C 269 -7.22 8.16 -27.55
C GLN C 269 -8.28 8.55 -28.57
N PHE C 270 -8.42 7.83 -29.65
CA PHE C 270 -9.43 8.12 -30.63
C PHE C 270 -9.22 9.42 -31.39
N GLY C 271 -7.97 9.85 -31.55
CA GLY C 271 -7.65 11.01 -32.34
C GLY C 271 -7.77 12.36 -31.63
N ARG C 272 -8.46 12.42 -30.50
CA ARG C 272 -8.73 13.63 -29.76
C ARG C 272 -8.38 13.38 -28.31
N PRO C 273 -7.97 14.40 -27.56
CA PRO C 273 -7.63 14.20 -26.15
C PRO C 273 -8.85 13.79 -25.35
N LEU C 274 -8.57 13.23 -24.18
CA LEU C 274 -9.69 12.69 -23.41
C LEU C 274 -10.67 13.78 -23.05
N SER C 275 -10.15 15.02 -22.88
CA SER C 275 -10.89 16.20 -22.45
C SER C 275 -11.98 16.60 -23.44
N LYS C 276 -12.01 15.95 -24.60
CA LYS C 276 -12.89 16.28 -25.69
C LYS C 276 -14.07 15.36 -25.77
N PHE C 277 -14.25 14.46 -24.80
CA PHE C 277 -15.41 13.60 -24.78
C PHE C 277 -16.40 14.08 -23.74
N GLN C 278 -17.66 14.22 -24.14
CA GLN C 278 -18.68 14.84 -23.29
C GLN C 278 -18.72 14.27 -21.90
N ASN C 279 -18.48 12.97 -21.74
CA ASN C 279 -18.51 12.40 -20.40
C ASN C 279 -17.33 12.85 -19.55
N THR C 280 -16.15 12.93 -20.10
CA THR C 280 -15.09 13.35 -19.19
C THR C 280 -15.34 14.79 -18.71
N GLN C 281 -15.92 15.66 -19.58
CA GLN C 281 -16.25 17.04 -19.19
C GLN C 281 -17.31 17.04 -18.13
N PHE C 282 -18.42 16.35 -18.39
CA PHE C 282 -19.50 16.37 -17.43
C PHE C 282 -19.05 15.83 -16.10
N GLN C 283 -18.19 14.81 -16.08
CA GLN C 283 -17.67 14.35 -14.80
C GLN C 283 -16.82 15.39 -14.10
N LEU C 284 -15.93 16.06 -14.86
CA LEU C 284 -15.12 17.13 -14.31
C LEU C 284 -15.97 18.24 -13.72
N ALA C 285 -16.99 18.68 -14.45
CA ALA C 285 -18.01 19.58 -13.95
C ALA C 285 -18.57 19.14 -12.60
N ASP C 286 -19.02 17.88 -12.48
CA ASP C 286 -19.72 17.50 -11.25
C ASP C 286 -18.75 17.52 -10.10
N MET C 287 -17.48 17.24 -10.42
CA MET C 287 -16.45 17.20 -9.39
C MET C 287 -16.14 18.59 -8.89
N GLU C 288 -15.89 19.52 -9.82
CA GLU C 288 -15.61 20.89 -9.43
C GLU C 288 -16.76 21.49 -8.64
N VAL C 289 -18.01 21.23 -9.02
CA VAL C 289 -19.08 21.74 -8.17
C VAL C 289 -18.98 21.18 -6.75
N LYS C 290 -18.80 19.87 -6.59
CA LYS C 290 -18.71 19.37 -5.20
C LYS C 290 -17.56 20.02 -4.42
N VAL C 291 -16.40 20.22 -5.06
CA VAL C 291 -15.26 20.83 -4.39
C VAL C 291 -15.58 22.28 -3.98
N GLN C 292 -16.17 23.07 -4.91
CA GLN C 292 -16.53 24.45 -4.60
C GLN C 292 -17.53 24.53 -3.45
N ALA C 293 -18.55 23.70 -3.52
CA ALA C 293 -19.57 23.62 -2.48
C ALA C 293 -18.93 23.42 -1.12
N ALA C 294 -17.97 22.51 -1.11
CA ALA C 294 -17.26 22.13 0.10
C ALA C 294 -16.39 23.25 0.62
N ARG C 295 -15.58 23.86 -0.24
CA ARG C 295 -14.84 25.08 0.07
C ARG C 295 -15.68 26.03 0.92
N HIS C 296 -16.81 26.47 0.37
CA HIS C 296 -17.69 27.34 1.14
C HIS C 296 -18.01 26.75 2.52
N LEU C 297 -18.28 25.46 2.65
CA LEU C 297 -18.70 25.02 3.99
C LEU C 297 -17.55 25.04 4.98
N VAL C 298 -16.39 24.63 4.50
CA VAL C 298 -15.18 24.63 5.31
C VAL C 298 -14.89 26.01 5.87
N TYR C 299 -14.74 26.99 4.97
CA TYR C 299 -14.32 28.32 5.43
C TYR C 299 -15.41 29.06 6.16
N GLN C 300 -16.68 28.81 5.88
CA GLN C 300 -17.69 29.42 6.74
C GLN C 300 -17.55 28.96 8.20
N ALA C 301 -17.20 27.70 8.42
CA ALA C 301 -16.85 27.27 9.79
C ALA C 301 -15.67 28.07 10.35
N ALA C 302 -14.57 28.18 9.58
CA ALA C 302 -13.40 28.90 10.07
C ALA C 302 -13.77 30.31 10.46
N ILE C 303 -14.27 31.07 9.51
CA ILE C 303 -14.79 32.41 9.68
C ILE C 303 -15.57 32.51 10.97
N ASN C 304 -16.50 31.57 11.18
CA ASN C 304 -17.23 31.59 12.42
C ASN C 304 -16.31 31.56 13.63
N LYS C 305 -15.34 30.65 13.66
CA LYS C 305 -14.48 30.55 14.83
C LYS C 305 -13.71 31.85 15.07
N ASP C 306 -13.17 32.45 14.00
CA ASP C 306 -12.37 33.68 14.11
C ASP C 306 -13.20 34.85 14.57
N LEU C 307 -14.47 34.92 14.17
CA LEU C 307 -15.33 35.99 14.65
C LEU C 307 -15.92 35.67 16.00
N GLY C 308 -15.63 34.45 16.50
CA GLY C 308 -16.15 33.97 17.77
C GLY C 308 -17.64 33.76 17.83
N LYS C 309 -18.27 33.62 16.67
CA LYS C 309 -19.59 33.06 16.58
C LYS C 309 -19.43 31.57 16.86
N PRO C 310 -20.54 30.86 17.14
CA PRO C 310 -20.43 29.42 17.39
C PRO C 310 -20.16 28.70 16.11
N TYR C 311 -19.43 27.58 16.20
CA TYR C 311 -18.94 26.95 14.97
C TYR C 311 -19.02 25.41 14.93
N GLY C 312 -19.62 24.74 15.92
CA GLY C 312 -19.51 23.28 15.99
C GLY C 312 -20.35 22.46 15.00
N VAL C 313 -21.56 22.95 14.74
CA VAL C 313 -22.41 22.40 13.71
C VAL C 313 -21.85 22.74 12.35
N GLU C 314 -21.45 23.98 12.17
CA GLU C 314 -20.84 24.39 10.90
C GLU C 314 -19.68 23.51 10.57
N ALA C 315 -18.87 23.23 11.58
CA ALA C 315 -17.74 22.38 11.35
C ALA C 315 -18.19 20.97 10.99
N ALA C 316 -19.36 20.54 11.49
CA ALA C 316 -19.75 19.15 11.21
C ALA C 316 -20.28 19.02 9.81
N MET C 317 -21.01 20.04 9.33
CA MET C 317 -21.41 20.03 7.94
C MET C 317 -20.19 20.08 7.05
N ALA C 318 -19.16 20.83 7.45
CA ALA C 318 -17.98 20.76 6.59
C ALA C 318 -17.30 19.39 6.66
N LYS C 319 -17.31 18.73 7.82
CA LYS C 319 -16.63 17.45 7.86
C LYS C 319 -17.38 16.42 7.05
N LEU C 320 -18.68 16.27 7.30
CA LEU C 320 -19.46 15.33 6.50
C LEU C 320 -19.23 15.60 5.04
N PHE C 321 -19.57 16.82 4.57
CA PHE C 321 -19.62 17.02 3.14
C PHE C 321 -18.23 17.01 2.47
N ALA C 322 -17.21 17.61 3.06
CA ALA C 322 -15.94 17.44 2.36
C ALA C 322 -15.45 15.99 2.38
N ALA C 323 -15.68 15.24 3.45
CA ALA C 323 -15.19 13.86 3.48
C ALA C 323 -15.79 13.04 2.35
N GLU C 324 -17.12 13.04 2.24
CA GLU C 324 -17.79 12.45 1.09
C GLU C 324 -17.22 12.95 -0.22
N THR C 325 -17.01 14.28 -0.34
CA THR C 325 -16.58 14.87 -1.60
C THR C 325 -15.17 14.44 -1.97
N ALA C 326 -14.33 14.30 -0.95
CA ALA C 326 -13.01 13.77 -1.18
C ALA C 326 -13.06 12.37 -1.73
N MET C 327 -13.95 11.54 -1.19
CA MET C 327 -14.02 10.14 -1.59
C MET C 327 -14.54 10.00 -3.00
N GLU C 328 -15.64 10.69 -3.33
CA GLU C 328 -16.21 10.61 -4.68
C GLU C 328 -15.25 11.11 -5.71
N VAL C 329 -14.58 12.20 -5.39
CA VAL C 329 -13.78 12.87 -6.40
C VAL C 329 -12.50 12.11 -6.64
N THR C 330 -11.83 11.64 -5.58
CA THR C 330 -10.59 10.89 -5.79
C THR C 330 -10.88 9.66 -6.61
N THR C 331 -12.00 8.99 -6.30
CA THR C 331 -12.37 7.80 -7.04
C THR C 331 -12.58 8.12 -8.50
N LYS C 332 -13.37 9.18 -8.81
CA LYS C 332 -13.59 9.54 -10.21
C LYS C 332 -12.28 9.93 -10.87
N ALA C 333 -11.37 10.41 -10.06
CA ALA C 333 -10.08 10.85 -10.54
C ALA C 333 -9.26 9.68 -11.08
N VAL C 334 -9.06 8.64 -10.25
CA VAL C 334 -8.36 7.44 -10.71
C VAL C 334 -9.05 6.90 -11.95
N GLN C 335 -10.39 6.83 -11.89
CA GLN C 335 -11.14 6.28 -13.00
C GLN C 335 -10.72 6.94 -14.30
N LEU C 336 -10.63 8.26 -14.27
CA LEU C 336 -10.36 9.08 -15.45
C LEU C 336 -8.92 8.99 -15.90
N HIS C 337 -8.01 8.60 -15.02
CA HIS C 337 -6.70 8.28 -15.51
C HIS C 337 -6.62 6.92 -16.19
N GLY C 338 -7.63 6.05 -15.98
CA GLY C 338 -7.60 4.76 -16.65
C GLY C 338 -6.63 3.81 -15.95
N GLY C 339 -6.01 2.93 -16.72
CA GLY C 339 -5.07 2.01 -16.12
C GLY C 339 -3.99 2.74 -15.34
N TYR C 340 -3.50 3.83 -15.92
CA TYR C 340 -2.38 4.54 -15.34
C TYR C 340 -2.71 5.11 -13.97
N GLY C 341 -3.99 5.44 -13.74
CA GLY C 341 -4.41 5.90 -12.44
C GLY C 341 -4.18 4.89 -11.35
N TYR C 342 -4.27 3.60 -11.68
CA TYR C 342 -4.21 2.55 -10.68
C TYR C 342 -2.79 2.26 -10.29
N THR C 343 -1.84 2.56 -11.16
CA THR C 343 -0.43 2.46 -10.81
C THR C 343 -0.02 3.51 -9.78
N ARG C 344 1.04 3.19 -9.05
CA ARG C 344 1.56 4.08 -8.02
C ARG C 344 2.65 5.02 -8.49
N ASP C 345 2.96 5.03 -9.80
CA ASP C 345 3.83 6.06 -10.38
C ASP C 345 3.16 7.45 -10.33
N TYR C 346 1.85 7.54 -10.55
CA TYR C 346 0.94 8.66 -10.44
C TYR C 346 0.33 8.72 -9.04
N PRO C 347 -0.04 9.96 -8.60
CA PRO C 347 -0.45 10.20 -7.21
C PRO C 347 -1.90 10.05 -6.91
N VAL C 348 -2.76 10.09 -7.93
CA VAL C 348 -4.21 10.04 -7.72
C VAL C 348 -4.63 8.87 -6.83
N GLU C 349 -4.05 7.67 -7.04
CA GLU C 349 -4.44 6.54 -6.20
C GLU C 349 -4.10 6.84 -4.75
N ARG C 350 -2.92 7.39 -4.50
CA ARG C 350 -2.58 7.65 -3.10
C ARG C 350 -3.59 8.60 -2.51
N MET C 351 -3.90 9.71 -3.23
CA MET C 351 -4.98 10.57 -2.78
C MET C 351 -6.25 9.74 -2.46
N MET C 352 -6.63 8.79 -3.32
CA MET C 352 -7.85 8.03 -3.00
C MET C 352 -7.73 7.23 -1.68
N ARG C 353 -6.61 6.57 -1.46
CA ARG C 353 -6.43 5.89 -0.17
C ARG C 353 -6.39 6.89 0.98
N ASP C 354 -5.64 8.01 0.83
CA ASP C 354 -5.67 9.10 1.80
C ASP C 354 -7.10 9.54 2.13
N ALA C 355 -7.91 9.77 1.10
CA ALA C 355 -9.24 10.33 1.27
C ALA C 355 -10.06 9.57 2.30
N LYS C 356 -10.01 8.22 2.29
CA LYS C 356 -11.01 7.39 2.99
C LYS C 356 -11.06 7.73 4.47
N ILE C 357 -9.90 7.97 5.08
CA ILE C 357 -9.85 8.24 6.52
C ILE C 357 -10.58 9.55 6.91
N THR C 358 -10.66 10.54 6.00
CA THR C 358 -11.41 11.75 6.28
C THR C 358 -12.90 11.50 6.56
N GLU C 359 -13.41 10.30 6.29
CA GLU C 359 -14.77 9.97 6.72
C GLU C 359 -14.82 9.36 8.11
N ILE C 360 -13.68 9.11 8.73
CA ILE C 360 -13.64 8.30 9.93
C ILE C 360 -13.18 9.10 11.14
N TYR C 361 -12.01 9.71 11.08
CA TYR C 361 -11.37 10.11 12.32
C TYR C 361 -11.78 11.55 12.61
N GLU C 362 -11.43 11.98 13.81
CA GLU C 362 -11.94 13.19 14.42
C GLU C 362 -13.47 13.17 14.45
N GLY C 363 -14.02 11.96 14.52
CA GLY C 363 -15.45 11.79 14.45
C GLY C 363 -15.96 11.33 13.10
N THR C 364 -16.68 10.22 13.07
CA THR C 364 -17.11 9.60 11.83
C THR C 364 -18.27 10.36 11.20
N SER C 365 -18.50 10.13 9.91
CA SER C 365 -19.53 10.93 9.25
C SER C 365 -20.89 10.71 9.88
N GLU C 366 -21.07 9.58 10.55
CA GLU C 366 -22.30 9.31 11.27
C GLU C 366 -22.42 10.24 12.46
N VAL C 367 -21.33 10.39 13.21
CA VAL C 367 -21.27 11.35 14.30
C VAL C 367 -21.68 12.75 13.81
N GLN C 368 -21.16 13.14 12.63
CA GLN C 368 -21.53 14.45 12.11
C GLN C 368 -23.01 14.55 11.87
N ARG C 369 -23.61 13.46 11.35
CA ARG C 369 -25.06 13.43 11.11
C ARG C 369 -25.88 13.58 12.39
N MET C 370 -25.41 12.90 13.44
CA MET C 370 -25.95 13.05 14.77
C MET C 370 -25.91 14.52 15.24
N VAL C 371 -24.82 15.22 14.91
CA VAL C 371 -24.69 16.62 15.33
C VAL C 371 -25.68 17.51 14.62
N ILE C 372 -25.71 17.40 13.29
CA ILE C 372 -26.47 18.29 12.45
C ILE C 372 -27.96 18.14 12.72
N SER C 373 -28.40 16.88 12.78
CA SER C 373 -29.79 16.55 13.04
C SER C 373 -30.20 16.93 14.45
N GLY C 374 -29.27 16.80 15.42
CA GLY C 374 -29.55 17.21 16.79
C GLY C 374 -29.85 18.70 16.91
N LYS C 375 -28.91 19.58 16.34
CA LYS C 375 -29.31 21.00 16.32
C LYS C 375 -30.42 21.27 15.44
N LEU C 376 -31.08 20.37 14.78
CA LEU C 376 -32.20 20.69 13.92
C LEU C 376 -33.51 20.30 14.53
N LEU C 377 -33.44 19.30 15.38
CA LEU C 377 -34.64 18.71 15.88
C LEU C 377 -35.00 19.28 17.23
N LYS C 378 -34.03 19.92 17.90
CA LYS C 378 -34.33 21.11 18.70
C LYS C 378 -33.03 21.79 18.91
N MET D 1 -27.18 -57.99 42.13
CA MET D 1 -27.75 -59.29 41.83
C MET D 1 -26.63 -60.30 41.45
N GLY D 2 -25.56 -59.80 40.82
CA GLY D 2 -24.32 -60.52 40.60
C GLY D 2 -23.17 -59.94 41.44
N ASN D 3 -22.10 -59.52 40.78
CA ASN D 3 -20.99 -58.80 41.41
C ASN D 3 -20.67 -57.64 40.46
N VAL D 4 -19.97 -56.62 40.93
CA VAL D 4 -19.65 -55.47 40.06
C VAL D 4 -18.17 -55.51 39.73
N LEU D 5 -17.85 -55.62 38.45
CA LEU D 5 -16.48 -55.82 37.99
C LEU D 5 -15.91 -54.58 37.32
N VAL D 6 -14.67 -54.23 37.71
CA VAL D 6 -13.87 -53.20 37.05
C VAL D 6 -12.71 -53.86 36.31
N VAL D 7 -12.57 -53.56 35.03
CA VAL D 7 -11.52 -54.12 34.19
C VAL D 7 -10.31 -53.22 34.33
N ILE D 8 -9.29 -53.70 34.98
CA ILE D 8 -8.19 -52.82 35.34
C ILE D 8 -7.25 -52.66 34.14
N GLU D 9 -6.67 -51.46 34.05
CA GLU D 9 -5.73 -51.09 33.02
C GLU D 9 -4.34 -50.89 33.61
N GLN D 10 -3.34 -51.45 32.96
CA GLN D 10 -2.00 -51.32 33.49
C GLN D 10 -1.11 -51.00 32.32
N ARG D 11 -0.12 -50.16 32.54
CA ARG D 11 0.84 -49.88 31.48
C ARG D 11 2.24 -50.04 32.03
N GLU D 12 3.00 -50.98 31.47
CA GLU D 12 4.31 -51.32 31.98
C GLU D 12 4.28 -51.46 33.51
N ASN D 13 3.46 -52.41 33.95
CA ASN D 13 3.37 -52.88 35.34
C ASN D 13 3.03 -51.78 36.34
N VAL D 14 2.27 -50.76 35.93
CA VAL D 14 1.65 -49.81 36.85
C VAL D 14 0.17 -49.68 36.52
N ILE D 15 -0.66 -49.66 37.56
CA ILE D 15 -2.09 -49.45 37.37
C ILE D 15 -2.30 -48.01 36.94
N GLN D 16 -3.18 -47.81 35.97
CA GLN D 16 -3.59 -46.46 35.64
C GLN D 16 -4.60 -46.01 36.66
N THR D 17 -4.57 -44.71 36.95
CA THR D 17 -5.35 -44.15 38.05
C THR D 17 -6.85 -44.31 37.83
N VAL D 18 -7.30 -44.20 36.57
CA VAL D 18 -8.71 -44.34 36.27
C VAL D 18 -9.28 -45.63 36.83
N SER D 19 -8.46 -46.68 36.88
CA SER D 19 -8.90 -47.92 37.50
C SER D 19 -9.25 -47.71 38.97
N LEU D 20 -8.38 -47.04 39.72
CA LEU D 20 -8.69 -46.88 41.14
C LEU D 20 -9.92 -46.01 41.35
N GLU D 21 -10.12 -45.02 40.47
CA GLU D 21 -11.35 -44.26 40.56
C GLU D 21 -12.54 -45.16 40.34
N LEU D 22 -12.41 -46.05 39.35
CA LEU D 22 -13.50 -46.94 39.01
C LEU D 22 -13.81 -47.91 40.13
N LEU D 23 -12.80 -48.33 40.89
CA LEU D 23 -13.12 -49.18 42.02
C LEU D 23 -13.91 -48.40 43.05
N GLY D 24 -13.62 -47.09 43.20
CA GLY D 24 -14.49 -46.24 44.01
C GLY D 24 -15.96 -46.30 43.63
N LYS D 25 -16.27 -45.92 42.38
CA LYS D 25 -17.68 -45.94 41.97
C LYS D 25 -18.28 -47.35 42.04
N ALA D 26 -17.45 -48.37 41.81
CA ALA D 26 -17.90 -49.75 41.92
C ALA D 26 -18.38 -50.06 43.32
N THR D 27 -17.62 -49.67 44.35
CA THR D 27 -18.13 -49.88 45.70
C THR D 27 -19.42 -49.10 45.94
N GLU D 28 -19.62 -47.97 45.24
CA GLU D 28 -20.91 -47.30 45.43
C GLU D 28 -22.04 -48.07 44.78
N ILE D 29 -21.86 -48.43 43.51
CA ILE D 29 -22.89 -49.17 42.80
C ILE D 29 -23.14 -50.53 43.44
N ALA D 30 -22.08 -51.23 43.78
CA ALA D 30 -22.23 -52.56 44.37
C ALA D 30 -22.98 -52.48 45.68
N LYS D 31 -22.69 -51.46 46.49
CA LYS D 31 -23.41 -51.35 47.75
C LYS D 31 -24.88 -51.05 47.52
N ASP D 32 -25.19 -50.37 46.42
CA ASP D 32 -26.59 -50.13 46.05
C ASP D 32 -27.27 -51.39 45.50
N TYR D 33 -26.49 -52.43 45.24
CA TYR D 33 -26.98 -53.70 44.73
C TYR D 33 -26.96 -54.80 45.77
N ASP D 34 -26.35 -54.56 46.92
CA ASP D 34 -26.19 -55.53 48.01
C ASP D 34 -25.34 -56.73 47.59
N THR D 35 -24.37 -56.48 46.73
CA THR D 35 -23.34 -57.40 46.29
C THR D 35 -21.98 -56.73 46.44
N LYS D 36 -20.92 -57.48 46.19
CA LYS D 36 -19.53 -57.05 46.35
C LYS D 36 -18.90 -56.54 45.02
N VAL D 37 -17.56 -56.40 44.99
CA VAL D 37 -16.80 -55.73 43.93
C VAL D 37 -15.59 -56.56 43.50
N SER D 38 -15.40 -56.71 42.19
CA SER D 38 -14.34 -57.50 41.61
C SER D 38 -13.41 -56.70 40.72
N ALA D 39 -12.16 -57.14 40.68
CA ALA D 39 -11.14 -56.56 39.82
C ALA D 39 -10.70 -57.57 38.78
N LEU D 40 -10.67 -57.16 37.51
CA LEU D 40 -10.07 -57.96 36.45
C LEU D 40 -8.70 -57.38 36.13
N LEU D 41 -7.65 -58.11 36.43
CA LEU D 41 -6.28 -57.66 36.22
C LEU D 41 -5.64 -58.43 35.07
N LEU D 42 -5.13 -57.75 34.06
CA LEU D 42 -4.58 -58.43 32.90
C LEU D 42 -3.14 -57.96 32.67
N GLY D 43 -2.22 -58.91 32.50
CA GLY D 43 -0.82 -58.55 32.35
C GLY D 43 0.02 -59.77 32.10
N SER D 44 1.34 -59.61 32.09
CA SER D 44 2.25 -60.74 31.88
C SER D 44 2.82 -61.22 33.21
N LYS D 45 3.47 -60.33 33.95
CA LYS D 45 4.05 -60.65 35.26
C LYS D 45 3.45 -59.69 36.24
N VAL D 46 2.14 -59.67 36.26
CA VAL D 46 1.42 -58.59 36.88
C VAL D 46 1.35 -58.86 38.39
N GLU D 47 2.19 -59.76 38.89
CA GLU D 47 2.16 -60.08 40.31
C GLU D 47 2.58 -58.87 41.15
N GLY D 48 1.81 -58.58 42.20
CA GLY D 48 2.13 -57.52 43.13
C GLY D 48 1.24 -56.31 42.99
N LEU D 49 0.76 -56.08 41.75
CA LEU D 49 -0.41 -55.26 41.43
C LEU D 49 -1.65 -55.70 42.20
N ILE D 50 -1.61 -56.90 42.77
CA ILE D 50 -2.82 -57.51 43.31
C ILE D 50 -3.20 -56.90 44.66
N ASP D 51 -2.23 -56.84 45.60
CA ASP D 51 -2.50 -56.27 46.93
C ASP D 51 -2.89 -54.79 46.84
N THR D 52 -2.32 -54.08 45.88
CA THR D 52 -2.76 -52.74 45.55
C THR D 52 -4.26 -52.68 45.29
N LEU D 53 -4.72 -53.40 44.25
CA LEU D 53 -6.16 -53.40 44.01
C LEU D 53 -6.97 -53.70 45.28
N ALA D 54 -6.53 -54.66 46.09
CA ALA D 54 -7.29 -55.00 47.30
C ALA D 54 -7.42 -53.80 48.22
N HIS D 55 -6.31 -53.06 48.41
CA HIS D 55 -6.27 -51.84 49.21
C HIS D 55 -7.23 -50.76 48.72
N TYR D 56 -7.45 -50.66 47.39
CA TYR D 56 -8.34 -49.60 46.88
C TYR D 56 -9.78 -50.06 46.70
N GLY D 57 -10.20 -51.10 47.41
CA GLY D 57 -11.61 -51.46 47.48
C GLY D 57 -11.98 -52.78 46.84
N ALA D 58 -11.03 -53.47 46.22
CA ALA D 58 -11.34 -54.70 45.52
C ALA D 58 -11.57 -55.83 46.52
N ASP D 59 -12.62 -56.64 46.26
CA ASP D 59 -12.93 -57.83 47.05
C ASP D 59 -12.44 -59.13 46.42
N GLU D 60 -12.52 -59.22 45.11
CA GLU D 60 -12.00 -60.34 44.36
C GLU D 60 -11.07 -59.77 43.31
N VAL D 61 -9.95 -60.42 43.08
CA VAL D 61 -9.03 -59.96 42.06
C VAL D 61 -8.83 -61.09 41.07
N ILE D 62 -9.55 -61.05 39.95
CA ILE D 62 -9.40 -62.02 38.85
C ILE D 62 -8.11 -61.76 38.10
N VAL D 63 -7.19 -62.73 38.09
CA VAL D 63 -5.83 -62.49 37.63
C VAL D 63 -5.58 -63.37 36.43
N VAL D 64 -5.00 -62.79 35.37
CA VAL D 64 -4.64 -63.53 34.16
C VAL D 64 -3.19 -63.15 33.80
N ASP D 65 -2.22 -63.94 34.26
CA ASP D 65 -0.83 -63.71 33.92
C ASP D 65 -0.56 -64.56 32.70
N ASP D 66 -0.16 -63.93 31.59
CA ASP D 66 0.26 -64.67 30.42
C ASP D 66 1.13 -63.80 29.54
N GLU D 67 2.13 -64.40 28.91
CA GLU D 67 2.99 -63.54 28.12
C GLU D 67 2.34 -63.09 26.85
N ALA D 68 1.13 -63.55 26.57
CA ALA D 68 0.36 -62.96 25.48
C ALA D 68 -0.20 -61.59 25.87
N LEU D 69 -0.30 -61.32 27.16
CA LEU D 69 -0.80 -60.07 27.65
C LEU D 69 0.31 -59.10 27.99
N ALA D 70 1.56 -59.50 27.75
CA ALA D 70 2.69 -58.63 28.06
C ALA D 70 2.49 -57.25 27.47
N VAL D 71 2.19 -57.22 26.18
CA VAL D 71 1.99 -56.02 25.39
C VAL D 71 0.54 -56.00 24.93
N TYR D 72 -0.11 -54.84 25.01
CA TYR D 72 -1.52 -54.81 24.63
C TYR D 72 -1.73 -54.97 23.12
N THR D 73 -2.55 -55.93 22.82
CA THR D 73 -2.98 -56.26 21.50
C THR D 73 -4.45 -56.61 21.66
N THR D 74 -5.30 -56.08 20.79
CA THR D 74 -6.74 -56.08 21.04
C THR D 74 -7.30 -57.46 21.39
N GLU D 75 -7.06 -58.45 20.51
CA GLU D 75 -7.74 -59.74 20.64
C GLU D 75 -7.34 -60.55 21.87
N PRO D 76 -6.07 -60.78 22.20
CA PRO D 76 -5.79 -61.55 23.42
C PRO D 76 -6.49 -60.99 24.64
N TYR D 77 -6.60 -59.66 24.69
CA TYR D 77 -7.27 -59.00 25.79
C TYR D 77 -8.77 -59.22 25.73
N THR D 78 -9.35 -59.07 24.54
CA THR D 78 -10.77 -59.33 24.35
C THR D 78 -11.15 -60.75 24.75
N LYS D 79 -10.44 -61.75 24.22
CA LYS D 79 -10.71 -63.14 24.56
C LYS D 79 -10.63 -63.37 26.05
N ALA D 80 -9.59 -62.80 26.69
CA ALA D 80 -9.45 -62.97 28.13
C ALA D 80 -10.66 -62.40 28.86
N ALA D 81 -10.99 -61.15 28.59
CA ALA D 81 -12.09 -60.54 29.34
C ALA D 81 -13.40 -61.26 29.08
N TYR D 82 -13.70 -61.58 27.83
CA TYR D 82 -14.87 -62.38 27.53
C TYR D 82 -14.93 -63.60 28.44
N GLU D 83 -13.87 -64.43 28.43
CA GLU D 83 -13.91 -65.65 29.24
C GLU D 83 -14.20 -65.32 30.70
N ALA D 84 -13.52 -64.31 31.22
CA ALA D 84 -13.54 -64.06 32.66
C ALA D 84 -14.83 -63.40 33.10
N ILE D 85 -15.35 -62.50 32.29
CA ILE D 85 -16.60 -61.81 32.57
C ILE D 85 -17.75 -62.77 32.46
N LYS D 86 -17.78 -63.51 31.34
CA LYS D 86 -18.79 -64.55 31.13
C LYS D 86 -18.83 -65.50 32.31
N ALA D 87 -17.66 -65.77 32.90
CA ALA D 87 -17.51 -66.64 34.06
C ALA D 87 -17.92 -65.97 35.39
N ALA D 88 -17.58 -64.71 35.63
CA ALA D 88 -18.02 -64.10 36.87
C ALA D 88 -19.50 -63.75 36.88
N ASP D 89 -20.10 -63.61 35.71
CA ASP D 89 -21.48 -63.12 35.57
C ASP D 89 -21.68 -61.87 36.40
N PRO D 90 -21.02 -60.78 36.04
CA PRO D 90 -21.27 -59.53 36.75
C PRO D 90 -22.60 -58.93 36.39
N ILE D 91 -23.13 -58.17 37.33
CA ILE D 91 -24.26 -57.28 37.10
C ILE D 91 -23.84 -56.02 36.33
N VAL D 92 -22.59 -55.59 36.48
CA VAL D 92 -22.11 -54.35 35.89
C VAL D 92 -20.61 -54.47 35.66
N VAL D 93 -20.15 -54.03 34.49
CA VAL D 93 -18.74 -54.03 34.14
C VAL D 93 -18.29 -52.65 33.68
N LEU D 94 -17.23 -52.15 34.30
CA LEU D 94 -16.74 -50.81 34.05
C LEU D 94 -15.34 -50.84 33.47
N PHE D 95 -15.15 -50.14 32.36
CA PHE D 95 -13.81 -49.93 31.83
C PHE D 95 -13.40 -48.46 31.90
N GLY D 96 -12.09 -48.22 31.98
CA GLY D 96 -11.60 -46.88 31.83
C GLY D 96 -11.65 -46.49 30.37
N ALA D 97 -12.26 -45.32 30.10
CA ALA D 97 -12.35 -44.79 28.74
C ALA D 97 -11.03 -44.20 28.25
N THR D 98 -10.09 -45.09 27.92
CA THR D 98 -8.76 -44.82 27.42
C THR D 98 -8.67 -45.34 25.99
N SER D 99 -7.47 -45.24 25.39
CA SER D 99 -7.31 -45.84 24.07
C SER D 99 -7.33 -47.35 24.16
N ILE D 100 -6.93 -47.91 25.30
CA ILE D 100 -7.22 -49.31 25.52
C ILE D 100 -8.70 -49.51 25.75
N GLY D 101 -9.29 -48.82 26.71
CA GLY D 101 -10.65 -49.13 27.10
C GLY D 101 -11.68 -48.95 26.00
N ARG D 102 -11.60 -47.85 25.25
CA ARG D 102 -12.57 -47.51 24.21
C ARG D 102 -12.44 -48.36 22.96
N ASP D 103 -11.39 -49.20 22.91
CA ASP D 103 -11.06 -50.22 21.93
C ASP D 103 -11.47 -51.60 22.42
N LEU D 104 -11.23 -51.89 23.69
CA LEU D 104 -11.51 -53.20 24.24
C LEU D 104 -13.00 -53.44 24.49
N ALA D 105 -13.64 -52.53 25.24
CA ALA D 105 -15.04 -52.74 25.63
C ALA D 105 -15.99 -52.95 24.46
N PRO D 106 -16.02 -52.12 23.43
CA PRO D 106 -16.97 -52.38 22.35
C PRO D 106 -16.86 -53.77 21.76
N ARG D 107 -15.63 -54.31 21.68
CA ARG D 107 -15.42 -55.66 21.17
C ARG D 107 -15.96 -56.73 22.14
N VAL D 108 -15.77 -56.55 23.44
CA VAL D 108 -16.32 -57.49 24.42
C VAL D 108 -17.84 -57.44 24.40
N SER D 109 -18.41 -56.25 24.59
CA SER D 109 -19.87 -56.17 24.62
C SER D 109 -20.51 -56.77 23.38
N ALA D 110 -19.83 -56.77 22.21
CA ALA D 110 -20.42 -57.47 21.08
C ALA D 110 -20.35 -58.95 21.26
N ARG D 111 -19.16 -59.44 21.63
CA ARG D 111 -18.99 -60.89 21.77
C ARG D 111 -19.93 -61.48 22.82
N ILE D 112 -20.18 -60.74 23.91
CA ILE D 112 -21.20 -61.14 24.87
C ILE D 112 -22.61 -60.93 24.31
N HIS D 113 -22.80 -59.91 23.48
CA HIS D 113 -24.12 -59.42 23.06
C HIS D 113 -24.86 -58.80 24.24
N THR D 114 -24.29 -57.77 24.80
CA THR D 114 -24.98 -56.92 25.76
C THR D 114 -24.85 -55.49 25.25
N GLY D 115 -25.13 -54.50 26.07
CA GLY D 115 -25.08 -53.12 25.66
C GLY D 115 -23.99 -52.31 26.35
N LEU D 116 -23.41 -51.36 25.60
CA LEU D 116 -22.30 -50.54 26.08
C LEU D 116 -22.54 -49.04 25.87
N THR D 117 -22.17 -48.28 26.89
CA THR D 117 -22.24 -46.82 26.90
C THR D 117 -20.84 -46.22 27.03
N ALA D 118 -20.48 -45.32 26.12
CA ALA D 118 -19.13 -44.76 26.05
C ALA D 118 -18.97 -43.43 26.79
N ASP D 119 -17.72 -43.16 27.16
CA ASP D 119 -17.25 -41.94 27.78
C ASP D 119 -18.24 -41.41 28.78
N CYS D 120 -18.49 -42.18 29.82
CA CYS D 120 -19.55 -41.75 30.72
C CYS D 120 -19.02 -40.77 31.74
N THR D 121 -19.94 -39.98 32.28
CA THR D 121 -19.61 -39.07 33.38
C THR D 121 -20.50 -39.25 34.60
N GLY D 122 -21.52 -40.09 34.52
CA GLY D 122 -22.31 -40.28 35.72
C GLY D 122 -23.04 -41.60 35.76
N LEU D 123 -22.95 -42.28 36.90
CA LEU D 123 -23.53 -43.60 37.01
C LEU D 123 -24.25 -43.72 38.34
N ALA D 124 -25.53 -44.08 38.33
CA ALA D 124 -26.13 -44.48 39.60
C ALA D 124 -27.39 -45.27 39.34
N VAL D 125 -27.71 -46.19 40.23
CA VAL D 125 -28.78 -47.14 39.99
C VAL D 125 -30.09 -46.64 40.59
N ALA D 126 -31.14 -46.61 39.75
CA ALA D 126 -32.45 -46.09 40.12
C ALA D 126 -33.14 -46.97 41.17
N GLU D 127 -33.90 -46.35 42.05
CA GLU D 127 -34.57 -47.08 43.12
C GLU D 127 -35.66 -47.98 42.59
N ASP D 128 -36.49 -47.46 41.67
CA ASP D 128 -37.65 -48.19 41.14
C ASP D 128 -37.27 -49.26 40.12
N THR D 129 -36.62 -48.86 39.03
CA THR D 129 -36.19 -49.79 37.99
C THR D 129 -34.90 -50.56 38.33
N LYS D 130 -34.11 -50.08 39.28
CA LYS D 130 -32.88 -50.72 39.77
C LYS D 130 -31.86 -50.93 38.66
N LEU D 131 -31.98 -50.19 37.57
CA LEU D 131 -31.07 -50.20 36.44
C LEU D 131 -29.96 -49.20 36.63
N LEU D 132 -28.86 -49.43 35.93
CA LEU D 132 -27.74 -48.51 36.02
C LEU D 132 -28.04 -47.34 35.11
N LEU D 133 -28.19 -46.16 35.67
CA LEU D 133 -28.39 -44.94 34.89
C LEU D 133 -27.03 -44.35 34.54
N MET D 134 -26.62 -44.55 33.26
CA MET D 134 -25.33 -44.09 32.77
C MET D 134 -25.55 -42.82 31.95
N THR D 135 -25.05 -41.71 32.46
CA THR D 135 -25.22 -40.40 31.86
C THR D 135 -23.89 -40.02 31.26
N ARG D 136 -23.92 -39.73 29.97
CA ARG D 136 -22.81 -39.43 29.09
C ARG D 136 -23.14 -38.24 28.21
N PRO D 137 -22.14 -37.51 27.85
CA PRO D 137 -22.33 -36.36 26.97
C PRO D 137 -22.13 -36.57 25.48
N ALA D 138 -23.13 -36.21 24.70
CA ALA D 138 -23.05 -36.38 23.27
C ALA D 138 -23.24 -35.09 22.48
N PHE D 139 -23.06 -35.26 21.17
CA PHE D 139 -23.32 -34.25 20.18
C PHE D 139 -22.28 -33.14 20.35
N GLY D 140 -21.01 -33.53 20.28
CA GLY D 140 -19.96 -32.58 20.54
C GLY D 140 -20.06 -31.97 21.92
N GLY D 141 -20.72 -32.62 22.85
CA GLY D 141 -20.82 -32.13 24.20
C GLY D 141 -22.01 -31.28 24.49
N ASN D 142 -22.72 -30.84 23.46
CA ASN D 142 -23.85 -29.97 23.74
C ASN D 142 -25.06 -30.69 24.34
N ILE D 143 -25.06 -32.02 24.42
CA ILE D 143 -26.23 -32.76 24.90
C ILE D 143 -25.81 -33.69 26.04
N MET D 144 -26.71 -33.91 26.97
CA MET D 144 -26.42 -34.84 28.05
C MET D 144 -27.54 -35.87 28.11
N ALA D 145 -27.22 -37.12 27.77
CA ALA D 145 -28.23 -38.18 27.74
C ALA D 145 -27.92 -39.25 28.77
N THR D 146 -28.98 -39.90 29.23
CA THR D 146 -28.90 -41.00 30.17
C THR D 146 -29.42 -42.27 29.51
N ILE D 147 -28.55 -43.27 29.41
CA ILE D 147 -28.88 -44.53 28.76
C ILE D 147 -28.96 -45.66 29.78
N VAL D 148 -29.85 -46.62 29.49
CA VAL D 148 -30.04 -47.84 30.26
C VAL D 148 -30.04 -49.04 29.36
N CYS D 149 -29.60 -50.16 29.92
CA CYS D 149 -29.64 -51.49 29.31
C CYS D 149 -30.70 -52.30 30.05
N LYS D 150 -31.95 -52.17 29.59
CA LYS D 150 -33.10 -52.81 30.24
C LYS D 150 -32.84 -54.30 30.50
N ASP D 151 -32.64 -55.08 29.42
CA ASP D 151 -32.73 -56.53 29.48
C ASP D 151 -31.41 -57.28 29.46
N PHE D 152 -30.53 -57.02 28.51
CA PHE D 152 -29.30 -57.82 28.43
C PHE D 152 -28.41 -57.56 29.65
N ARG D 153 -27.67 -58.63 30.17
CA ARG D 153 -27.38 -58.53 31.60
C ARG D 153 -26.08 -57.86 31.98
N PRO D 154 -24.92 -58.21 31.47
CA PRO D 154 -23.72 -57.48 31.99
C PRO D 154 -23.82 -56.01 31.51
N GLN D 155 -24.32 -55.12 32.40
CA GLN D 155 -24.49 -53.70 32.11
C GLN D 155 -23.11 -53.08 32.04
N MET D 156 -22.69 -52.65 30.85
CA MET D 156 -21.31 -52.31 30.59
C MET D 156 -21.15 -50.84 30.19
N SER D 157 -20.07 -50.20 30.67
CA SER D 157 -19.76 -48.78 30.40
C SER D 157 -18.27 -48.42 30.47
N THR D 158 -17.83 -47.68 29.47
CA THR D 158 -16.53 -46.98 29.50
C THR D 158 -16.72 -45.60 30.11
N VAL D 159 -15.95 -45.32 31.17
CA VAL D 159 -16.13 -44.16 32.05
C VAL D 159 -14.94 -43.26 31.88
N ARG D 160 -15.20 -41.94 31.98
CA ARG D 160 -14.18 -40.94 31.70
C ARG D 160 -13.13 -40.87 32.80
N PRO D 161 -11.85 -40.93 32.44
CA PRO D 161 -10.81 -40.82 33.47
C PRO D 161 -10.95 -39.48 34.14
N GLY D 162 -10.73 -39.45 35.45
CA GLY D 162 -10.68 -38.19 36.19
C GLY D 162 -11.98 -37.69 36.80
N VAL D 163 -13.09 -38.34 36.50
CA VAL D 163 -14.43 -37.94 36.93
C VAL D 163 -14.85 -38.62 38.23
N MET D 164 -14.60 -39.93 38.37
CA MET D 164 -15.01 -40.66 39.56
C MET D 164 -13.96 -40.54 40.66
N LYS D 165 -14.39 -40.62 41.93
CA LYS D 165 -13.43 -40.48 43.02
C LYS D 165 -12.99 -41.82 43.61
N LYS D 166 -11.67 -41.96 43.85
CA LYS D 166 -11.04 -43.17 44.39
C LYS D 166 -11.49 -43.44 45.83
N ASN D 167 -10.98 -44.54 46.38
CA ASN D 167 -11.26 -44.94 47.76
C ASN D 167 -10.13 -44.53 48.66
N GLU D 168 -10.39 -44.57 49.94
CA GLU D 168 -9.27 -44.32 50.83
C GLU D 168 -8.48 -45.61 50.93
N PRO D 169 -7.22 -45.66 50.43
CA PRO D 169 -6.47 -46.92 50.49
C PRO D 169 -6.47 -47.50 51.90
N ASP D 170 -6.97 -48.75 51.99
CA ASP D 170 -7.02 -49.53 53.23
C ASP D 170 -5.98 -50.64 53.16
N GLU D 171 -4.95 -50.51 53.98
CA GLU D 171 -3.84 -51.43 53.95
C GLU D 171 -4.16 -52.75 54.62
N THR D 172 -5.24 -52.80 55.41
CA THR D 172 -5.55 -54.03 56.11
C THR D 172 -6.30 -55.04 55.24
N LYS D 173 -7.14 -54.57 54.32
CA LYS D 173 -7.97 -55.46 53.52
C LYS D 173 -7.15 -56.19 52.45
N GLU D 174 -7.17 -57.52 52.51
CA GLU D 174 -6.67 -58.42 51.48
C GLU D 174 -7.89 -58.99 50.78
N ALA D 175 -7.71 -59.43 49.53
CA ALA D 175 -8.88 -59.94 48.81
C ALA D 175 -8.64 -61.34 48.25
N VAL D 176 -9.69 -61.88 47.62
CA VAL D 176 -9.68 -63.22 47.10
C VAL D 176 -9.11 -63.18 45.69
N ILE D 177 -8.18 -64.09 45.42
CA ILE D 177 -7.33 -64.03 44.24
C ILE D 177 -7.77 -65.14 43.32
N ASN D 178 -8.13 -64.81 42.08
CA ASN D 178 -8.88 -65.78 41.28
C ASN D 178 -8.08 -66.60 40.29
N ARG D 179 -6.99 -66.08 39.71
CA ARG D 179 -6.00 -66.93 39.06
C ARG D 179 -6.61 -67.65 37.86
N PHE D 180 -7.34 -66.90 37.06
CA PHE D 180 -8.13 -67.40 35.94
C PHE D 180 -7.22 -67.72 34.77
N LYS D 181 -7.22 -68.98 34.34
CA LYS D 181 -6.35 -69.44 33.28
C LYS D 181 -7.08 -69.29 31.95
N VAL D 182 -6.34 -68.85 30.94
CA VAL D 182 -6.90 -68.65 29.60
C VAL D 182 -5.88 -69.07 28.56
N GLU D 183 -6.32 -69.89 27.58
CA GLU D 183 -5.42 -70.36 26.53
C GLU D 183 -5.52 -69.41 25.32
N PHE D 184 -4.39 -69.15 24.66
CA PHE D 184 -4.31 -68.17 23.55
C PHE D 184 -3.59 -68.80 22.37
N ASN D 185 -4.24 -68.81 21.20
CA ASN D 185 -3.67 -69.46 20.02
C ASN D 185 -3.72 -68.59 18.77
N ASP D 186 -3.36 -69.21 17.63
CA ASP D 186 -3.06 -68.53 16.37
C ASP D 186 -4.16 -67.55 15.96
N ALA D 187 -5.42 -67.98 15.96
CA ALA D 187 -6.62 -67.20 15.61
C ALA D 187 -6.93 -66.02 16.56
N ASP D 188 -6.03 -65.75 17.50
CA ASP D 188 -6.11 -64.65 18.43
C ASP D 188 -4.89 -63.75 18.36
N LYS D 189 -3.80 -64.33 17.94
CA LYS D 189 -2.49 -63.72 17.84
C LYS D 189 -2.28 -63.18 16.45
N LEU D 190 -3.37 -62.72 15.82
CA LEU D 190 -3.35 -62.38 14.42
C LEU D 190 -2.67 -61.07 14.12
N VAL D 191 -2.88 -60.08 15.00
CA VAL D 191 -2.14 -58.82 15.01
C VAL D 191 -0.82 -59.05 15.71
N GLN D 192 0.28 -58.72 15.05
CA GLN D 192 1.58 -58.89 15.70
C GLN D 192 2.26 -57.54 15.90
N VAL D 193 2.82 -57.35 17.10
CA VAL D 193 3.49 -56.11 17.44
C VAL D 193 4.91 -56.19 16.92
N VAL D 194 5.28 -55.29 16.00
CA VAL D 194 6.64 -55.31 15.49
C VAL D 194 7.55 -54.58 16.44
N GLN D 195 7.15 -53.36 16.82
CA GLN D 195 7.95 -52.44 17.62
C GLN D 195 7.07 -51.54 18.49
N VAL D 196 7.49 -51.40 19.75
CA VAL D 196 6.87 -50.46 20.68
C VAL D 196 7.82 -49.26 20.77
N ILE D 197 7.48 -48.17 20.08
CA ILE D 197 8.32 -46.97 20.10
C ILE D 197 7.58 -45.86 20.84
N LYS D 198 8.30 -45.14 21.71
CA LYS D 198 7.70 -44.11 22.54
C LYS D 198 8.21 -42.76 22.12
N GLU D 199 7.33 -41.92 21.61
CA GLU D 199 7.78 -40.60 21.23
C GLU D 199 7.14 -39.62 22.20
N ALA D 200 7.43 -38.33 22.00
CA ALA D 200 7.00 -37.26 22.89
C ALA D 200 5.64 -36.69 22.45
N LYS D 201 5.18 -35.70 23.24
CA LYS D 201 3.81 -35.18 23.22
C LYS D 201 3.44 -34.31 22.00
N LYS D 202 4.39 -33.98 21.11
CA LYS D 202 4.05 -33.40 19.80
C LYS D 202 3.32 -32.04 19.86
N GLN D 203 4.05 -30.96 20.14
CA GLN D 203 3.54 -29.58 20.13
C GLN D 203 2.53 -29.34 19.00
N VAL D 204 1.43 -28.63 19.30
CA VAL D 204 0.36 -28.35 18.34
C VAL D 204 0.11 -26.84 18.22
N LYS D 205 -0.63 -26.48 17.18
CA LYS D 205 -1.05 -25.11 16.96
C LYS D 205 -2.04 -24.64 18.03
N ILE D 206 -2.12 -23.34 18.27
CA ILE D 206 -2.93 -22.90 19.39
C ILE D 206 -4.42 -23.08 19.12
N GLU D 207 -4.86 -23.08 17.85
CA GLU D 207 -6.29 -23.28 17.57
C GLU D 207 -6.71 -24.68 18.03
N ASP D 208 -5.87 -25.68 17.76
CA ASP D 208 -6.09 -27.08 18.07
C ASP D 208 -5.75 -27.42 19.49
N ALA D 209 -5.27 -26.45 20.27
CA ALA D 209 -4.82 -26.70 21.62
C ALA D 209 -6.00 -27.08 22.50
N LYS D 210 -5.70 -27.68 23.63
CA LYS D 210 -6.73 -28.07 24.57
C LYS D 210 -6.83 -27.09 25.73
N ILE D 211 -5.68 -26.66 26.24
CA ILE D 211 -5.55 -25.66 27.30
C ILE D 211 -4.65 -24.57 26.77
N LEU D 212 -4.97 -23.32 27.07
CA LEU D 212 -4.07 -22.22 26.66
C LEU D 212 -3.73 -21.35 27.86
N VAL D 213 -2.45 -21.19 28.14
CA VAL D 213 -1.98 -20.15 29.03
C VAL D 213 -1.51 -19.02 28.14
N SER D 214 -2.13 -17.84 28.26
CA SER D 214 -1.94 -16.76 27.30
C SER D 214 -1.23 -15.58 27.95
N ALA D 215 -0.22 -15.06 27.26
CA ALA D 215 0.56 -13.92 27.74
C ALA D 215 -0.09 -12.56 27.47
N GLY D 216 0.01 -11.68 28.46
CA GLY D 216 -0.42 -10.31 28.31
C GLY D 216 0.74 -9.31 28.38
N ARG D 217 0.35 -8.04 28.32
CA ARG D 217 1.34 -7.02 28.55
C ARG D 217 1.83 -7.10 29.98
N GLY D 218 0.98 -7.58 30.90
CA GLY D 218 1.31 -7.63 32.32
C GLY D 218 2.58 -8.39 32.70
N MET D 219 2.94 -9.43 31.95
CA MET D 219 4.16 -10.20 32.24
C MET D 219 5.43 -9.34 32.16
N GLY D 220 5.51 -8.44 31.21
CA GLY D 220 6.53 -7.42 31.25
C GLY D 220 7.86 -7.74 30.60
N GLY D 221 7.97 -8.82 29.84
CA GLY D 221 9.23 -9.04 29.16
C GLY D 221 9.34 -10.37 28.47
N LYS D 222 10.30 -10.55 27.56
CA LYS D 222 10.33 -11.82 26.83
C LYS D 222 10.70 -12.97 27.74
N GLU D 223 11.84 -12.89 28.43
CA GLU D 223 12.24 -14.00 29.29
C GLU D 223 11.25 -14.23 30.42
N ASN D 224 10.47 -13.21 30.82
CA ASN D 224 9.44 -13.43 31.83
C ASN D 224 8.38 -14.40 31.37
N LEU D 225 8.28 -14.66 30.07
CA LEU D 225 7.30 -15.67 29.66
C LEU D 225 7.74 -17.08 30.00
N ASP D 226 8.99 -17.28 30.40
CA ASP D 226 9.44 -18.64 30.73
C ASP D 226 8.53 -19.30 31.74
N ILE D 227 8.06 -18.53 32.74
CA ILE D 227 7.19 -19.09 33.78
C ILE D 227 5.93 -19.71 33.17
N LEU D 228 5.36 -19.04 32.15
CA LEU D 228 4.17 -19.57 31.47
C LEU D 228 4.48 -20.84 30.73
N TYR D 229 5.58 -20.85 29.97
CA TYR D 229 6.03 -22.09 29.37
C TYR D 229 6.16 -23.20 30.44
N GLU D 230 6.65 -22.85 31.64
CA GLU D 230 6.72 -23.82 32.72
C GLU D 230 5.34 -24.34 33.09
N LEU D 231 4.39 -23.43 33.30
CA LEU D 231 3.04 -23.87 33.59
C LEU D 231 2.45 -24.65 32.43
N ALA D 232 2.78 -24.23 31.19
CA ALA D 232 2.29 -24.97 30.02
C ALA D 232 2.77 -26.41 30.03
N GLU D 233 3.95 -26.68 30.58
CA GLU D 233 4.39 -28.05 30.70
C GLU D 233 3.58 -28.82 31.71
N ILE D 234 3.16 -28.16 32.79
CA ILE D 234 2.44 -28.91 33.80
C ILE D 234 0.99 -29.21 33.35
N ILE D 235 0.44 -28.52 32.35
CA ILE D 235 -0.94 -28.80 31.94
C ILE D 235 -1.07 -29.41 30.55
N GLY D 236 -0.03 -29.43 29.74
CA GLY D 236 -0.11 -29.97 28.41
C GLY D 236 -0.48 -28.92 27.38
N GLY D 237 -1.19 -27.86 27.81
CA GLY D 237 -1.56 -26.80 26.91
C GLY D 237 -0.35 -26.02 26.45
N GLU D 238 -0.54 -25.19 25.42
CA GLU D 238 0.51 -24.31 24.93
C GLU D 238 0.28 -22.88 25.44
N VAL D 239 1.23 -21.97 25.11
CA VAL D 239 1.13 -20.54 25.43
C VAL D 239 0.77 -19.78 24.17
N SER D 240 -0.16 -18.85 24.34
CA SER D 240 -0.59 -17.89 23.33
C SER D 240 -0.47 -16.51 23.94
N GLY D 241 -0.99 -15.50 23.26
CA GLY D 241 -0.82 -14.16 23.80
C GLY D 241 -1.55 -13.12 23.00
N SER D 242 -1.64 -11.92 23.62
CA SER D 242 -2.25 -10.72 23.11
C SER D 242 -1.42 -10.08 22.02
N ARG D 243 -2.03 -9.21 21.23
CA ARG D 243 -1.23 -8.49 20.25
C ARG D 243 -0.09 -7.69 20.90
N ALA D 244 -0.23 -7.34 22.18
CA ALA D 244 0.83 -6.63 22.87
C ALA D 244 2.08 -7.47 22.90
N THR D 245 1.97 -8.72 23.30
CA THR D 245 3.14 -9.56 23.40
C THR D 245 3.78 -9.79 22.03
N ILE D 246 2.98 -10.02 20.98
CA ILE D 246 3.54 -10.26 19.64
C ILE D 246 4.24 -9.03 19.13
N ASP D 247 3.59 -7.86 19.25
CA ASP D 247 4.17 -6.61 18.80
C ASP D 247 5.55 -6.39 19.40
N ALA D 248 5.64 -6.56 20.72
CA ALA D 248 6.86 -6.41 21.49
C ALA D 248 7.93 -7.45 21.20
N GLY D 249 7.75 -8.36 20.26
CA GLY D 249 8.81 -9.30 19.95
C GLY D 249 8.91 -10.52 20.85
N TRP D 250 7.89 -10.76 21.70
CA TRP D 250 7.92 -11.87 22.65
C TRP D 250 7.42 -13.18 22.04
N LEU D 251 6.42 -13.15 21.15
CA LEU D 251 5.88 -14.38 20.57
C LEU D 251 5.66 -14.23 19.06
N ASP D 252 5.61 -15.38 18.35
CA ASP D 252 5.25 -15.38 16.93
C ASP D 252 3.82 -14.96 16.75
N LYS D 253 3.53 -14.42 15.56
CA LYS D 253 2.14 -14.10 15.25
C LYS D 253 1.24 -15.33 15.31
N ALA D 254 1.82 -16.51 15.08
CA ALA D 254 1.01 -17.72 15.19
C ALA D 254 0.41 -17.89 16.58
N ARG D 255 0.93 -17.19 17.57
CA ARG D 255 0.41 -17.27 18.92
C ARG D 255 -0.50 -16.09 19.26
N GLN D 256 -0.81 -15.20 18.32
CA GLN D 256 -1.66 -14.07 18.62
C GLN D 256 -3.10 -14.47 18.59
N VAL D 257 -3.88 -14.05 19.59
CA VAL D 257 -5.27 -14.50 19.71
C VAL D 257 -6.20 -13.31 19.60
N GLY D 258 -7.11 -13.30 18.60
CA GLY D 258 -8.19 -12.31 18.60
C GLY D 258 -8.51 -11.82 17.20
N GLN D 259 -9.28 -10.71 17.13
CA GLN D 259 -9.95 -10.31 15.89
C GLN D 259 -9.02 -10.27 14.70
N THR D 260 -7.71 -10.14 14.91
CA THR D 260 -6.78 -10.25 13.80
C THR D 260 -5.66 -11.26 14.05
N GLY D 261 -5.75 -12.04 15.11
CA GLY D 261 -4.90 -13.21 15.26
C GLY D 261 -5.68 -14.49 15.03
N LYS D 262 -5.73 -15.37 16.02
CA LYS D 262 -6.49 -16.60 15.87
C LYS D 262 -7.67 -16.61 16.83
N THR D 263 -8.78 -17.18 16.38
CA THR D 263 -9.99 -17.29 17.17
C THR D 263 -9.96 -18.69 17.78
N VAL D 264 -9.91 -18.79 19.08
CA VAL D 264 -9.62 -20.08 19.69
C VAL D 264 -10.73 -20.43 20.66
N ARG D 265 -11.12 -21.72 20.65
CA ARG D 265 -12.22 -22.17 21.50
C ARG D 265 -11.78 -23.38 22.32
N PRO D 266 -10.79 -23.21 23.22
CA PRO D 266 -10.27 -24.32 24.03
C PRO D 266 -11.03 -24.57 25.33
N ASP D 267 -10.68 -25.66 25.99
CA ASP D 267 -11.35 -26.03 27.24
C ASP D 267 -10.91 -25.15 28.39
N LEU D 268 -9.66 -24.70 28.41
CA LEU D 268 -9.28 -23.76 29.45
C LEU D 268 -8.47 -22.62 28.83
N TYR D 269 -8.70 -21.40 29.35
CA TYR D 269 -7.98 -20.21 28.95
C TYR D 269 -7.55 -19.46 30.20
N ILE D 270 -6.26 -19.31 30.39
CA ILE D 270 -5.74 -18.54 31.51
C ILE D 270 -5.13 -17.26 30.97
N ALA D 271 -5.79 -16.15 31.26
CA ALA D 271 -5.40 -14.83 30.82
C ALA D 271 -4.44 -14.25 31.85
N CYS D 272 -3.18 -14.21 31.51
CA CYS D 272 -2.16 -13.72 32.42
C CYS D 272 -1.82 -12.33 31.97
N GLY D 273 -2.26 -11.34 32.75
CA GLY D 273 -1.88 -9.95 32.55
C GLY D 273 -2.46 -9.35 31.30
N ILE D 274 -3.70 -9.71 30.99
CA ILE D 274 -4.36 -9.26 29.79
C ILE D 274 -5.52 -8.37 30.20
N SER D 275 -5.57 -7.16 29.64
CA SER D 275 -6.62 -6.24 30.02
C SER D 275 -7.94 -6.63 29.38
N GLY D 276 -7.89 -7.03 28.09
CA GLY D 276 -9.08 -7.46 27.38
C GLY D 276 -9.82 -6.44 26.52
N ALA D 277 -9.12 -5.87 25.56
CA ALA D 277 -9.86 -5.11 24.59
C ALA D 277 -10.78 -6.03 23.78
N ILE D 278 -11.83 -5.46 23.16
CA ILE D 278 -12.71 -6.35 22.41
C ILE D 278 -11.92 -7.01 21.31
N GLN D 279 -10.91 -6.29 20.77
CA GLN D 279 -10.03 -6.85 19.74
C GLN D 279 -9.46 -8.15 20.23
N HIS D 280 -9.30 -8.28 21.53
CA HIS D 280 -8.81 -9.54 22.05
C HIS D 280 -9.92 -10.50 22.41
N ILE D 281 -10.94 -10.02 23.15
CA ILE D 281 -11.98 -10.89 23.66
C ILE D 281 -12.74 -11.63 22.56
N ALA D 282 -13.05 -10.97 21.43
CA ALA D 282 -13.78 -11.70 20.40
C ALA D 282 -12.94 -12.80 19.79
N GLY D 283 -11.68 -12.90 20.18
CA GLY D 283 -10.88 -14.06 19.84
C GLY D 283 -11.11 -15.28 20.69
N MET D 284 -11.37 -15.12 22.00
CA MET D 284 -11.48 -16.24 22.91
C MET D 284 -12.70 -16.19 23.81
N GLU D 285 -13.69 -15.33 23.55
CA GLU D 285 -14.86 -15.30 24.44
C GLU D 285 -15.51 -16.68 24.54
N ASP D 286 -15.28 -17.54 23.54
CA ASP D 286 -15.97 -18.81 23.46
C ASP D 286 -15.18 -19.98 24.06
N ALA D 287 -14.31 -19.77 25.03
CA ALA D 287 -13.71 -20.96 25.61
C ALA D 287 -14.60 -21.53 26.69
N GLU D 288 -14.39 -22.80 26.99
CA GLU D 288 -15.26 -23.46 27.93
C GLU D 288 -15.10 -22.86 29.29
N PHE D 289 -13.88 -22.48 29.66
CA PHE D 289 -13.60 -22.02 31.01
C PHE D 289 -12.47 -21.01 31.02
N ILE D 290 -12.74 -19.81 31.52
CA ILE D 290 -11.79 -18.70 31.46
C ILE D 290 -11.39 -18.31 32.87
N VAL D 291 -10.09 -18.28 33.14
CA VAL D 291 -9.51 -17.82 34.39
C VAL D 291 -8.60 -16.66 34.06
N ALA D 292 -8.67 -15.59 34.85
CA ALA D 292 -7.90 -14.40 34.55
C ALA D 292 -7.19 -13.88 35.80
N ILE D 293 -5.94 -13.52 35.62
CA ILE D 293 -5.17 -12.81 36.63
C ILE D 293 -4.84 -11.41 36.10
N ASN D 294 -5.18 -10.40 36.90
CA ASN D 294 -4.85 -9.00 36.63
C ASN D 294 -4.64 -8.32 37.99
N LYS D 295 -3.79 -7.28 38.01
CA LYS D 295 -3.63 -6.48 39.22
C LYS D 295 -4.78 -5.50 39.43
N ASN D 296 -5.46 -5.11 38.34
CA ASN D 296 -6.53 -4.12 38.27
C ASN D 296 -7.89 -4.81 38.28
N PRO D 297 -8.76 -4.63 39.28
CA PRO D 297 -10.07 -5.32 39.24
C PRO D 297 -11.05 -4.74 38.23
N GLU D 298 -10.77 -3.58 37.68
CA GLU D 298 -11.62 -2.91 36.70
C GLU D 298 -11.22 -3.27 35.27
N ALA D 299 -10.41 -4.32 35.09
CA ALA D 299 -10.10 -4.81 33.76
C ALA D 299 -11.38 -5.18 33.01
N PRO D 300 -11.46 -4.92 31.70
CA PRO D 300 -12.70 -5.26 30.99
C PRO D 300 -12.86 -6.74 30.84
N ILE D 301 -11.77 -7.50 31.01
CA ILE D 301 -11.78 -8.94 31.22
C ILE D 301 -12.49 -9.07 32.58
N PHE D 302 -12.67 -10.26 33.13
CA PHE D 302 -13.36 -10.45 34.43
C PHE D 302 -14.83 -10.19 34.26
N LYS D 303 -15.17 -9.31 33.32
CA LYS D 303 -16.52 -9.30 32.83
C LYS D 303 -16.76 -10.59 32.10
N TYR D 304 -15.67 -11.32 31.79
CA TYR D 304 -15.72 -12.56 31.07
C TYR D 304 -15.21 -13.77 31.82
N ALA D 305 -14.58 -13.61 32.97
CA ALA D 305 -13.94 -14.76 33.60
C ALA D 305 -14.93 -15.55 34.42
N ASP D 306 -14.77 -16.85 34.35
CA ASP D 306 -15.44 -17.70 35.32
C ASP D 306 -14.74 -17.64 36.67
N VAL D 307 -13.43 -17.42 36.66
CA VAL D 307 -12.66 -17.25 37.89
C VAL D 307 -11.73 -16.05 37.68
N GLY D 308 -12.11 -14.90 38.23
CA GLY D 308 -11.30 -13.71 38.13
C GLY D 308 -10.46 -13.52 39.38
N ILE D 309 -9.17 -13.79 39.29
CA ILE D 309 -8.22 -13.59 40.38
C ILE D 309 -7.51 -12.28 40.16
N VAL D 310 -7.39 -11.49 41.24
CA VAL D 310 -6.76 -10.18 41.22
C VAL D 310 -5.46 -10.25 42.00
N GLY D 311 -4.35 -10.22 41.28
CA GLY D 311 -3.08 -10.32 41.97
C GLY D 311 -1.94 -10.10 40.99
N ASP D 312 -0.75 -10.13 41.57
CA ASP D 312 0.47 -10.03 40.79
C ASP D 312 0.66 -11.31 39.99
N VAL D 313 1.01 -11.17 38.73
CA VAL D 313 1.26 -12.38 37.95
C VAL D 313 2.49 -13.10 38.51
N HIS D 314 3.61 -12.39 38.67
CA HIS D 314 4.84 -13.05 39.11
C HIS D 314 4.78 -13.58 40.53
N LYS D 315 3.67 -13.40 41.25
CA LYS D 315 3.52 -13.99 42.57
C LYS D 315 2.40 -15.02 42.67
N VAL D 316 1.35 -14.86 41.91
CA VAL D 316 0.36 -15.90 41.80
C VAL D 316 0.94 -17.10 41.07
N LEU D 317 1.58 -16.87 39.92
CA LEU D 317 1.96 -17.97 39.04
C LEU D 317 2.87 -18.99 39.71
N PRO D 318 4.02 -18.62 40.29
CA PRO D 318 4.85 -19.67 40.90
C PRO D 318 4.18 -20.33 42.10
N GLU D 319 3.21 -19.66 42.74
CA GLU D 319 2.46 -20.29 43.81
C GLU D 319 1.51 -21.32 43.23
N LEU D 320 0.95 -21.03 42.04
CA LEU D 320 0.15 -22.00 41.30
C LEU D 320 1.00 -23.17 40.81
N ILE D 321 2.23 -22.89 40.40
CA ILE D 321 3.17 -23.93 40.03
C ILE D 321 3.50 -24.84 41.21
N SER D 322 3.88 -24.28 42.35
CA SER D 322 4.23 -25.14 43.47
C SER D 322 3.04 -25.96 43.94
N GLN D 323 1.85 -25.35 43.95
CA GLN D 323 0.67 -26.12 44.38
C GLN D 323 0.37 -27.25 43.40
N LEU D 324 0.54 -27.00 42.09
CA LEU D 324 0.21 -28.07 41.14
C LEU D 324 1.27 -29.16 41.07
N SER D 325 2.55 -28.79 41.09
CA SER D 325 3.57 -29.82 41.15
C SER D 325 3.44 -30.66 42.42
N VAL D 326 2.89 -30.09 43.52
CA VAL D 326 2.59 -30.95 44.67
C VAL D 326 1.35 -31.82 44.44
N ALA D 327 0.38 -31.34 43.65
CA ALA D 327 -0.78 -32.18 43.34
C ALA D 327 -0.39 -33.40 42.52
N LYS D 328 0.19 -33.19 41.33
CA LYS D 328 0.48 -34.33 40.47
C LYS D 328 1.76 -35.10 40.84
N GLU D 329 2.60 -34.61 41.78
CA GLU D 329 3.67 -35.45 42.32
C GLU D 329 3.13 -36.53 43.26
N LYS D 330 2.36 -36.12 44.28
CA LYS D 330 1.86 -37.05 45.28
C LYS D 330 0.69 -37.85 44.75
N GLY D 331 -0.27 -37.15 44.16
CA GLY D 331 -1.42 -37.74 43.50
C GLY D 331 -1.40 -37.48 42.00
N MET E 1 -6.75 -55.09 -5.20
CA MET E 1 -6.92 -55.02 -3.73
C MET E 1 -8.14 -54.24 -3.32
N ASN E 2 -9.04 -54.80 -2.56
CA ASN E 2 -10.33 -54.17 -2.39
C ASN E 2 -10.39 -53.51 -1.03
N ILE E 3 -10.75 -52.22 -1.03
CA ILE E 3 -10.88 -51.42 0.19
C ILE E 3 -12.29 -50.87 0.26
N VAL E 4 -12.96 -51.11 1.39
CA VAL E 4 -14.30 -50.58 1.66
C VAL E 4 -14.23 -49.68 2.87
N VAL E 5 -14.76 -48.45 2.71
CA VAL E 5 -14.71 -47.37 3.69
C VAL E 5 -16.13 -47.05 4.14
N CYS E 6 -16.32 -47.01 5.46
CA CYS E 6 -17.61 -46.66 6.04
C CYS E 6 -17.64 -45.19 6.46
N ILE E 7 -18.21 -44.35 5.66
CA ILE E 7 -18.28 -42.94 6.02
C ILE E 7 -19.67 -42.65 6.53
N LYS E 8 -19.79 -41.75 7.50
CA LYS E 8 -21.08 -41.36 8.08
C LYS E 8 -21.30 -39.85 7.97
N GLN E 9 -22.40 -39.44 7.35
CA GLN E 9 -22.72 -38.02 7.23
C GLN E 9 -23.22 -37.54 8.57
N VAL E 10 -22.53 -36.54 9.14
CA VAL E 10 -22.87 -35.95 10.44
C VAL E 10 -22.96 -34.43 10.42
N PRO E 11 -23.81 -33.85 11.25
CA PRO E 11 -23.80 -32.38 11.38
C PRO E 11 -22.57 -31.95 12.16
N ASP E 12 -21.88 -30.91 11.66
CA ASP E 12 -20.59 -30.55 12.25
C ASP E 12 -20.84 -30.04 13.65
N THR E 13 -20.63 -30.87 14.66
CA THR E 13 -21.10 -30.41 15.95
C THR E 13 -20.15 -29.44 16.61
N THR E 14 -19.03 -29.10 15.97
CA THR E 14 -18.28 -27.97 16.47
C THR E 14 -19.07 -26.67 16.31
N GLU E 15 -19.65 -26.48 15.13
CA GLU E 15 -20.36 -25.28 14.78
C GLU E 15 -21.66 -25.11 15.48
N VAL E 16 -21.95 -25.93 16.48
CA VAL E 16 -23.22 -25.87 17.20
C VAL E 16 -22.96 -25.06 18.45
N LYS E 17 -23.86 -24.13 18.73
CA LYS E 17 -23.82 -23.27 19.89
C LYS E 17 -25.20 -23.26 20.51
N LEU E 18 -25.29 -22.81 21.75
CA LEU E 18 -26.59 -22.67 22.37
C LEU E 18 -26.91 -21.19 22.46
N ASP E 19 -28.04 -20.80 21.91
CA ASP E 19 -28.47 -19.41 21.97
C ASP E 19 -28.76 -19.03 23.42
N PRO E 20 -28.03 -18.07 24.03
CA PRO E 20 -28.33 -17.68 25.41
C PRO E 20 -29.72 -17.10 25.62
N ASN E 21 -30.27 -16.35 24.67
CA ASN E 21 -31.60 -15.81 24.91
C ASN E 21 -32.73 -16.81 24.60
N THR E 22 -32.38 -18.05 24.27
CA THR E 22 -33.31 -19.18 24.38
C THR E 22 -32.86 -20.23 25.38
N GLY E 23 -31.56 -20.52 25.49
CA GLY E 23 -31.04 -21.59 26.32
C GLY E 23 -30.82 -22.88 25.54
N THR E 24 -31.63 -23.09 24.51
CA THR E 24 -31.69 -24.31 23.72
C THR E 24 -30.53 -24.37 22.73
N LEU E 25 -30.53 -25.43 21.89
CA LEU E 25 -29.51 -25.64 20.88
C LEU E 25 -29.89 -24.91 19.60
N ILE E 26 -28.92 -24.25 18.97
CA ILE E 26 -29.22 -23.48 17.76
C ILE E 26 -29.55 -24.45 16.64
N ARG E 27 -30.74 -24.27 16.07
CA ARG E 27 -31.39 -25.24 15.21
C ARG E 27 -30.55 -25.49 13.95
N ASP E 28 -30.48 -24.50 13.05
CA ASP E 28 -29.81 -24.63 11.77
C ASP E 28 -28.64 -23.65 11.67
N GLY E 29 -28.11 -23.49 10.46
CA GLY E 29 -26.84 -22.82 10.24
C GLY E 29 -25.66 -23.76 10.35
N VAL E 30 -25.92 -25.00 10.72
CA VAL E 30 -24.91 -26.04 10.88
C VAL E 30 -24.89 -26.94 9.65
N PRO E 31 -23.77 -27.06 8.92
CA PRO E 31 -23.73 -27.93 7.74
C PRO E 31 -23.75 -29.39 8.14
N SER E 32 -24.10 -30.24 7.17
CA SER E 32 -23.89 -31.69 7.25
C SER E 32 -22.69 -32.07 6.41
N ILE E 33 -21.81 -32.91 6.96
CA ILE E 33 -20.55 -33.30 6.29
C ILE E 33 -20.06 -34.68 6.69
N ILE E 34 -19.11 -35.18 5.89
CA ILE E 34 -18.40 -36.41 6.22
C ILE E 34 -17.68 -36.22 7.54
N ASN E 35 -17.99 -37.09 8.48
CA ASN E 35 -17.24 -37.11 9.71
C ASN E 35 -15.75 -37.07 9.41
N PRO E 36 -14.96 -36.36 10.19
CA PRO E 36 -13.59 -36.03 9.78
C PRO E 36 -12.60 -37.17 9.90
N ASP E 37 -12.77 -37.99 10.94
CA ASP E 37 -12.05 -39.27 11.02
C ASP E 37 -12.34 -40.10 9.77
N ASP E 38 -13.61 -40.11 9.37
CA ASP E 38 -13.99 -40.83 8.18
C ASP E 38 -13.33 -40.21 6.96
N LYS E 39 -13.31 -38.86 6.86
CA LYS E 39 -12.63 -38.26 5.71
C LYS E 39 -11.16 -38.68 5.68
N ALA E 40 -10.55 -38.85 6.87
CA ALA E 40 -9.16 -39.28 6.94
C ALA E 40 -9.01 -40.68 6.40
N GLY E 41 -9.93 -41.57 6.83
CA GLY E 41 -9.97 -42.93 6.30
C GLY E 41 -10.10 -42.94 4.80
N LEU E 42 -11.12 -42.26 4.30
CA LEU E 42 -11.30 -42.12 2.87
C LEU E 42 -10.01 -41.61 2.18
N GLU E 43 -9.28 -40.73 2.87
CA GLU E 43 -8.04 -40.22 2.33
C GLU E 43 -7.02 -41.34 2.22
N GLU E 44 -6.83 -42.08 3.32
CA GLU E 44 -5.82 -43.14 3.34
C GLU E 44 -6.11 -44.21 2.28
N ALA E 45 -7.40 -44.45 2.01
CA ALA E 45 -7.80 -45.35 0.93
C ALA E 45 -7.45 -44.77 -0.44
N ILE E 46 -7.85 -43.54 -0.74
CA ILE E 46 -7.51 -43.06 -2.08
C ILE E 46 -6.00 -42.99 -2.27
N LYS E 47 -5.27 -42.74 -1.18
CA LYS E 47 -3.82 -42.84 -1.24
C LYS E 47 -3.41 -44.23 -1.70
N LEU E 48 -4.01 -45.27 -1.09
CA LEU E 48 -3.70 -46.64 -1.49
C LEU E 48 -4.14 -46.94 -2.93
N LYS E 49 -5.27 -46.39 -3.38
CA LYS E 49 -5.62 -46.49 -4.80
C LYS E 49 -4.55 -45.87 -5.66
N GLU E 50 -3.83 -44.88 -5.14
CA GLU E 50 -2.84 -44.21 -5.97
C GLU E 50 -1.51 -44.92 -5.99
N GLU E 51 -1.08 -45.48 -4.87
CA GLU E 51 0.19 -46.19 -4.82
C GLU E 51 0.02 -47.65 -5.29
N MET E 52 -0.85 -48.42 -4.61
CA MET E 52 -1.05 -49.86 -4.84
C MET E 52 -2.00 -50.21 -5.96
N GLY E 53 -2.77 -49.29 -6.49
CA GLY E 53 -3.73 -49.68 -7.49
C GLY E 53 -4.99 -50.30 -6.94
N ALA E 54 -5.33 -50.02 -5.69
CA ALA E 54 -6.49 -50.61 -5.05
C ALA E 54 -7.81 -50.02 -5.58
N HIS E 55 -8.91 -50.56 -5.05
CA HIS E 55 -10.27 -50.24 -5.49
C HIS E 55 -11.07 -49.81 -4.27
N VAL E 56 -11.47 -48.54 -4.29
CA VAL E 56 -12.14 -47.98 -3.16
C VAL E 56 -13.64 -47.94 -3.44
N THR E 57 -14.35 -48.64 -2.56
CA THR E 57 -15.80 -48.60 -2.47
C THR E 57 -16.15 -47.87 -1.18
N VAL E 58 -17.20 -47.07 -1.21
CA VAL E 58 -17.60 -46.34 -0.02
C VAL E 58 -19.08 -46.57 0.27
N ILE E 59 -19.42 -46.79 1.56
CA ILE E 59 -20.79 -47.06 1.97
C ILE E 59 -21.18 -46.13 3.13
N THR E 60 -22.45 -45.66 3.15
CA THR E 60 -22.97 -44.81 4.24
C THR E 60 -24.41 -45.24 4.55
N MET E 61 -24.71 -45.41 5.84
CA MET E 61 -26.08 -45.60 6.31
C MET E 61 -26.74 -44.30 6.78
N GLY E 62 -27.83 -43.90 6.14
CA GLY E 62 -28.65 -42.82 6.63
C GLY E 62 -29.69 -42.46 5.60
N PRO E 63 -30.24 -41.25 5.65
CA PRO E 63 -31.36 -40.90 4.76
C PRO E 63 -30.87 -40.40 3.41
N PRO E 64 -31.77 -40.18 2.44
CA PRO E 64 -31.34 -39.76 1.10
C PRO E 64 -30.24 -38.72 1.05
N GLN E 65 -30.34 -37.74 1.95
CA GLN E 65 -29.33 -36.68 2.04
C GLN E 65 -27.91 -37.21 2.14
N ALA E 66 -27.72 -38.43 2.68
CA ALA E 66 -26.36 -38.90 2.85
C ALA E 66 -25.73 -39.24 1.51
N ASP E 67 -26.53 -39.20 0.45
CA ASP E 67 -26.00 -39.28 -0.89
C ASP E 67 -24.88 -38.27 -1.11
N MET E 68 -25.09 -37.03 -0.64
CA MET E 68 -24.09 -35.97 -0.86
C MET E 68 -22.75 -36.35 -0.28
N ALA E 69 -22.77 -37.01 0.89
CA ALA E 69 -21.53 -37.50 1.48
C ALA E 69 -20.79 -38.42 0.52
N LEU E 70 -21.47 -39.41 -0.02
CA LEU E 70 -20.84 -40.31 -0.96
C LEU E 70 -20.41 -39.61 -2.23
N LYS E 71 -21.21 -38.64 -2.71
CA LYS E 71 -20.76 -37.98 -3.92
C LYS E 71 -19.48 -37.18 -3.67
N GLU E 72 -19.35 -36.57 -2.48
CA GLU E 72 -18.09 -35.89 -2.18
C GLU E 72 -16.94 -36.87 -2.27
N ALA E 73 -17.11 -38.03 -1.61
CA ALA E 73 -16.13 -39.13 -1.60
C ALA E 73 -15.77 -39.58 -3.01
N LEU E 74 -16.76 -39.62 -3.88
CA LEU E 74 -16.49 -40.02 -5.25
C LEU E 74 -15.60 -39.00 -5.93
N ALA E 75 -15.93 -37.70 -5.82
CA ALA E 75 -15.10 -36.77 -6.58
C ALA E 75 -13.74 -36.62 -5.96
N MET E 76 -13.54 -37.14 -4.74
CA MET E 76 -12.20 -37.11 -4.16
C MET E 76 -11.30 -38.19 -4.73
N GLY E 77 -11.89 -39.27 -5.28
CA GLY E 77 -11.15 -40.40 -5.79
C GLY E 77 -11.73 -41.79 -5.58
N ALA E 78 -12.78 -41.94 -4.78
CA ALA E 78 -13.41 -43.25 -4.61
C ALA E 78 -13.95 -43.77 -5.96
N ASP E 79 -14.15 -45.09 -6.01
CA ASP E 79 -14.57 -45.77 -7.24
C ASP E 79 -16.05 -46.09 -7.25
N ARG E 80 -16.58 -46.51 -6.12
CA ARG E 80 -17.96 -46.95 -6.03
C ARG E 80 -18.64 -46.37 -4.81
N GLY E 81 -19.93 -46.11 -4.94
CA GLY E 81 -20.60 -45.73 -3.72
C GLY E 81 -21.97 -46.27 -3.42
N ILE E 82 -22.19 -46.74 -2.21
CA ILE E 82 -23.41 -47.41 -1.79
C ILE E 82 -24.08 -46.63 -0.66
N LEU E 83 -25.34 -46.29 -0.85
CA LEU E 83 -26.12 -45.65 0.20
C LEU E 83 -27.22 -46.59 0.72
N LEU E 84 -27.23 -46.82 2.05
CA LEU E 84 -28.10 -47.80 2.72
C LEU E 84 -29.19 -47.16 3.59
N THR E 85 -30.45 -47.22 3.12
CA THR E 85 -31.55 -46.56 3.78
C THR E 85 -32.64 -47.55 4.16
N ASP E 86 -33.06 -47.61 5.42
CA ASP E 86 -34.30 -48.35 5.68
C ASP E 86 -34.98 -47.90 6.98
N ARG E 87 -36.33 -47.87 6.93
CA ARG E 87 -37.22 -47.60 8.06
C ARG E 87 -36.89 -48.51 9.24
N ALA E 88 -36.36 -49.69 8.90
CA ALA E 88 -35.99 -50.71 9.87
C ALA E 88 -34.98 -50.22 10.86
N PHE E 89 -34.08 -49.32 10.43
CA PHE E 89 -32.91 -49.01 11.22
C PHE E 89 -33.21 -48.03 12.33
N ALA E 90 -34.40 -47.43 12.29
CA ALA E 90 -34.87 -46.40 13.21
C ALA E 90 -34.59 -46.69 14.66
N GLY E 91 -33.74 -45.90 15.28
CA GLY E 91 -33.53 -46.07 16.70
C GLY E 91 -32.38 -46.94 17.03
N ALA E 92 -31.64 -47.38 16.03
CA ALA E 92 -30.55 -48.32 16.24
C ALA E 92 -29.49 -47.75 17.19
N ASP E 93 -29.02 -48.56 18.12
CA ASP E 93 -27.86 -48.24 18.93
C ASP E 93 -26.63 -48.84 18.25
N THR E 94 -25.49 -48.97 18.93
CA THR E 94 -24.27 -49.27 18.20
C THR E 94 -24.17 -50.74 17.85
N TRP E 95 -24.83 -51.60 18.63
CA TRP E 95 -24.99 -52.99 18.24
C TRP E 95 -25.80 -53.10 16.98
N ALA E 96 -26.99 -52.51 17.01
CA ALA E 96 -27.94 -52.62 15.93
C ALA E 96 -27.46 -51.92 14.68
N THR E 97 -26.40 -51.14 14.81
CA THR E 97 -25.83 -50.35 13.74
C THR E 97 -24.67 -51.08 13.10
N SER E 98 -23.72 -51.51 13.92
CA SER E 98 -22.68 -52.37 13.40
C SER E 98 -23.25 -53.64 12.79
N SER E 99 -24.36 -54.18 13.34
CA SER E 99 -24.83 -55.41 12.72
C SER E 99 -25.33 -55.12 11.32
N ALA E 100 -26.08 -54.01 11.14
CA ALA E 100 -26.51 -53.63 9.81
C ALA E 100 -25.33 -53.45 8.86
N LEU E 101 -24.37 -52.59 9.21
CA LEU E 101 -23.26 -52.40 8.29
C LEU E 101 -22.53 -53.70 7.96
N ALA E 102 -22.26 -54.50 8.99
CA ALA E 102 -21.62 -55.78 8.78
C ALA E 102 -22.40 -56.60 7.77
N GLY E 103 -23.70 -56.64 7.94
CA GLY E 103 -24.52 -57.42 7.03
C GLY E 103 -24.46 -56.92 5.61
N ALA E 104 -24.27 -55.63 5.41
CA ALA E 104 -24.00 -55.14 4.07
C ALA E 104 -22.65 -55.63 3.56
N LEU E 105 -21.62 -55.61 4.42
CA LEU E 105 -20.27 -56.03 4.01
C LEU E 105 -20.21 -57.50 3.60
N LYS E 106 -21.14 -58.33 4.09
CA LYS E 106 -21.30 -59.66 3.54
C LYS E 106 -21.45 -59.65 2.02
N ASN E 107 -21.89 -58.53 1.44
CA ASN E 107 -22.15 -58.40 0.01
C ASN E 107 -21.32 -57.31 -0.65
N ILE E 108 -20.17 -56.98 -0.09
CA ILE E 108 -19.27 -56.04 -0.71
C ILE E 108 -17.88 -56.62 -0.60
N ASP E 109 -17.30 -57.04 -1.73
CA ASP E 109 -15.97 -57.62 -1.66
C ASP E 109 -14.99 -56.67 -0.99
N PHE E 110 -14.32 -57.16 0.05
CA PHE E 110 -13.29 -56.39 0.70
C PHE E 110 -12.06 -57.21 1.02
N ASP E 111 -10.99 -56.47 1.23
CA ASP E 111 -9.76 -56.95 1.84
C ASP E 111 -9.32 -56.14 3.04
N ILE E 112 -9.58 -54.83 2.99
CA ILE E 112 -9.42 -53.93 4.15
C ILE E 112 -10.74 -53.20 4.35
N ILE E 113 -11.18 -53.12 5.60
CA ILE E 113 -12.32 -52.27 5.93
C ILE E 113 -11.83 -51.15 6.80
N ILE E 114 -12.06 -49.92 6.36
CA ILE E 114 -11.66 -48.70 7.06
C ILE E 114 -12.88 -47.93 7.55
N ALA E 115 -12.86 -47.58 8.84
CA ALA E 115 -13.85 -46.69 9.43
C ALA E 115 -13.16 -45.67 10.35
N GLY E 116 -13.88 -44.59 10.73
CA GLY E 116 -13.31 -43.62 11.63
C GLY E 116 -13.39 -44.07 13.08
N ARG E 117 -12.51 -43.52 13.92
CA ARG E 117 -12.64 -43.74 15.35
C ARG E 117 -14.01 -43.27 15.88
N GLN E 118 -14.29 -41.99 15.80
CA GLN E 118 -15.47 -41.45 16.46
C GLN E 118 -16.29 -40.53 15.55
N ALA E 119 -17.59 -40.69 15.62
CA ALA E 119 -18.56 -39.80 14.98
C ALA E 119 -18.92 -38.65 15.89
N ILE E 120 -18.82 -37.44 15.36
CA ILE E 120 -18.87 -36.24 16.18
C ILE E 120 -20.28 -35.94 16.69
N ASP E 121 -21.27 -36.78 16.37
CA ASP E 121 -22.64 -36.53 16.85
C ASP E 121 -23.17 -37.59 17.80
N GLY E 122 -22.65 -38.80 17.76
CA GLY E 122 -23.11 -39.79 18.71
C GLY E 122 -22.04 -39.95 19.73
N ASP E 123 -20.82 -39.72 19.26
CA ASP E 123 -19.65 -39.65 20.09
C ASP E 123 -19.33 -40.97 20.82
N THR E 124 -19.70 -42.13 20.31
CA THR E 124 -19.40 -43.35 21.06
C THR E 124 -18.13 -44.04 20.63
N ALA E 125 -17.80 -43.97 19.35
CA ALA E 125 -16.55 -44.54 18.89
C ALA E 125 -16.54 -46.03 19.17
N GLN E 126 -17.72 -46.63 18.99
CA GLN E 126 -18.02 -48.04 19.26
C GLN E 126 -18.38 -48.84 18.03
N VAL E 127 -18.82 -48.20 16.96
CA VAL E 127 -19.32 -48.97 15.82
C VAL E 127 -18.19 -49.69 15.08
N GLY E 128 -17.05 -49.06 14.91
CA GLY E 128 -15.95 -49.66 14.19
C GLY E 128 -15.57 -51.04 14.65
N PRO E 129 -15.23 -51.15 15.93
CA PRO E 129 -14.80 -52.45 16.46
C PRO E 129 -15.91 -53.45 16.54
N GLN E 130 -17.15 -53.02 16.78
CA GLN E 130 -18.24 -53.98 16.80
C GLN E 130 -18.47 -54.56 15.41
N ILE E 131 -18.48 -53.73 14.36
CA ILE E 131 -18.52 -54.28 13.00
C ILE E 131 -17.45 -55.36 12.83
N ALA E 132 -16.22 -55.07 13.25
CA ALA E 132 -15.20 -56.10 13.05
C ALA E 132 -15.51 -57.36 13.85
N GLU E 133 -16.09 -57.23 15.04
CA GLU E 133 -16.47 -58.41 15.79
C GLU E 133 -17.57 -59.19 15.05
N HIS E 134 -18.63 -58.51 14.64
CA HIS E 134 -19.71 -59.18 13.93
C HIS E 134 -19.18 -59.98 12.77
N LEU E 135 -18.20 -59.44 12.07
CA LEU E 135 -17.55 -60.08 10.93
C LEU E 135 -16.34 -60.93 11.30
N ASN E 136 -16.06 -61.09 12.59
CA ASN E 136 -15.01 -61.99 13.06
C ASN E 136 -13.67 -61.79 12.33
N LEU E 137 -13.26 -60.48 12.22
CA LEU E 137 -12.07 -59.87 11.65
C LEU E 137 -11.18 -59.23 12.70
N PRO E 138 -9.87 -59.38 12.57
CA PRO E 138 -8.96 -58.64 13.47
C PRO E 138 -9.13 -57.16 13.20
N SER E 139 -9.10 -56.35 14.27
CA SER E 139 -9.21 -54.88 14.11
C SER E 139 -8.07 -54.11 14.80
N ILE E 140 -7.72 -52.98 14.18
CA ILE E 140 -6.72 -52.04 14.68
C ILE E 140 -7.38 -50.66 14.80
N THR E 141 -7.23 -50.01 15.95
CA THR E 141 -7.86 -48.72 16.18
C THR E 141 -6.80 -47.61 16.22
N TYR E 142 -7.23 -46.37 16.49
CA TYR E 142 -6.32 -45.24 16.77
C TYR E 142 -5.11 -45.25 15.85
N ALA E 143 -5.40 -45.33 14.55
CA ALA E 143 -4.41 -45.56 13.50
C ALA E 143 -3.86 -44.27 12.94
N GLU E 144 -2.54 -44.05 13.03
CA GLU E 144 -1.93 -42.79 12.63
C GLU E 144 -1.14 -42.87 11.34
N GLU E 145 -0.85 -44.08 10.85
CA GLU E 145 -0.20 -44.33 9.57
C GLU E 145 -0.70 -45.66 9.10
N ILE E 146 -0.92 -45.83 7.79
CA ILE E 146 -1.33 -47.11 7.19
C ILE E 146 -0.58 -47.38 5.89
N LYS E 147 0.16 -48.48 5.84
CA LYS E 147 0.95 -48.89 4.67
C LYS E 147 0.65 -50.36 4.35
N THR E 148 0.80 -50.80 3.08
CA THR E 148 0.74 -52.24 2.83
C THR E 148 1.96 -52.76 2.10
N GLU E 149 2.33 -53.98 2.49
CA GLU E 149 3.35 -54.81 1.84
C GLU E 149 2.70 -56.16 1.55
N GLY E 150 2.56 -56.48 0.27
CA GLY E 150 1.97 -57.75 -0.10
C GLY E 150 0.63 -57.98 0.53
N GLU E 151 0.45 -59.13 1.14
CA GLU E 151 -0.83 -59.57 1.67
C GLU E 151 -1.10 -58.99 3.03
N TYR E 152 -0.21 -58.11 3.48
CA TYR E 152 -0.19 -57.63 4.85
C TYR E 152 -0.35 -56.13 4.92
N VAL E 153 -1.00 -55.69 5.99
CA VAL E 153 -1.10 -54.28 6.39
C VAL E 153 -0.10 -54.01 7.51
N LEU E 154 0.51 -52.83 7.47
CA LEU E 154 1.32 -52.29 8.54
C LEU E 154 0.64 -51.02 9.04
N VAL E 155 0.43 -50.92 10.33
CA VAL E 155 -0.31 -49.80 10.91
C VAL E 155 0.42 -49.25 12.14
N LYS E 156 0.49 -47.93 12.28
CA LYS E 156 0.94 -47.36 13.55
C LYS E 156 -0.26 -47.06 14.45
N ARG E 157 -0.19 -47.54 15.67
CA ARG E 157 -1.28 -47.47 16.62
C ARG E 157 -0.90 -46.45 17.67
N GLN E 158 -1.75 -45.43 17.87
CA GLN E 158 -1.38 -44.31 18.72
C GLN E 158 -1.85 -44.55 20.14
N PHE E 159 -0.98 -44.30 21.11
CA PHE E 159 -1.37 -44.38 22.50
C PHE E 159 -0.99 -43.12 23.25
N GLU E 160 -1.69 -42.95 24.36
CA GLU E 160 -1.37 -41.97 25.38
C GLU E 160 0.12 -41.81 25.50
N ASP E 161 0.85 -42.90 25.45
CA ASP E 161 2.27 -42.81 25.72
C ASP E 161 3.15 -43.34 24.62
N CYS E 162 2.74 -44.41 23.97
CA CYS E 162 3.58 -45.00 22.96
C CYS E 162 2.89 -44.97 21.61
N CYS E 163 3.51 -45.64 20.65
CA CYS E 163 2.80 -45.98 19.44
C CYS E 163 3.41 -47.29 18.94
N HIS E 164 2.54 -48.23 18.54
CA HIS E 164 2.94 -49.56 18.12
C HIS E 164 3.07 -49.63 16.61
N ASP E 165 4.13 -50.25 16.13
CA ASP E 165 4.21 -50.60 14.71
C ASP E 165 3.67 -52.03 14.54
N LEU E 166 2.50 -52.18 13.91
CA LEU E 166 1.77 -53.44 13.80
C LEU E 166 1.73 -53.96 12.37
N LYS E 167 1.44 -55.27 12.26
CA LYS E 167 1.42 -56.08 11.03
C LYS E 167 0.26 -57.09 11.13
N VAL E 168 -0.62 -57.12 10.11
CA VAL E 168 -1.82 -57.98 10.11
C VAL E 168 -1.93 -58.53 8.70
N LYS E 169 -2.42 -59.79 8.56
CA LYS E 169 -2.68 -60.33 7.22
C LYS E 169 -4.13 -60.08 6.82
N MET E 170 -4.33 -59.52 5.62
CA MET E 170 -5.64 -59.05 5.27
C MET E 170 -6.54 -60.25 5.18
N PRO E 171 -7.81 -60.12 5.48
CA PRO E 171 -8.70 -59.01 5.81
C PRO E 171 -8.54 -58.52 7.21
N CYS E 172 -8.96 -57.29 7.43
CA CYS E 172 -8.84 -56.63 8.72
C CYS E 172 -9.66 -55.35 8.67
N LEU E 173 -10.11 -54.92 9.84
CA LEU E 173 -10.75 -53.62 10.01
C LEU E 173 -9.80 -52.66 10.70
N ILE E 174 -9.76 -51.41 10.24
CA ILE E 174 -8.91 -50.36 10.81
C ILE E 174 -9.75 -49.12 11.04
N THR E 175 -9.72 -48.58 12.26
CA THR E 175 -10.31 -47.27 12.53
C THR E 175 -9.22 -46.22 12.51
N THR E 176 -9.50 -45.17 11.77
CA THR E 176 -8.58 -44.11 11.42
C THR E 176 -8.92 -42.88 12.24
N LEU E 177 -7.92 -41.99 12.41
CA LEU E 177 -7.97 -40.76 13.20
C LEU E 177 -7.93 -39.51 12.33
N LYS E 178 -8.73 -38.53 12.68
CA LYS E 178 -8.86 -37.30 11.90
C LYS E 178 -7.53 -36.59 11.64
N ASP E 179 -6.69 -36.43 12.68
CA ASP E 179 -5.40 -35.75 12.66
C ASP E 179 -4.30 -36.48 11.90
N MET E 180 -4.52 -37.62 11.23
CA MET E 180 -3.44 -38.46 10.70
C MET E 180 -2.91 -38.09 9.33
N ASN E 181 -3.65 -37.32 8.55
CA ASN E 181 -3.37 -36.97 7.17
C ASN E 181 -4.14 -35.69 6.88
N THR E 182 -3.85 -35.02 5.78
CA THR E 182 -4.81 -33.99 5.47
C THR E 182 -5.48 -34.25 4.12
N PRO E 183 -6.80 -34.44 4.13
CA PRO E 183 -7.51 -35.05 3.02
C PRO E 183 -7.67 -34.13 1.81
N ARG E 184 -7.31 -34.69 0.66
CA ARG E 184 -7.17 -33.98 -0.60
C ARG E 184 -8.51 -33.43 -1.05
N TYR E 185 -8.47 -32.38 -1.86
CA TYR E 185 -9.70 -31.75 -2.34
C TYR E 185 -10.30 -32.59 -3.46
N MET E 186 -11.57 -32.32 -3.76
CA MET E 186 -12.18 -32.92 -4.94
C MET E 186 -11.56 -32.36 -6.18
N LYS E 187 -11.82 -33.00 -7.30
CA LYS E 187 -11.47 -32.47 -8.61
C LYS E 187 -12.73 -31.96 -9.29
N VAL E 188 -12.60 -30.85 -10.01
CA VAL E 188 -13.79 -30.32 -10.64
C VAL E 188 -14.33 -31.30 -11.66
N GLY E 189 -13.48 -31.75 -12.57
CA GLY E 189 -13.97 -32.76 -13.51
C GLY E 189 -14.71 -33.90 -12.83
N ARG E 190 -14.23 -34.34 -11.67
CA ARG E 190 -14.86 -35.43 -10.95
C ARG E 190 -16.24 -35.09 -10.41
N ILE E 191 -16.49 -33.84 -10.02
CA ILE E 191 -17.82 -33.50 -9.51
C ILE E 191 -18.84 -33.49 -10.62
N TYR E 192 -18.52 -32.81 -11.71
CA TYR E 192 -19.42 -32.78 -12.83
C TYR E 192 -19.87 -34.20 -13.16
N ASP E 193 -18.92 -35.18 -13.19
CA ASP E 193 -19.29 -36.55 -13.57
C ASP E 193 -20.12 -37.23 -12.50
N ALA E 194 -19.68 -37.17 -11.25
CA ALA E 194 -20.49 -37.71 -10.18
C ALA E 194 -21.94 -37.26 -10.22
N PHE E 195 -22.25 -36.15 -10.85
CA PHE E 195 -23.66 -35.82 -10.85
C PHE E 195 -24.30 -36.08 -12.17
N GLU E 196 -23.56 -35.85 -13.26
CA GLU E 196 -24.05 -36.00 -14.61
C GLU E 196 -24.24 -37.48 -14.98
N ASN E 197 -23.54 -38.40 -14.29
CA ASN E 197 -23.57 -39.85 -14.50
C ASN E 197 -24.16 -40.63 -13.34
N ASP E 198 -23.65 -40.51 -12.12
CA ASP E 198 -24.40 -40.96 -10.94
C ASP E 198 -24.63 -42.46 -10.82
N VAL E 199 -23.60 -43.15 -10.40
CA VAL E 199 -23.65 -44.58 -10.21
C VAL E 199 -23.97 -44.98 -8.76
N VAL E 200 -24.65 -44.14 -8.01
CA VAL E 200 -24.79 -44.43 -6.58
C VAL E 200 -25.91 -45.43 -6.38
N GLU E 201 -25.54 -46.57 -5.85
CA GLU E 201 -26.44 -47.65 -5.57
C GLU E 201 -27.11 -47.38 -4.22
N THR E 202 -28.41 -47.39 -4.16
CA THR E 202 -29.05 -47.14 -2.88
C THR E 202 -29.65 -48.49 -2.46
N TRP E 203 -29.17 -49.09 -1.36
CA TRP E 203 -29.60 -50.41 -0.91
C TRP E 203 -30.61 -50.30 0.22
N THR E 204 -31.58 -51.17 0.21
CA THR E 204 -32.44 -51.36 1.36
C THR E 204 -31.99 -52.62 2.11
N VAL E 205 -32.78 -53.04 3.09
CA VAL E 205 -32.47 -54.23 3.90
C VAL E 205 -32.41 -55.53 3.06
N LYS E 206 -33.31 -55.69 2.10
CA LYS E 206 -33.22 -56.83 1.20
C LYS E 206 -31.80 -57.06 0.70
N ASP E 207 -31.04 -56.02 0.55
CA ASP E 207 -29.75 -56.14 -0.07
C ASP E 207 -28.65 -56.53 0.89
N ILE E 208 -28.98 -56.71 2.19
CA ILE E 208 -28.03 -57.09 3.25
C ILE E 208 -28.42 -58.44 3.87
N GLU E 209 -27.48 -58.98 4.67
CA GLU E 209 -27.56 -60.30 5.34
C GLU E 209 -27.52 -60.14 6.86
N VAL E 210 -28.69 -60.04 7.53
CA VAL E 210 -28.76 -59.77 8.96
C VAL E 210 -29.95 -60.50 9.55
N ASP E 211 -29.90 -60.76 10.86
CA ASP E 211 -31.09 -61.20 11.58
C ASP E 211 -31.88 -59.93 11.89
N PRO E 212 -33.14 -59.82 11.46
CA PRO E 212 -33.86 -58.53 11.63
C PRO E 212 -34.18 -58.20 13.06
N SER E 213 -34.11 -59.17 13.95
CA SER E 213 -34.19 -58.91 15.38
C SER E 213 -32.89 -58.31 15.91
N ASN E 214 -32.06 -57.78 15.02
CA ASN E 214 -30.87 -57.07 15.39
C ASN E 214 -30.89 -55.66 14.82
N LEU E 215 -32.05 -55.17 14.39
CA LEU E 215 -32.15 -53.88 13.71
C LEU E 215 -33.05 -52.93 14.47
N GLY E 216 -32.64 -51.67 14.50
CA GLY E 216 -33.47 -50.63 15.04
C GLY E 216 -33.58 -50.68 16.55
N LEU E 217 -34.51 -49.88 17.07
CA LEU E 217 -34.71 -49.86 18.51
C LEU E 217 -34.94 -51.28 18.99
N LYS E 218 -35.89 -51.98 18.35
CA LYS E 218 -36.25 -53.32 18.77
C LYS E 218 -35.05 -54.25 18.87
N GLY E 219 -33.95 -53.96 18.19
CA GLY E 219 -32.78 -54.78 18.29
C GLY E 219 -31.69 -54.19 19.14
N SER E 220 -31.98 -53.14 19.87
CA SER E 220 -30.87 -52.38 20.43
C SER E 220 -30.78 -52.63 21.92
N PRO E 221 -29.74 -53.28 22.41
CA PRO E 221 -29.62 -53.43 23.87
C PRO E 221 -29.73 -52.11 24.62
N THR E 222 -28.85 -51.09 24.39
CA THR E 222 -28.99 -49.87 25.17
C THR E 222 -30.13 -49.05 24.61
N SER E 223 -30.62 -48.10 25.42
CA SER E 223 -31.72 -47.21 25.03
C SER E 223 -31.62 -45.92 25.82
N VAL E 224 -32.19 -44.85 25.27
CA VAL E 224 -32.06 -43.52 25.85
C VAL E 224 -33.21 -43.20 26.78
N PHE E 225 -32.91 -43.15 28.08
CA PHE E 225 -33.90 -43.00 29.13
C PHE E 225 -34.43 -41.57 29.23
N LYS E 226 -33.54 -40.61 29.56
CA LYS E 226 -33.82 -39.17 29.51
C LYS E 226 -32.71 -38.48 28.73
N SER E 227 -33.03 -37.33 28.15
CA SER E 227 -32.01 -36.57 27.41
C SER E 227 -32.29 -35.08 27.47
N PHE E 228 -31.27 -34.30 27.87
CA PHE E 228 -31.45 -32.88 28.11
C PHE E 228 -30.26 -32.07 27.62
N THR E 229 -30.51 -30.77 27.41
CA THR E 229 -29.56 -29.95 26.68
C THR E 229 -28.46 -29.56 27.65
N LYS E 230 -27.32 -29.14 27.10
CA LYS E 230 -26.26 -28.69 27.98
C LYS E 230 -26.76 -27.51 28.78
N SER E 231 -26.53 -27.57 30.09
CA SER E 231 -26.85 -26.48 30.99
C SER E 231 -26.02 -25.20 30.69
N VAL E 232 -26.68 -24.04 30.70
CA VAL E 232 -26.03 -22.81 30.27
C VAL E 232 -24.93 -22.45 31.27
N LYS E 233 -23.87 -21.76 30.80
CA LYS E 233 -22.74 -21.34 31.65
C LYS E 233 -23.23 -20.55 32.87
N PRO E 234 -22.57 -20.65 34.05
CA PRO E 234 -23.06 -19.89 35.23
C PRO E 234 -22.37 -18.53 35.34
N ALA E 235 -22.66 -17.80 36.44
CA ALA E 235 -22.27 -16.40 36.63
C ALA E 235 -20.77 -16.16 36.42
N GLY E 236 -19.96 -16.73 37.30
CA GLY E 236 -18.52 -16.54 37.26
C GLY E 236 -18.21 -15.48 38.28
N THR E 237 -17.38 -15.81 39.28
CA THR E 237 -17.16 -15.00 40.46
C THR E 237 -15.73 -14.46 40.52
N ILE E 238 -15.61 -13.33 41.21
CA ILE E 238 -14.42 -12.50 41.22
C ILE E 238 -13.85 -12.41 42.66
N TYR E 239 -12.52 -12.63 42.77
CA TYR E 239 -11.85 -13.00 44.02
C TYR E 239 -10.63 -12.12 44.31
N ASN E 240 -10.47 -11.73 45.57
CA ASN E 240 -9.39 -10.84 46.04
C ASN E 240 -8.65 -11.55 47.16
N GLU E 241 -7.60 -12.30 46.84
CA GLU E 241 -6.79 -12.98 47.86
C GLU E 241 -5.32 -12.98 47.42
N ASP E 242 -4.50 -13.84 48.04
CA ASP E 242 -3.04 -13.84 47.81
C ASP E 242 -2.42 -15.15 47.34
N ALA E 243 -2.50 -16.22 48.14
CA ALA E 243 -1.88 -17.49 47.80
C ALA E 243 -2.90 -18.58 47.85
N LYS E 244 -3.95 -18.37 48.66
CA LYS E 244 -5.23 -19.05 48.47
C LYS E 244 -5.85 -18.76 47.11
N THR E 245 -5.24 -17.88 46.32
CA THR E 245 -5.77 -17.62 44.99
C THR E 245 -5.66 -18.85 44.13
N SER E 246 -4.44 -19.41 44.05
CA SER E 246 -4.21 -20.68 43.33
C SER E 246 -5.06 -21.81 43.91
N ALA E 247 -5.36 -21.76 45.21
CA ALA E 247 -6.41 -22.61 45.73
C ALA E 247 -7.75 -22.26 45.09
N GLY E 248 -8.05 -20.93 44.95
CA GLY E 248 -9.24 -20.50 44.23
C GLY E 248 -9.32 -21.20 42.88
N ILE E 249 -8.21 -21.25 42.18
CA ILE E 249 -8.13 -21.80 40.83
C ILE E 249 -8.36 -23.33 40.83
N ILE E 250 -7.56 -24.06 41.61
CA ILE E 250 -7.58 -25.53 41.47
C ILE E 250 -8.86 -26.14 42.02
N ILE E 251 -9.47 -25.61 43.08
CA ILE E 251 -10.70 -26.27 43.54
C ILE E 251 -11.84 -26.08 42.51
N ASP E 252 -11.79 -24.98 41.75
CA ASP E 252 -12.70 -24.79 40.63
C ASP E 252 -12.34 -25.65 39.46
N LYS E 253 -11.08 -26.04 39.33
CA LYS E 253 -10.70 -27.02 38.30
C LYS E 253 -11.20 -28.44 38.65
N LEU E 254 -10.86 -28.94 39.85
CA LEU E 254 -11.44 -30.13 40.44
C LEU E 254 -12.95 -30.16 40.20
N LYS E 255 -13.64 -29.01 40.19
CA LYS E 255 -15.06 -29.02 39.81
C LYS E 255 -15.31 -29.35 38.32
N GLU E 256 -14.40 -28.94 37.42
CA GLU E 256 -14.49 -29.29 36.01
C GLU E 256 -13.65 -30.51 35.67
N LYS E 257 -13.37 -31.33 36.67
CA LYS E 257 -12.73 -32.60 36.43
C LYS E 257 -11.33 -32.39 35.82
N TYR E 258 -10.30 -32.11 36.64
CA TYR E 258 -8.87 -32.40 36.31
C TYR E 258 -8.05 -32.87 37.51
N ILE E 259 -8.52 -33.88 38.28
CA ILE E 259 -7.69 -34.33 39.42
C ILE E 259 -6.45 -35.05 38.87
N ILE E 260 -5.28 -34.40 38.91
CA ILE E 260 -4.09 -34.91 38.23
C ILE E 260 -2.96 -34.86 39.23
N MET F 1 -31.42 -25.41 -17.09
CA MET F 1 -30.21 -24.90 -16.42
C MET F 1 -30.51 -24.45 -15.00
N ASP F 2 -30.66 -25.38 -14.05
CA ASP F 2 -31.02 -24.97 -12.70
C ASP F 2 -29.75 -24.67 -11.93
N LEU F 3 -29.81 -23.61 -11.13
CA LEU F 3 -28.61 -23.08 -10.54
C LEU F 3 -28.49 -23.53 -9.09
N ASN F 4 -29.59 -23.99 -8.49
CA ASN F 4 -29.51 -24.54 -7.15
C ASN F 4 -29.44 -26.04 -7.15
N SER F 5 -28.99 -26.62 -8.25
CA SER F 5 -28.77 -28.04 -8.34
C SER F 5 -27.67 -28.47 -7.37
N LYS F 6 -27.78 -29.70 -6.88
CA LYS F 6 -26.76 -30.17 -5.94
C LYS F 6 -25.40 -30.24 -6.59
N LYS F 7 -25.32 -30.30 -7.92
CA LYS F 7 -24.02 -30.24 -8.59
C LYS F 7 -23.29 -28.95 -8.25
N TYR F 8 -23.91 -27.83 -8.62
CA TYR F 8 -23.33 -26.52 -8.34
C TYR F 8 -23.09 -26.33 -6.86
N GLN F 9 -24.04 -26.75 -6.02
CA GLN F 9 -23.76 -26.81 -4.58
C GLN F 9 -22.45 -27.48 -4.29
N MET F 10 -22.21 -28.65 -4.89
CA MET F 10 -21.00 -29.42 -4.59
C MET F 10 -19.72 -28.76 -5.10
N LEU F 11 -19.80 -28.14 -6.28
CA LEU F 11 -18.71 -27.25 -6.69
C LEU F 11 -18.46 -26.18 -5.63
N LYS F 12 -19.51 -25.41 -5.30
CA LYS F 12 -19.36 -24.31 -4.34
C LYS F 12 -18.74 -24.78 -3.02
N GLU F 13 -19.12 -25.98 -2.57
CA GLU F 13 -18.52 -26.53 -1.36
C GLU F 13 -16.99 -26.63 -1.52
N LEU F 14 -16.54 -27.09 -2.71
CA LEU F 14 -15.11 -27.27 -2.93
C LEU F 14 -14.45 -25.93 -2.98
N TYR F 15 -15.00 -25.06 -3.82
CA TYR F 15 -14.48 -23.71 -3.95
C TYR F 15 -14.28 -23.06 -2.57
N VAL F 16 -15.27 -23.15 -1.70
CA VAL F 16 -15.13 -22.53 -0.39
C VAL F 16 -14.01 -23.16 0.44
N SER F 17 -13.97 -24.49 0.58
CA SER F 17 -12.91 -24.98 1.48
C SER F 17 -11.52 -24.76 0.88
N PHE F 18 -11.39 -24.69 -0.44
CA PHE F 18 -10.12 -24.32 -1.03
C PHE F 18 -9.77 -22.90 -0.70
N ALA F 19 -10.73 -22.01 -0.87
CA ALA F 19 -10.53 -20.58 -0.63
C ALA F 19 -10.10 -20.35 0.80
N GLU F 20 -10.89 -20.82 1.76
CA GLU F 20 -10.56 -20.64 3.16
C GLU F 20 -9.24 -21.26 3.53
N ASN F 21 -8.92 -22.43 2.99
CA ASN F 21 -7.75 -23.05 3.59
C ASN F 21 -6.44 -22.72 2.89
N GLU F 22 -6.50 -22.41 1.61
CA GLU F 22 -5.30 -22.29 0.80
C GLU F 22 -4.96 -20.90 0.40
N VAL F 23 -5.99 -20.01 0.34
CA VAL F 23 -5.89 -18.66 -0.22
C VAL F 23 -6.06 -17.59 0.84
N LYS F 24 -7.13 -17.67 1.64
CA LYS F 24 -7.36 -16.69 2.69
C LYS F 24 -6.13 -16.36 3.54
N PRO F 25 -5.30 -17.31 3.99
CA PRO F 25 -4.15 -16.92 4.82
C PRO F 25 -2.90 -16.59 4.04
N LEU F 26 -2.97 -16.51 2.73
CA LEU F 26 -1.95 -15.85 1.94
C LEU F 26 -2.35 -14.45 1.49
N ALA F 27 -3.62 -14.07 1.63
CA ALA F 27 -4.17 -12.89 0.97
C ALA F 27 -3.32 -11.64 1.19
N THR F 28 -3.13 -11.29 2.45
CA THR F 28 -2.42 -10.06 2.71
C THR F 28 -0.90 -10.24 2.56
N GLU F 29 -0.36 -11.45 2.72
CA GLU F 29 1.06 -11.63 2.44
C GLU F 29 1.38 -11.33 0.99
N LEU F 30 0.44 -11.55 0.11
CA LEU F 30 0.72 -11.22 -1.27
C LEU F 30 0.52 -9.75 -1.51
N ASP F 31 -0.41 -9.15 -0.76
CA ASP F 31 -0.57 -7.70 -0.85
C ASP F 31 0.68 -6.97 -0.42
N GLU F 32 1.31 -7.42 0.68
CA GLU F 32 2.48 -6.75 1.22
C GLU F 32 3.71 -7.04 0.41
N GLU F 33 4.05 -8.30 0.20
CA GLU F 33 5.27 -8.53 -0.54
C GLU F 33 5.12 -8.24 -2.05
N GLU F 34 3.89 -8.01 -2.51
CA GLU F 34 3.56 -7.79 -3.92
C GLU F 34 4.15 -8.89 -4.78
N ARG F 35 3.63 -10.10 -4.53
CA ARG F 35 4.23 -11.38 -4.87
C ARG F 35 3.26 -12.25 -5.67
N PHE F 36 3.77 -12.90 -6.68
CA PHE F 36 2.90 -13.78 -7.41
C PHE F 36 2.76 -15.10 -6.66
N PRO F 37 1.52 -15.61 -6.49
CA PRO F 37 1.24 -16.82 -5.69
C PRO F 37 1.42 -18.12 -6.48
N TYR F 38 2.68 -18.43 -6.75
CA TYR F 38 3.02 -19.69 -7.42
C TYR F 38 2.40 -20.88 -6.71
N GLU F 39 2.62 -20.97 -5.40
CA GLU F 39 2.05 -22.04 -4.59
C GLU F 39 0.56 -22.22 -4.86
N THR F 40 -0.22 -21.17 -4.71
CA THR F 40 -1.63 -21.51 -4.83
C THR F 40 -2.09 -21.70 -6.29
N VAL F 41 -1.24 -21.40 -7.27
CA VAL F 41 -1.50 -21.80 -8.65
C VAL F 41 -1.29 -23.29 -8.86
N GLU F 42 -0.16 -23.84 -8.39
CA GLU F 42 0.06 -25.26 -8.58
C GLU F 42 -1.00 -26.03 -7.78
N LYS F 43 -1.22 -25.64 -6.52
CA LYS F 43 -2.37 -26.17 -5.76
C LYS F 43 -3.65 -26.02 -6.53
N MET F 44 -3.87 -24.87 -7.10
CA MET F 44 -5.10 -24.71 -7.81
C MET F 44 -5.23 -25.74 -8.95
N ALA F 45 -4.13 -25.97 -9.71
CA ALA F 45 -4.17 -26.84 -10.90
C ALA F 45 -4.65 -28.22 -10.53
N LYS F 46 -3.92 -28.83 -9.59
CA LYS F 46 -4.23 -30.12 -8.99
C LYS F 46 -5.68 -30.37 -8.67
N ALA F 47 -6.33 -29.42 -8.02
CA ALA F 47 -7.69 -29.66 -7.59
C ALA F 47 -8.68 -29.34 -8.66
N GLY F 48 -8.27 -29.40 -9.91
CA GLY F 48 -9.21 -29.41 -10.98
C GLY F 48 -9.37 -28.08 -11.65
N MET F 49 -9.24 -27.00 -10.90
CA MET F 49 -9.38 -25.64 -11.45
C MET F 49 -8.26 -25.41 -12.45
N MET F 50 -8.28 -24.27 -13.13
CA MET F 50 -7.41 -23.86 -14.23
C MET F 50 -7.88 -24.29 -15.62
N GLY F 51 -8.90 -25.12 -15.73
CA GLY F 51 -9.46 -25.55 -17.01
C GLY F 51 -10.95 -25.81 -16.89
N ILE F 52 -11.57 -25.15 -15.93
CA ILE F 52 -12.89 -25.55 -15.47
C ILE F 52 -13.88 -25.72 -16.63
N PRO F 53 -14.07 -24.74 -17.52
CA PRO F 53 -15.06 -24.92 -18.58
C PRO F 53 -14.55 -25.39 -19.92
N TYR F 54 -13.66 -26.35 -19.98
CA TYR F 54 -13.30 -26.79 -21.32
C TYR F 54 -13.44 -28.29 -21.40
N PRO F 55 -13.78 -28.79 -22.57
CA PRO F 55 -13.85 -30.24 -22.82
C PRO F 55 -12.65 -31.07 -22.33
N LYS F 56 -12.97 -32.26 -21.81
CA LYS F 56 -11.93 -33.16 -21.33
C LYS F 56 -10.93 -33.50 -22.43
N GLU F 57 -11.42 -33.71 -23.65
CA GLU F 57 -10.53 -34.05 -24.76
C GLU F 57 -9.39 -33.05 -24.96
N TYR F 58 -9.50 -31.84 -24.41
CA TYR F 58 -8.44 -30.83 -24.46
C TYR F 58 -7.74 -30.63 -23.13
N GLY F 59 -7.92 -31.53 -22.15
CA GLY F 59 -7.26 -31.38 -20.87
C GLY F 59 -8.05 -30.59 -19.85
N GLY F 60 -9.16 -29.99 -20.25
CA GLY F 60 -10.07 -29.37 -19.31
C GLY F 60 -10.90 -30.37 -18.54
N GLU F 61 -11.81 -29.84 -17.75
CA GLU F 61 -12.53 -30.66 -16.80
C GLU F 61 -13.88 -31.13 -17.31
N GLY F 62 -14.39 -30.60 -18.43
CA GLY F 62 -15.72 -30.90 -18.90
C GLY F 62 -16.81 -30.09 -18.25
N GLY F 63 -16.43 -29.02 -17.53
CA GLY F 63 -17.34 -28.16 -16.82
C GLY F 63 -17.96 -27.16 -17.76
N ASP F 64 -18.69 -26.22 -17.16
CA ASP F 64 -19.37 -25.17 -17.92
C ASP F 64 -18.88 -23.83 -17.41
N THR F 65 -19.23 -22.72 -18.09
CA THR F 65 -18.67 -21.46 -17.57
C THR F 65 -19.35 -21.09 -16.27
N VAL F 66 -20.53 -21.62 -15.98
CA VAL F 66 -21.14 -21.23 -14.72
C VAL F 66 -20.27 -21.65 -13.56
N GLY F 67 -19.79 -22.90 -13.53
CA GLY F 67 -18.90 -23.40 -12.47
C GLY F 67 -17.53 -22.75 -12.45
N TYR F 68 -17.09 -22.22 -13.61
CA TYR F 68 -15.89 -21.40 -13.67
C TYR F 68 -16.12 -20.05 -13.01
N ILE F 69 -17.17 -19.34 -13.41
CA ILE F 69 -17.48 -18.07 -12.78
C ILE F 69 -17.66 -18.24 -11.27
N MET F 70 -18.36 -19.32 -10.85
CA MET F 70 -18.53 -19.61 -9.43
C MET F 70 -17.19 -19.64 -8.73
N ALA F 71 -16.18 -20.18 -9.42
CA ALA F 71 -14.85 -20.23 -8.84
C ALA F 71 -14.23 -18.85 -8.69
N VAL F 72 -14.34 -18.02 -9.72
CA VAL F 72 -13.82 -16.67 -9.59
C VAL F 72 -14.50 -15.96 -8.43
N GLU F 73 -15.83 -16.05 -8.35
CA GLU F 73 -16.55 -15.39 -7.28
C GLU F 73 -16.04 -15.82 -5.92
N GLU F 74 -15.90 -17.14 -5.72
CA GLU F 74 -15.53 -17.67 -4.41
C GLU F 74 -14.05 -17.48 -4.06
N LEU F 75 -13.23 -17.18 -5.05
CA LEU F 75 -11.88 -16.83 -4.73
C LEU F 75 -11.77 -15.35 -4.38
N SER F 76 -12.27 -14.45 -5.24
CA SER F 76 -12.18 -13.03 -4.97
C SER F 76 -12.84 -12.67 -3.64
N ARG F 77 -13.81 -13.46 -3.21
CA ARG F 77 -14.39 -13.26 -1.90
C ARG F 77 -13.33 -13.25 -0.81
N VAL F 78 -12.14 -13.80 -1.07
CA VAL F 78 -11.20 -13.89 0.02
C VAL F 78 -9.86 -13.24 -0.40
N CYS F 79 -9.55 -13.24 -1.71
CA CYS F 79 -8.27 -12.69 -2.23
C CYS F 79 -8.39 -12.31 -3.71
N GLY F 80 -8.48 -10.99 -3.97
CA GLY F 80 -8.81 -10.53 -5.30
C GLY F 80 -7.77 -10.83 -6.36
N THR F 81 -6.48 -10.79 -5.99
CA THR F 81 -5.49 -11.03 -7.03
C THR F 81 -5.65 -12.44 -7.55
N THR F 82 -5.82 -13.41 -6.64
CA THR F 82 -5.97 -14.80 -7.04
C THR F 82 -7.19 -14.97 -7.96
N GLY F 83 -8.31 -14.36 -7.60
CA GLY F 83 -9.42 -14.28 -8.54
C GLY F 83 -8.97 -13.88 -9.94
N VAL F 84 -8.12 -12.83 -10.06
CA VAL F 84 -7.83 -12.39 -11.43
C VAL F 84 -6.87 -13.36 -12.13
N ILE F 85 -5.85 -13.87 -11.42
CA ILE F 85 -4.92 -14.80 -12.05
C ILE F 85 -5.71 -15.91 -12.75
N LEU F 86 -6.66 -16.45 -12.02
CA LEU F 86 -7.50 -17.46 -12.64
C LEU F 86 -8.27 -16.89 -13.81
N SER F 87 -9.09 -15.84 -13.55
CA SER F 87 -10.05 -15.40 -14.56
C SER F 87 -9.37 -15.01 -15.84
N ALA F 88 -8.22 -14.37 -15.73
CA ALA F 88 -7.42 -14.03 -16.90
C ALA F 88 -6.90 -15.27 -17.61
N HIS F 89 -6.36 -16.22 -16.84
CA HIS F 89 -5.90 -17.47 -17.44
C HIS F 89 -6.99 -18.17 -18.25
N THR F 90 -8.11 -18.57 -17.62
CA THR F 90 -9.20 -19.23 -18.36
C THR F 90 -9.89 -18.33 -19.39
N SER F 91 -10.22 -17.07 -19.07
CA SER F 91 -11.07 -16.33 -20.00
C SER F 91 -10.33 -15.62 -21.14
N LEU F 92 -9.15 -15.10 -20.84
CA LEU F 92 -8.41 -14.26 -21.75
C LEU F 92 -7.32 -14.99 -22.48
N GLY F 93 -6.60 -15.88 -21.80
CA GLY F 93 -5.59 -16.67 -22.47
C GLY F 93 -6.10 -17.94 -23.15
N SER F 94 -6.74 -18.78 -22.35
CA SER F 94 -7.25 -20.05 -22.82
C SER F 94 -8.36 -19.91 -23.89
N TRP F 95 -9.42 -19.17 -23.58
CA TRP F 95 -10.59 -19.22 -24.45
C TRP F 95 -10.29 -18.93 -25.92
N PRO F 96 -9.63 -17.82 -26.29
CA PRO F 96 -9.38 -17.57 -27.72
C PRO F 96 -8.76 -18.78 -28.47
N ILE F 97 -7.93 -19.60 -27.81
CA ILE F 97 -7.37 -20.79 -28.44
C ILE F 97 -8.43 -21.89 -28.54
N TYR F 98 -9.25 -22.03 -27.50
CA TYR F 98 -10.38 -22.97 -27.59
C TYR F 98 -11.30 -22.60 -28.73
N GLN F 99 -11.64 -21.30 -28.83
CA GLN F 99 -12.64 -20.87 -29.81
C GLN F 99 -12.10 -20.70 -31.24
N TYR F 100 -10.88 -20.23 -31.42
CA TYR F 100 -10.42 -19.92 -32.77
C TYR F 100 -9.29 -20.81 -33.22
N GLY F 101 -8.69 -21.55 -32.31
CA GLY F 101 -7.57 -22.38 -32.66
C GLY F 101 -8.03 -23.66 -33.28
N ASN F 102 -7.20 -24.15 -34.23
CA ASN F 102 -7.44 -25.36 -34.98
C ASN F 102 -7.11 -26.55 -34.08
N GLU F 103 -7.13 -27.77 -34.61
CA GLU F 103 -6.93 -28.90 -33.72
C GLU F 103 -5.48 -28.96 -33.23
N GLU F 104 -4.50 -28.76 -34.14
CA GLU F 104 -3.08 -28.74 -33.76
C GLU F 104 -2.80 -27.75 -32.67
N GLN F 105 -3.36 -26.53 -32.81
CA GLN F 105 -3.10 -25.45 -31.86
C GLN F 105 -3.65 -25.80 -30.49
N LYS F 106 -4.90 -26.29 -30.45
CA LYS F 106 -5.52 -26.70 -29.20
C LYS F 106 -4.85 -27.91 -28.59
N GLN F 107 -4.10 -28.69 -29.36
CA GLN F 107 -3.38 -29.75 -28.68
C GLN F 107 -2.07 -29.23 -28.11
N LYS F 108 -1.38 -28.34 -28.82
CA LYS F 108 -0.07 -27.89 -28.33
C LYS F 108 -0.16 -26.78 -27.32
N PHE F 109 -1.17 -25.92 -27.42
CA PHE F 109 -1.27 -24.82 -26.49
C PHE F 109 -2.48 -24.88 -25.57
N LEU F 110 -3.62 -25.42 -26.03
CA LEU F 110 -4.82 -25.39 -25.19
C LEU F 110 -4.76 -26.44 -24.11
N ARG F 111 -4.17 -27.61 -24.41
CA ARG F 111 -4.11 -28.65 -23.39
C ARG F 111 -3.18 -28.24 -22.25
N PRO F 112 -1.94 -27.76 -22.50
CA PRO F 112 -1.10 -27.34 -21.37
C PRO F 112 -1.78 -26.34 -20.50
N LEU F 113 -2.55 -25.43 -21.07
CA LEU F 113 -3.28 -24.47 -20.25
C LEU F 113 -4.38 -25.16 -19.46
N ALA F 114 -5.34 -25.78 -20.15
CA ALA F 114 -6.56 -26.30 -19.54
C ALA F 114 -6.29 -27.32 -18.45
N SER F 115 -5.17 -28.00 -18.52
CA SER F 115 -4.80 -28.99 -17.52
C SER F 115 -4.10 -28.42 -16.31
N GLY F 116 -3.92 -27.08 -16.23
CA GLY F 116 -3.16 -26.40 -15.19
C GLY F 116 -1.65 -26.57 -15.25
N GLU F 117 -1.12 -27.18 -16.32
CA GLU F 117 0.30 -27.46 -16.47
C GLU F 117 1.06 -26.22 -16.87
N LYS F 118 0.35 -25.24 -17.43
CA LYS F 118 0.90 -23.98 -17.87
C LYS F 118 -0.05 -22.80 -17.53
N LEU F 119 0.43 -21.57 -17.75
CA LEU F 119 -0.33 -20.35 -17.42
C LEU F 119 -0.48 -19.43 -18.62
N GLY F 120 -1.69 -18.91 -18.79
CA GLY F 120 -2.06 -18.13 -19.95
C GLY F 120 -2.21 -16.64 -19.69
N ALA F 121 -1.96 -15.85 -20.73
CA ALA F 121 -2.07 -14.42 -20.62
C ALA F 121 -2.50 -13.85 -21.96
N PHE F 122 -3.07 -12.65 -21.87
CA PHE F 122 -3.67 -11.96 -23.01
C PHE F 122 -3.01 -10.61 -23.10
N GLY F 123 -2.45 -10.28 -24.27
CA GLY F 123 -1.78 -9.02 -24.50
C GLY F 123 -2.31 -8.27 -25.70
N LEU F 124 -3.01 -7.14 -25.42
CA LEU F 124 -3.68 -6.30 -26.39
C LEU F 124 -3.35 -4.84 -26.22
N THR F 125 -3.25 -4.39 -24.98
CA THR F 125 -3.14 -2.97 -24.69
C THR F 125 -1.69 -2.51 -24.84
N GLU F 126 -1.54 -1.29 -25.34
CA GLU F 126 -0.31 -0.59 -25.66
C GLU F 126 -0.34 0.80 -25.07
N PRO F 127 0.81 1.49 -24.98
CA PRO F 127 0.75 2.85 -24.44
C PRO F 127 -0.10 3.76 -25.30
N ASN F 128 0.04 3.76 -26.61
CA ASN F 128 -0.81 4.65 -27.41
C ASN F 128 -2.14 4.01 -27.76
N ALA F 129 -2.41 2.84 -27.20
CA ALA F 129 -3.60 2.10 -27.62
C ALA F 129 -4.20 1.37 -26.41
N GLY F 130 -5.17 2.02 -25.78
CA GLY F 130 -5.81 1.56 -24.56
C GLY F 130 -7.26 1.27 -24.83
N THR F 131 -8.10 2.24 -24.58
CA THR F 131 -9.51 2.07 -24.93
C THR F 131 -9.75 2.16 -26.42
N ASP F 132 -8.98 2.96 -27.13
CA ASP F 132 -8.93 2.90 -28.60
C ASP F 132 -8.10 1.67 -28.97
N ALA F 133 -8.75 0.50 -29.02
CA ALA F 133 -7.99 -0.74 -29.12
C ALA F 133 -7.33 -0.91 -30.47
N SER F 134 -7.81 -0.19 -31.48
CA SER F 134 -7.36 -0.32 -32.84
C SER F 134 -6.13 0.53 -33.14
N GLY F 135 -5.59 1.23 -32.19
CA GLY F 135 -4.37 1.94 -32.52
C GLY F 135 -3.14 1.13 -32.22
N GLN F 136 -3.20 -0.17 -32.48
CA GLN F 136 -2.04 -1.03 -32.23
C GLN F 136 -0.83 -0.51 -33.00
N GLN F 137 0.33 -0.52 -32.35
CA GLN F 137 1.56 -0.13 -33.04
C GLN F 137 2.55 -1.26 -33.13
N THR F 138 2.30 -2.38 -32.45
CA THR F 138 3.15 -3.54 -32.56
C THR F 138 2.91 -4.19 -33.92
N THR F 139 3.99 -4.57 -34.61
CA THR F 139 3.82 -5.07 -35.97
C THR F 139 4.07 -6.57 -36.03
N ALA F 140 3.34 -7.22 -36.96
CA ALA F 140 3.58 -8.59 -37.39
C ALA F 140 3.82 -8.63 -38.91
N VAL F 141 5.02 -9.08 -39.30
CA VAL F 141 5.38 -9.18 -40.69
C VAL F 141 5.88 -10.59 -40.97
N LEU F 142 5.35 -11.18 -42.03
CA LEU F 142 5.60 -12.57 -42.39
C LEU F 142 6.88 -12.66 -43.23
N ASP F 143 7.87 -13.44 -42.77
CA ASP F 143 9.15 -13.63 -43.47
C ASP F 143 9.48 -15.12 -43.47
N GLY F 144 9.44 -15.73 -44.65
CA GLY F 144 9.61 -17.15 -44.73
C GLY F 144 8.43 -17.80 -44.04
N ASP F 145 8.75 -18.80 -43.21
CA ASP F 145 7.77 -19.56 -42.44
C ASP F 145 7.90 -19.15 -40.97
N GLU F 146 8.02 -17.84 -40.77
CA GLU F 146 8.06 -17.21 -39.47
C GLU F 146 7.38 -15.87 -39.59
N TYR F 147 6.78 -15.42 -38.50
CA TYR F 147 6.34 -14.04 -38.37
C TYR F 147 7.36 -13.30 -37.51
N ILE F 148 7.59 -12.02 -37.82
CA ILE F 148 8.47 -11.16 -37.05
C ILE F 148 7.64 -10.11 -36.34
N LEU F 149 7.89 -9.99 -35.05
CA LEU F 149 7.05 -9.24 -34.14
C LEU F 149 7.85 -8.13 -33.50
N ASN F 150 7.38 -6.88 -33.64
CA ASN F 150 8.12 -5.72 -33.14
C ASN F 150 7.23 -4.71 -32.48
N GLY F 151 7.43 -4.50 -31.17
CA GLY F 151 6.64 -3.53 -30.44
C GLY F 151 6.46 -3.94 -28.99
N SER F 152 5.53 -3.24 -28.31
CA SER F 152 5.35 -3.36 -26.86
C SER F 152 3.89 -3.36 -26.45
N LYS F 153 3.62 -4.20 -25.45
CA LYS F 153 2.32 -4.34 -24.79
C LYS F 153 2.53 -4.04 -23.32
N ILE F 154 1.76 -3.08 -22.76
CA ILE F 154 1.89 -2.68 -21.35
C ILE F 154 0.69 -3.13 -20.57
N PHE F 155 0.91 -3.35 -19.27
CA PHE F 155 -0.13 -3.76 -18.30
C PHE F 155 -0.59 -5.20 -18.52
N ILE F 156 0.25 -6.15 -18.81
CA ILE F 156 -0.30 -7.44 -19.17
C ILE F 156 -0.40 -8.30 -17.91
N THR F 157 -1.62 -8.69 -17.56
CA THR F 157 -1.86 -9.51 -16.38
C THR F 157 -1.27 -10.88 -16.60
N ASN F 158 -0.63 -11.41 -15.56
CA ASN F 158 0.07 -12.68 -15.66
C ASN F 158 1.22 -12.63 -16.66
N ALA F 159 1.86 -11.49 -16.81
CA ALA F 159 3.17 -11.49 -17.46
C ALA F 159 4.11 -12.11 -16.45
N ILE F 160 5.41 -11.94 -16.57
CA ILE F 160 6.43 -12.96 -16.40
C ILE F 160 6.04 -14.37 -15.99
N ALA F 161 5.14 -14.57 -15.02
CA ALA F 161 4.85 -15.94 -14.57
C ALA F 161 4.20 -16.78 -15.66
N GLY F 162 3.46 -16.12 -16.55
CA GLY F 162 2.72 -16.86 -17.56
C GLY F 162 3.60 -17.43 -18.65
N ASP F 163 3.16 -18.56 -19.24
CA ASP F 163 3.94 -19.30 -20.21
C ASP F 163 3.49 -19.07 -21.65
N ILE F 164 2.19 -18.86 -21.87
CA ILE F 164 1.64 -18.72 -23.21
C ILE F 164 0.88 -17.41 -23.24
N TYR F 165 1.09 -16.63 -24.29
CA TYR F 165 0.61 -15.26 -24.40
C TYR F 165 -0.12 -15.14 -25.71
N VAL F 166 -1.32 -14.56 -25.68
CA VAL F 166 -2.07 -14.48 -26.91
C VAL F 166 -2.05 -13.04 -27.38
N VAL F 167 -1.06 -12.63 -28.19
CA VAL F 167 -0.81 -11.20 -28.35
C VAL F 167 -1.34 -10.78 -29.73
N MET F 168 -1.59 -9.49 -29.91
CA MET F 168 -2.18 -9.00 -31.17
C MET F 168 -1.22 -8.02 -31.85
N ALA F 169 -1.11 -8.07 -33.18
CA ALA F 169 -0.33 -7.03 -33.86
C ALA F 169 -0.90 -6.75 -35.24
N MET F 170 -0.44 -5.62 -35.81
CA MET F 170 -0.89 -5.19 -37.12
C MET F 170 -0.18 -6.02 -38.14
N THR F 171 -0.93 -6.61 -39.05
CA THR F 171 -0.30 -7.27 -40.17
C THR F 171 -0.49 -6.47 -41.45
N ASP F 172 -1.48 -5.57 -41.45
CA ASP F 172 -1.77 -4.57 -42.49
C ASP F 172 -2.30 -3.32 -41.79
N LYS F 173 -1.38 -2.36 -41.51
CA LYS F 173 -1.72 -1.09 -40.88
C LYS F 173 -2.77 -0.31 -41.66
N SER F 174 -2.68 -0.36 -42.98
CA SER F 174 -3.53 0.38 -43.89
C SER F 174 -4.93 -0.18 -44.04
N LYS F 175 -5.39 -1.02 -43.10
CA LYS F 175 -6.80 -1.46 -43.05
C LYS F 175 -7.38 -1.31 -41.65
N GLY F 176 -6.70 -0.61 -40.77
CA GLY F 176 -7.31 -0.31 -39.48
C GLY F 176 -7.44 -1.56 -38.65
N ASN F 177 -8.64 -1.82 -38.17
CA ASN F 177 -8.89 -3.01 -37.39
C ASN F 177 -9.28 -4.21 -38.25
N LYS F 178 -9.52 -3.97 -39.51
CA LYS F 178 -9.53 -5.09 -40.39
C LYS F 178 -8.11 -5.50 -40.79
N GLY F 179 -7.12 -5.02 -40.00
CA GLY F 179 -5.71 -5.27 -40.18
C GLY F 179 -4.95 -5.83 -38.98
N ILE F 180 -5.67 -6.12 -37.87
CA ILE F 180 -5.00 -6.73 -36.72
C ILE F 180 -5.16 -8.23 -36.85
N SER F 181 -4.07 -8.95 -36.54
CA SER F 181 -4.05 -10.40 -36.40
C SER F 181 -3.64 -10.78 -34.99
N ALA F 182 -4.01 -11.99 -34.61
CA ALA F 182 -3.73 -12.54 -33.28
C ALA F 182 -2.78 -13.72 -33.37
N PHE F 183 -1.82 -13.79 -32.44
CA PHE F 183 -0.73 -14.75 -32.43
C PHE F 183 -0.60 -15.40 -31.06
N ILE F 184 -0.21 -16.66 -31.09
CA ILE F 184 0.09 -17.41 -29.88
C ILE F 184 1.59 -17.37 -29.71
N VAL F 185 2.07 -16.87 -28.55
CA VAL F 185 3.49 -16.68 -28.31
C VAL F 185 3.93 -17.30 -26.99
N GLU F 186 4.94 -18.18 -27.07
CA GLU F 186 5.45 -18.92 -25.92
C GLU F 186 6.60 -18.17 -25.31
N LYS F 187 6.58 -18.04 -23.99
CA LYS F 187 7.66 -17.38 -23.27
C LYS F 187 8.95 -18.19 -23.39
N GLY F 188 9.94 -17.62 -24.05
CA GLY F 188 11.23 -18.25 -24.24
C GLY F 188 11.80 -17.89 -25.59
N THR F 189 10.95 -17.40 -26.51
CA THR F 189 11.44 -17.20 -27.87
C THR F 189 12.49 -16.09 -27.84
N PRO F 190 13.43 -16.11 -28.76
CA PRO F 190 14.36 -14.98 -28.86
C PRO F 190 13.60 -13.71 -29.21
N GLY F 191 13.82 -12.66 -28.43
CA GLY F 191 13.23 -11.39 -28.73
C GLY F 191 12.04 -11.07 -27.86
N PHE F 192 11.42 -12.10 -27.31
CA PHE F 192 10.32 -11.94 -26.39
C PHE F 192 10.89 -11.76 -24.99
N SER F 193 10.71 -10.55 -24.42
CA SER F 193 11.32 -10.08 -23.18
C SER F 193 10.32 -9.33 -22.33
N PHE F 194 10.48 -9.42 -21.02
CA PHE F 194 9.46 -8.85 -20.14
C PHE F 194 9.84 -7.47 -19.60
N GLY F 195 8.82 -6.77 -19.07
CA GLY F 195 8.99 -5.49 -18.44
C GLY F 195 9.38 -5.67 -16.98
N VAL F 196 9.23 -4.59 -16.22
CA VAL F 196 9.42 -4.64 -14.78
C VAL F 196 8.05 -4.56 -14.16
N LYS F 197 7.77 -5.51 -13.27
CA LYS F 197 6.44 -5.58 -12.67
C LYS F 197 6.01 -4.22 -12.10
N GLU F 198 4.82 -3.77 -12.53
CA GLU F 198 4.26 -2.49 -12.15
C GLU F 198 3.88 -2.43 -10.66
N LYS F 199 3.97 -1.21 -10.09
CA LYS F 199 3.59 -0.98 -8.71
C LYS F 199 2.21 -0.36 -8.70
N LYS F 200 1.23 -1.05 -8.14
CA LYS F 200 -0.14 -0.56 -8.29
C LYS F 200 -0.83 -0.43 -6.95
N MET F 201 -2.11 0.00 -6.98
CA MET F 201 -2.83 0.39 -5.79
C MET F 201 -3.23 -0.76 -4.92
N GLY F 202 -3.94 -1.74 -5.52
CA GLY F 202 -4.35 -2.94 -4.83
C GLY F 202 -4.10 -4.35 -5.33
N ILE F 203 -4.16 -4.60 -6.60
CA ILE F 203 -4.08 -6.03 -6.89
C ILE F 203 -2.60 -6.30 -6.92
N ARG F 204 -2.01 -6.54 -5.79
CA ARG F 204 -0.59 -6.30 -5.81
C ARG F 204 0.18 -7.56 -6.05
N GLY F 205 -0.44 -8.68 -5.68
CA GLY F 205 0.11 -9.98 -6.03
C GLY F 205 0.15 -10.25 -7.52
N SER F 206 -0.95 -9.95 -8.23
CA SER F 206 -0.99 -10.15 -9.67
C SER F 206 0.18 -9.46 -10.33
N ALA F 207 1.00 -10.24 -11.00
CA ALA F 207 2.13 -9.67 -11.69
C ALA F 207 1.61 -9.08 -12.99
N THR F 208 1.60 -7.75 -13.04
CA THR F 208 1.31 -6.97 -14.24
C THR F 208 2.61 -6.31 -14.72
N SER F 209 2.87 -6.37 -16.03
CA SER F 209 4.15 -5.92 -16.59
C SER F 209 4.09 -5.85 -18.12
N GLU F 210 5.24 -5.54 -18.73
CA GLU F 210 5.35 -5.21 -20.14
C GLU F 210 5.83 -6.40 -20.97
N LEU F 211 5.31 -6.50 -22.17
CA LEU F 211 5.78 -7.45 -23.13
C LEU F 211 6.53 -6.65 -24.18
N ILE F 212 7.75 -7.09 -24.47
CA ILE F 212 8.65 -6.43 -25.39
C ILE F 212 9.03 -7.39 -26.50
N PHE F 213 8.83 -6.96 -27.74
CA PHE F 213 9.11 -7.73 -28.93
C PHE F 213 10.13 -6.98 -29.79
N GLU F 214 11.38 -7.48 -29.78
CA GLU F 214 12.48 -6.94 -30.58
C GLU F 214 12.97 -7.99 -31.60
N ASP F 215 12.59 -7.77 -32.87
CA ASP F 215 12.77 -8.75 -33.96
C ASP F 215 12.43 -10.14 -33.49
N CYS F 216 11.22 -10.28 -32.96
CA CYS F 216 10.79 -11.51 -32.31
C CYS F 216 10.26 -12.52 -33.32
N ARG F 217 10.95 -13.66 -33.45
CA ARG F 217 10.64 -14.64 -34.49
C ARG F 217 9.67 -15.69 -33.97
N ILE F 218 8.62 -15.94 -34.75
CA ILE F 218 7.42 -16.71 -34.40
C ILE F 218 7.19 -17.74 -35.50
N PRO F 219 6.76 -18.96 -35.18
CA PRO F 219 6.36 -19.88 -36.25
C PRO F 219 5.04 -19.44 -36.90
N LYS F 220 4.98 -19.52 -38.23
CA LYS F 220 3.77 -19.07 -38.94
C LYS F 220 2.53 -19.83 -38.48
N GLU F 221 2.70 -21.10 -38.10
CA GLU F 221 1.60 -21.92 -37.60
C GLU F 221 1.04 -21.42 -36.26
N ASN F 222 1.58 -20.35 -35.72
CA ASN F 222 1.05 -19.79 -34.47
C ASN F 222 0.06 -18.67 -34.73
N LEU F 223 -0.26 -18.40 -35.98
CA LEU F 223 -1.27 -17.39 -36.28
C LEU F 223 -2.61 -18.01 -35.95
N LEU F 224 -3.25 -17.46 -34.93
CA LEU F 224 -4.56 -17.86 -34.45
C LEU F 224 -5.62 -17.11 -35.22
N GLY F 225 -6.44 -17.85 -35.95
CA GLY F 225 -7.49 -17.30 -36.79
C GLY F 225 -6.93 -17.04 -38.17
N LYS F 226 -7.62 -16.23 -38.96
CA LYS F 226 -7.08 -15.79 -40.26
C LYS F 226 -6.27 -14.49 -40.08
N GLU F 227 -5.48 -14.13 -41.09
CA GLU F 227 -4.85 -12.79 -41.07
C GLU F 227 -5.91 -11.69 -41.04
N GLY F 228 -5.78 -10.74 -40.14
CA GLY F 228 -6.73 -9.66 -40.09
C GLY F 228 -7.94 -9.92 -39.24
N GLN F 229 -8.21 -11.17 -38.89
CA GLN F 229 -9.31 -11.47 -37.99
C GLN F 229 -9.03 -11.02 -36.56
N GLY F 230 -7.76 -10.94 -36.15
CA GLY F 230 -7.41 -10.58 -34.78
C GLY F 230 -8.24 -9.54 -34.02
N PHE F 231 -8.61 -8.44 -34.67
CA PHE F 231 -9.44 -7.47 -33.96
C PHE F 231 -10.68 -8.13 -33.39
N LYS F 232 -11.47 -8.78 -34.28
CA LYS F 232 -12.70 -9.45 -33.85
C LYS F 232 -12.43 -10.56 -32.84
N ILE F 233 -11.28 -11.24 -32.96
CA ILE F 233 -10.94 -12.25 -31.94
C ILE F 233 -10.75 -11.60 -30.56
N ALA F 234 -10.05 -10.48 -30.51
CA ALA F 234 -9.83 -9.93 -29.18
C ALA F 234 -11.14 -9.42 -28.63
N MET F 235 -12.05 -9.00 -29.53
CA MET F 235 -13.27 -8.37 -29.09
C MET F 235 -14.19 -9.37 -28.41
N SER F 236 -14.41 -10.51 -29.08
CA SER F 236 -15.20 -11.58 -28.49
C SER F 236 -14.49 -12.21 -27.32
N THR F 237 -13.16 -12.19 -27.32
CA THR F 237 -12.49 -12.71 -26.13
C THR F 237 -12.86 -11.86 -24.93
N LEU F 238 -12.94 -10.54 -25.13
CA LEU F 238 -13.23 -9.69 -24.00
C LEU F 238 -14.65 -9.89 -23.52
N ASP F 239 -15.60 -10.13 -24.45
CA ASP F 239 -16.98 -10.35 -24.00
C ASP F 239 -17.06 -11.43 -22.96
N GLY F 240 -16.26 -12.50 -23.10
CA GLY F 240 -16.26 -13.54 -22.09
C GLY F 240 -15.59 -13.08 -20.82
N GLY F 241 -14.45 -12.40 -20.96
CA GLY F 241 -13.62 -12.13 -19.80
C GLY F 241 -14.29 -11.15 -18.85
N ARG F 242 -15.07 -10.22 -19.42
CA ARG F 242 -15.85 -9.29 -18.63
C ARG F 242 -16.70 -10.02 -17.62
N ILE F 243 -17.27 -11.18 -18.02
CA ILE F 243 -18.05 -11.98 -17.06
C ILE F 243 -17.18 -12.37 -15.88
N GLY F 244 -15.96 -12.82 -16.17
CA GLY F 244 -15.00 -13.16 -15.13
C GLY F 244 -14.73 -12.01 -14.19
N ILE F 245 -14.49 -10.80 -14.75
CA ILE F 245 -14.19 -9.66 -13.90
C ILE F 245 -15.43 -9.28 -13.11
N ALA F 246 -16.60 -9.31 -13.75
CA ALA F 246 -17.79 -8.94 -13.03
C ALA F 246 -17.94 -9.82 -11.81
N ALA F 247 -17.55 -11.09 -12.00
CA ALA F 247 -17.58 -12.08 -10.94
C ALA F 247 -16.56 -11.78 -9.85
N GLN F 248 -15.36 -11.35 -10.25
CA GLN F 248 -14.40 -10.77 -9.31
C GLN F 248 -14.99 -9.65 -8.45
N ALA F 249 -15.65 -8.66 -9.08
CA ALA F 249 -16.27 -7.59 -8.30
C ALA F 249 -17.23 -8.19 -7.28
N LEU F 250 -18.07 -9.13 -7.75
CA LEU F 250 -19.02 -9.82 -6.91
C LEU F 250 -18.34 -10.44 -5.71
N GLY F 251 -17.25 -11.16 -5.95
CA GLY F 251 -16.52 -11.77 -4.86
C GLY F 251 -16.13 -10.72 -3.85
N LEU F 252 -15.41 -9.70 -4.34
CA LEU F 252 -14.98 -8.60 -3.50
C LEU F 252 -16.15 -8.04 -2.71
N ALA F 253 -17.21 -7.62 -3.43
CA ALA F 253 -18.34 -7.06 -2.72
C ALA F 253 -18.83 -7.99 -1.64
N GLN F 254 -19.05 -9.26 -1.98
CA GLN F 254 -19.63 -10.16 -1.00
C GLN F 254 -18.68 -10.39 0.16
N GLY F 255 -17.38 -10.53 -0.11
CA GLY F 255 -16.45 -10.71 1.00
C GLY F 255 -16.41 -9.52 1.95
N ALA F 256 -16.37 -8.29 1.40
CA ALA F 256 -16.39 -7.11 2.24
C ALA F 256 -17.62 -7.09 3.14
N LEU F 257 -18.77 -7.43 2.56
CA LEU F 257 -20.01 -7.51 3.31
C LEU F 257 -19.95 -8.62 4.34
N ASP F 258 -19.42 -9.79 3.94
CA ASP F 258 -19.34 -10.93 4.86
C ASP F 258 -18.54 -10.55 6.07
N GLU F 259 -17.52 -9.69 5.86
CA GLU F 259 -16.62 -9.32 6.95
C GLU F 259 -17.29 -8.37 7.90
N THR F 260 -18.00 -7.38 7.34
CA THR F 260 -18.56 -6.34 8.17
C THR F 260 -19.61 -6.93 9.07
N VAL F 261 -20.42 -7.84 8.53
CA VAL F 261 -21.43 -8.45 9.37
C VAL F 261 -20.78 -9.13 10.54
N LYS F 262 -19.67 -9.85 10.31
CA LYS F 262 -18.99 -10.52 11.42
C LYS F 262 -18.66 -9.52 12.49
N TYR F 263 -18.11 -8.35 12.07
CA TYR F 263 -17.52 -7.33 12.94
C TYR F 263 -18.57 -6.57 13.73
N VAL F 264 -19.56 -6.02 13.03
CA VAL F 264 -20.61 -5.21 13.59
C VAL F 264 -21.42 -5.94 14.68
N LYS F 265 -21.19 -7.22 14.88
CA LYS F 265 -21.87 -7.98 15.92
C LYS F 265 -21.01 -8.18 17.13
N GLU F 266 -19.68 -8.24 16.92
CA GLU F 266 -18.70 -8.41 18.00
C GLU F 266 -18.44 -7.09 18.72
N ARG F 267 -18.31 -6.02 17.95
CA ARG F 267 -17.99 -4.70 18.47
C ARG F 267 -19.20 -4.08 19.16
N VAL F 268 -19.05 -3.78 20.44
CA VAL F 268 -20.02 -3.00 21.18
C VAL F 268 -19.44 -1.61 21.43
N GLN F 269 -20.30 -0.59 21.25
CA GLN F 269 -20.15 0.85 21.56
C GLN F 269 -21.49 1.29 22.11
N PHE F 270 -21.50 2.14 23.11
CA PHE F 270 -22.77 2.65 23.62
C PHE F 270 -23.62 1.54 24.20
N GLY F 271 -23.02 0.48 24.73
CA GLY F 271 -23.77 -0.56 25.45
C GLY F 271 -24.41 -1.67 24.62
N ARG F 272 -24.59 -1.46 23.33
CA ARG F 272 -25.19 -2.45 22.47
C ARG F 272 -24.25 -2.64 21.29
N PRO F 273 -24.26 -3.80 20.67
CA PRO F 273 -23.38 -4.03 19.54
C PRO F 273 -23.73 -3.12 18.39
N LEU F 274 -22.77 -2.97 17.47
CA LEU F 274 -22.95 -1.99 16.41
C LEU F 274 -24.13 -2.31 15.53
N SER F 275 -24.41 -3.62 15.38
CA SER F 275 -25.47 -4.20 14.59
C SER F 275 -26.87 -3.78 15.03
N LYS F 276 -26.97 -3.16 16.20
CA LYS F 276 -28.22 -2.78 16.81
C LYS F 276 -28.55 -1.30 16.60
N PHE F 277 -27.77 -0.57 15.81
CA PHE F 277 -28.09 0.82 15.52
C PHE F 277 -28.69 0.88 14.13
N GLN F 278 -29.82 1.61 14.01
CA GLN F 278 -30.59 1.57 12.76
C GLN F 278 -29.76 1.86 11.52
N ASN F 279 -28.80 2.80 11.61
CA ASN F 279 -28.01 3.10 10.43
C ASN F 279 -27.15 1.90 10.00
N THR F 280 -26.51 1.18 10.93
CA THR F 280 -25.71 0.07 10.43
C THR F 280 -26.62 -1.00 9.79
N GLN F 281 -27.85 -1.17 10.29
CA GLN F 281 -28.76 -2.14 9.67
C GLN F 281 -29.09 -1.74 8.26
N PHE F 282 -29.55 -0.51 8.09
CA PHE F 282 -29.96 -0.06 6.78
C PHE F 282 -28.81 -0.02 5.83
N GLN F 283 -27.64 0.31 6.29
CA GLN F 283 -26.51 0.29 5.36
C GLN F 283 -26.24 -1.12 4.90
N LEU F 284 -26.27 -2.08 5.84
CA LEU F 284 -26.10 -3.49 5.49
C LEU F 284 -27.17 -3.93 4.50
N ALA F 285 -28.45 -3.63 4.78
CA ALA F 285 -29.52 -3.85 3.81
C ALA F 285 -29.21 -3.32 2.41
N ASP F 286 -28.80 -2.05 2.29
CA ASP F 286 -28.60 -1.52 0.93
C ASP F 286 -27.46 -2.23 0.24
N MET F 287 -26.49 -2.65 1.04
CA MET F 287 -25.35 -3.33 0.47
C MET F 287 -25.75 -4.70 -0.06
N GLU F 288 -26.45 -5.49 0.76
CA GLU F 288 -26.85 -6.81 0.31
C GLU F 288 -27.74 -6.72 -0.92
N VAL F 289 -28.68 -5.77 -0.98
CA VAL F 289 -29.44 -5.68 -2.23
C VAL F 289 -28.52 -5.48 -3.42
N LYS F 290 -27.57 -4.54 -3.35
CA LYS F 290 -26.68 -4.34 -4.50
C LYS F 290 -25.93 -5.63 -4.89
N VAL F 291 -25.46 -6.40 -3.90
CA VAL F 291 -24.73 -7.61 -4.21
C VAL F 291 -25.66 -8.64 -4.89
N GLN F 292 -26.86 -8.85 -4.33
CA GLN F 292 -27.77 -9.82 -4.90
C GLN F 292 -28.10 -9.43 -6.32
N ALA F 293 -28.43 -8.15 -6.52
CA ALA F 293 -28.79 -7.68 -7.85
C ALA F 293 -27.68 -7.97 -8.86
N ALA F 294 -26.42 -7.78 -8.44
CA ALA F 294 -25.27 -8.06 -9.29
C ALA F 294 -25.06 -9.55 -9.56
N ARG F 295 -25.10 -10.37 -8.52
CA ARG F 295 -25.12 -11.82 -8.67
C ARG F 295 -25.96 -12.22 -9.85
N HIS F 296 -27.25 -11.85 -9.81
CA HIS F 296 -28.14 -12.17 -10.93
C HIS F 296 -27.57 -11.73 -12.27
N LEU F 297 -27.04 -10.52 -12.39
CA LEU F 297 -26.59 -10.08 -13.74
C LEU F 297 -25.39 -10.87 -14.23
N VAL F 298 -24.47 -11.17 -13.32
CA VAL F 298 -23.31 -12.00 -13.64
C VAL F 298 -23.71 -13.37 -14.17
N TYR F 299 -24.45 -14.15 -13.37
CA TYR F 299 -24.71 -15.53 -13.82
C TYR F 299 -25.70 -15.58 -14.98
N GLN F 300 -26.55 -14.58 -15.17
CA GLN F 300 -27.30 -14.53 -16.41
C GLN F 300 -26.41 -14.38 -17.64
N ALA F 301 -25.32 -13.60 -17.55
CA ALA F 301 -24.34 -13.63 -18.64
C ALA F 301 -23.70 -15.01 -18.79
N ALA F 302 -23.17 -15.59 -17.71
CA ALA F 302 -22.58 -16.92 -17.80
C ALA F 302 -23.53 -17.92 -18.45
N ILE F 303 -24.67 -18.14 -17.82
CA ILE F 303 -25.74 -18.94 -18.36
C ILE F 303 -25.96 -18.72 -19.85
N ASN F 304 -26.04 -17.47 -20.29
CA ASN F 304 -26.19 -17.24 -21.72
C ASN F 304 -25.09 -17.91 -22.51
N LYS F 305 -23.83 -17.70 -22.10
CA LYS F 305 -22.71 -18.26 -22.85
C LYS F 305 -22.78 -19.77 -22.92
N ASP F 306 -23.10 -20.42 -21.76
CA ASP F 306 -23.17 -21.89 -21.66
C ASP F 306 -24.25 -22.44 -22.56
N LEU F 307 -25.35 -21.70 -22.74
CA LEU F 307 -26.41 -22.11 -23.66
C LEU F 307 -26.15 -21.69 -25.10
N GLY F 308 -25.06 -20.98 -25.37
CA GLY F 308 -24.76 -20.50 -26.72
C GLY F 308 -25.69 -19.42 -27.21
N LYS F 309 -26.41 -18.80 -26.29
CA LYS F 309 -27.09 -17.56 -26.54
C LYS F 309 -26.04 -16.44 -26.60
N PRO F 310 -26.38 -15.29 -27.21
CA PRO F 310 -25.44 -14.18 -27.26
C PRO F 310 -25.36 -13.58 -25.89
N TYR F 311 -24.15 -13.05 -25.55
CA TYR F 311 -23.84 -12.65 -24.17
C TYR F 311 -23.01 -11.37 -24.00
N GLY F 312 -22.73 -10.60 -25.05
CA GLY F 312 -21.76 -9.52 -24.89
C GLY F 312 -22.29 -8.33 -24.13
N VAL F 313 -23.55 -7.99 -24.37
CA VAL F 313 -24.24 -6.96 -23.63
C VAL F 313 -24.47 -7.41 -22.20
N GLU F 314 -24.95 -8.64 -22.04
CA GLU F 314 -25.27 -9.14 -20.70
C GLU F 314 -24.04 -9.08 -19.84
N ALA F 315 -22.90 -9.42 -20.45
CA ALA F 315 -21.63 -9.31 -19.78
C ALA F 315 -21.31 -7.86 -19.50
N ALA F 316 -21.77 -6.94 -20.34
CA ALA F 316 -21.38 -5.56 -20.11
C ALA F 316 -22.15 -4.96 -18.96
N MET F 317 -23.45 -5.27 -18.91
CA MET F 317 -24.26 -4.85 -17.77
C MET F 317 -23.72 -5.48 -16.51
N ALA F 318 -23.24 -6.70 -16.58
CA ALA F 318 -22.67 -7.28 -15.38
C ALA F 318 -21.35 -6.63 -15.02
N LYS F 319 -20.52 -6.26 -16.00
CA LYS F 319 -19.26 -5.64 -15.61
C LYS F 319 -19.52 -4.28 -14.98
N LEU F 320 -20.26 -3.42 -15.68
CA LEU F 320 -20.63 -2.12 -15.13
C LEU F 320 -21.17 -2.29 -13.72
N PHE F 321 -22.30 -3.01 -13.60
CA PHE F 321 -23.03 -2.94 -12.33
C PHE F 321 -22.27 -3.61 -11.20
N ALA F 322 -21.67 -4.77 -11.44
CA ALA F 322 -20.88 -5.34 -10.35
C ALA F 322 -19.71 -4.44 -9.92
N ALA F 323 -19.05 -3.79 -10.88
CA ALA F 323 -17.86 -3.00 -10.53
C ALA F 323 -18.24 -1.85 -9.62
N GLU F 324 -19.20 -1.03 -10.05
CA GLU F 324 -19.70 0.00 -9.16
C GLU F 324 -20.07 -0.60 -7.81
N THR F 325 -20.72 -1.78 -7.84
CA THR F 325 -21.22 -2.38 -6.58
C THR F 325 -20.08 -2.80 -5.66
N ALA F 326 -19.00 -3.31 -6.25
CA ALA F 326 -17.81 -3.60 -5.48
C ALA F 326 -17.25 -2.34 -4.81
N MET F 327 -17.20 -1.21 -5.56
CA MET F 327 -16.61 0.03 -5.07
C MET F 327 -17.45 0.60 -3.94
N GLU F 328 -18.77 0.68 -4.13
CA GLU F 328 -19.67 1.24 -3.11
C GLU F 328 -19.64 0.44 -1.84
N VAL F 329 -19.58 -0.89 -1.98
CA VAL F 329 -19.79 -1.80 -0.86
C VAL F 329 -18.53 -1.90 -0.04
N THR F 330 -17.37 -1.98 -0.68
CA THR F 330 -16.13 -2.01 0.09
C THR F 330 -15.94 -0.71 0.84
N THR F 331 -16.22 0.41 0.16
CA THR F 331 -16.09 1.69 0.85
C THR F 331 -17.00 1.74 2.07
N LYS F 332 -18.31 1.40 1.91
CA LYS F 332 -19.19 1.36 3.09
C LYS F 332 -18.69 0.37 4.13
N ALA F 333 -18.01 -0.65 3.69
CA ALA F 333 -17.53 -1.69 4.56
C ALA F 333 -16.46 -1.17 5.50
N VAL F 334 -15.43 -0.55 4.95
CA VAL F 334 -14.42 0.08 5.81
C VAL F 334 -15.08 1.05 6.78
N GLN F 335 -15.97 1.89 6.23
CA GLN F 335 -16.61 2.92 7.05
C GLN F 335 -17.21 2.30 8.29
N LEU F 336 -17.89 1.18 8.10
CA LEU F 336 -18.58 0.49 9.17
C LEU F 336 -17.63 -0.23 10.14
N HIS F 337 -16.41 -0.53 9.72
CA HIS F 337 -15.41 -1.01 10.67
C HIS F 337 -14.81 0.08 11.52
N GLY F 338 -14.97 1.34 11.10
CA GLY F 338 -14.44 2.43 11.88
C GLY F 338 -12.95 2.57 11.66
N GLY F 339 -12.24 3.10 12.66
CA GLY F 339 -10.79 3.24 12.52
C GLY F 339 -10.14 1.94 12.13
N TYR F 340 -10.66 0.84 12.66
CA TYR F 340 -10.04 -0.44 12.46
C TYR F 340 -10.09 -0.82 11.00
N GLY F 341 -11.11 -0.37 10.29
CA GLY F 341 -11.20 -0.63 8.86
C GLY F 341 -10.01 -0.09 8.09
N TYR F 342 -9.45 1.03 8.55
CA TYR F 342 -8.36 1.70 7.85
C TYR F 342 -7.00 1.03 8.12
N THR F 343 -6.87 0.26 9.22
CA THR F 343 -5.67 -0.51 9.47
C THR F 343 -5.58 -1.67 8.48
N ARG F 344 -4.37 -2.18 8.31
CA ARG F 344 -4.16 -3.32 7.42
C ARG F 344 -4.16 -4.67 8.14
N ASP F 345 -4.36 -4.71 9.46
CA ASP F 345 -4.60 -5.96 10.16
C ASP F 345 -5.90 -6.65 9.71
N TYR F 346 -6.90 -5.88 9.44
CA TYR F 346 -8.20 -6.16 8.85
C TYR F 346 -8.14 -6.08 7.32
N PRO F 347 -9.00 -6.89 6.66
CA PRO F 347 -8.90 -7.09 5.21
C PRO F 347 -9.78 -6.21 4.34
N VAL F 348 -10.77 -5.59 4.96
CA VAL F 348 -11.71 -4.72 4.25
C VAL F 348 -10.99 -3.70 3.39
N GLU F 349 -9.96 -3.05 3.93
CA GLU F 349 -9.31 -2.03 3.14
C GLU F 349 -8.76 -2.64 1.86
N ARG F 350 -8.11 -3.80 1.96
CA ARG F 350 -7.49 -4.36 0.77
C ARG F 350 -8.52 -4.63 -0.27
N MET F 351 -9.63 -5.24 0.15
CA MET F 351 -10.76 -5.40 -0.78
C MET F 351 -11.09 -4.05 -1.46
N MET F 352 -11.15 -2.94 -0.71
CA MET F 352 -11.49 -1.68 -1.35
C MET F 352 -10.47 -1.28 -2.43
N ARG F 353 -9.17 -1.40 -2.11
CA ARG F 353 -8.15 -1.13 -3.11
C ARG F 353 -8.26 -2.09 -4.31
N ASP F 354 -8.36 -3.41 -4.06
CA ASP F 354 -8.61 -4.40 -5.12
C ASP F 354 -9.81 -4.00 -5.96
N ALA F 355 -10.91 -3.64 -5.31
CA ALA F 355 -12.15 -3.32 -5.99
C ALA F 355 -11.96 -2.30 -7.10
N LYS F 356 -11.12 -1.23 -6.87
CA LYS F 356 -11.11 -0.08 -7.81
C LYS F 356 -10.86 -0.50 -9.27
N ILE F 357 -9.93 -1.43 -9.49
CA ILE F 357 -9.52 -1.84 -10.83
C ILE F 357 -10.66 -2.47 -11.64
N THR F 358 -11.62 -3.13 -10.98
CA THR F 358 -12.78 -3.70 -11.66
C THR F 358 -13.61 -2.67 -12.44
N GLU F 359 -13.38 -1.38 -12.25
CA GLU F 359 -14.06 -0.44 -13.11
C GLU F 359 -13.23 -0.08 -14.33
N ILE F 360 -12.00 -0.61 -14.42
CA ILE F 360 -11.05 -0.13 -15.39
C ILE F 360 -10.69 -1.21 -16.41
N TYR F 361 -10.25 -2.36 -15.94
CA TYR F 361 -9.56 -3.23 -16.90
C TYR F 361 -10.60 -4.17 -17.50
N GLU F 362 -10.17 -4.86 -18.54
CA GLU F 362 -11.02 -5.60 -19.44
C GLU F 362 -12.09 -4.69 -20.04
N GLY F 363 -11.78 -3.41 -20.13
CA GLY F 363 -12.73 -2.42 -20.60
C GLY F 363 -13.32 -1.55 -19.52
N THR F 364 -13.25 -0.22 -19.61
CA THR F 364 -13.69 0.61 -18.50
C THR F 364 -15.19 0.76 -18.50
N SER F 365 -15.74 1.18 -17.37
CA SER F 365 -17.20 1.20 -17.27
C SER F 365 -17.84 2.08 -18.32
N GLU F 366 -17.08 3.05 -18.80
CA GLU F 366 -17.52 3.95 -19.82
C GLU F 366 -17.73 3.18 -21.11
N VAL F 367 -16.75 2.32 -21.44
CA VAL F 367 -16.84 1.37 -22.55
C VAL F 367 -18.09 0.49 -22.43
N GLN F 368 -18.36 -0.04 -21.24
CA GLN F 368 -19.56 -0.85 -21.04
C GLN F 368 -20.81 -0.06 -21.37
N ARG F 369 -20.81 1.21 -20.99
CA ARG F 369 -21.94 2.10 -21.27
C ARG F 369 -22.13 2.31 -22.75
N MET F 370 -21.01 2.47 -23.49
CA MET F 370 -20.99 2.51 -24.95
C MET F 370 -21.62 1.26 -25.57
N VAL F 371 -21.32 0.10 -24.99
CA VAL F 371 -21.89 -1.16 -25.45
C VAL F 371 -23.39 -1.19 -25.25
N ILE F 372 -23.81 -0.92 -24.00
CA ILE F 372 -25.19 -1.08 -23.60
C ILE F 372 -26.08 -0.11 -24.37
N SER F 373 -25.63 1.15 -24.46
CA SER F 373 -26.44 2.11 -25.18
C SER F 373 -26.49 1.77 -26.64
N GLY F 374 -25.38 1.21 -27.19
CA GLY F 374 -25.35 0.83 -28.60
C GLY F 374 -26.41 -0.19 -28.96
N LYS F 375 -26.44 -1.29 -28.21
CA LYS F 375 -27.54 -2.20 -28.48
C LYS F 375 -28.81 -1.67 -28.04
N LEU F 376 -28.96 -0.46 -27.53
CA LEU F 376 -30.28 0.01 -27.13
C LEU F 376 -30.86 0.97 -28.16
N LEU F 377 -29.97 1.61 -28.88
CA LEU F 377 -30.27 2.73 -29.71
C LEU F 377 -30.33 2.41 -31.18
N LYS F 378 -29.90 1.23 -31.60
CA LYS F 378 -30.43 0.60 -32.86
C LYS F 378 -30.16 -0.87 -32.74
PA FAD G . 10.47 1.46 -26.63
O1A FAD G . 9.14 2.06 -26.80
O2A FAD G . 10.49 -0.05 -26.27
O5B FAD G . 11.12 1.93 -28.03
C5B FAD G . 12.45 1.54 -28.45
C4B FAD G . 12.65 2.09 -29.84
O4B FAD G . 14.01 1.89 -30.26
C3B FAD G . 11.78 1.49 -30.94
O3B FAD G . 11.25 2.61 -31.63
C2B FAD G . 12.77 0.73 -31.84
O2B FAD G . 12.35 0.88 -33.18
C1B FAD G . 14.04 1.53 -31.63
N9A FAD G . 15.33 0.89 -31.84
C8A FAD G . 15.85 -0.19 -31.20
N7A FAD G . 17.11 -0.45 -31.47
C5A FAD G . 17.46 0.59 -32.33
C6A FAD G . 18.66 0.91 -32.97
N6A FAD G . 19.78 0.20 -32.86
N1A FAD G . 18.68 2.01 -33.76
C2A FAD G . 17.56 2.73 -33.88
N3A FAD G . 16.37 2.53 -33.31
C4A FAD G . 16.38 1.43 -32.55
N1 FAD G . 8.05 6.18 -20.09
C2 FAD G . 8.85 7.30 -20.05
O2 FAD G . 9.72 7.49 -20.90
N3 FAD G . 8.67 8.24 -19.05
C4 FAD G . 7.74 8.16 -18.02
O4 FAD G . 7.69 9.05 -17.17
C4X FAD G . 6.90 6.97 -18.08
N5 FAD G . 5.99 6.81 -17.16
C5X FAD G . 5.18 5.68 -17.23
C6 FAD G . 4.21 5.50 -16.24
C7 FAD G . 3.39 4.37 -16.24
C7M FAD G . 2.35 4.18 -15.16
C8 FAD G . 3.52 3.43 -17.26
C8M FAD G . 2.65 2.23 -17.28
C9 FAD G . 4.49 3.61 -18.24
C9A FAD G . 5.32 4.73 -18.24
N10 FAD G . 6.30 4.94 -19.22
C10 FAD G . 7.13 6.04 -19.16
C1' FAD G . 6.53 3.93 -20.26
C2' FAD G . 6.25 4.41 -21.68
O2' FAD G . 4.89 4.18 -22.01
C3' FAD G . 7.13 3.58 -22.62
O3' FAD G . 7.24 2.29 -22.03
C4' FAD G . 8.51 4.18 -22.91
O4' FAD G . 8.40 5.16 -23.95
C5' FAD G . 9.55 3.11 -23.22
O5' FAD G . 10.82 3.71 -23.54
P FAD G . 11.41 3.68 -25.01
O1P FAD G . 10.76 4.60 -26.06
O2P FAD G . 12.82 4.02 -24.90
O3P FAD G . 11.26 2.16 -25.44
CA CA H . 37.50 56.70 -13.01
PA FAD I . 17.63 44.94 -16.61
O1A FAD I . 17.65 43.53 -17.03
O2A FAD I . 18.72 45.87 -17.11
O5B FAD I . 17.69 44.83 -15.04
C5B FAD I . 18.90 45.05 -14.30
C4B FAD I . 18.52 45.09 -12.81
O4B FAD I . 18.07 46.43 -12.47
C3B FAD I . 17.41 44.18 -12.32
O3B FAD I . 17.81 42.84 -12.02
C2B FAD I . 16.95 44.91 -11.05
O2B FAD I . 17.75 44.60 -9.92
C1B FAD I . 17.11 46.38 -11.43
N9A FAD I . 15.89 46.99 -11.92
C8A FAD I . 15.55 47.06 -13.24
N7A FAD I . 14.40 47.65 -13.48
C5A FAD I . 13.96 47.98 -12.21
C6A FAD I . 12.78 48.60 -11.79
N6A FAD I . 11.82 48.99 -12.64
N1A FAD I . 12.62 48.78 -10.46
C2A FAD I . 13.58 48.36 -9.63
N3A FAD I . 14.74 47.75 -9.92
C4A FAD I . 14.86 47.59 -11.24
N1 FAD I . 16.44 49.56 -23.07
C2 FAD I . 17.73 49.74 -23.46
O2 FAD I . 18.48 50.54 -22.89
N3 FAD I . 18.23 49.01 -24.53
C4 FAD I . 17.54 48.06 -25.28
O4 FAD I . 18.08 47.46 -26.20
C4X FAD I . 16.18 47.87 -24.85
N5 FAD I . 15.44 46.99 -25.49
C5X FAD I . 14.15 46.82 -25.08
C6 FAD I . 13.35 45.90 -25.75
C7 FAD I . 12.03 45.72 -25.37
C7M FAD I . 11.18 44.73 -26.13
C8 FAD I . 11.50 46.44 -24.30
C8M FAD I . 10.08 46.26 -23.84
C9 FAD I . 12.29 47.35 -23.62
C9A FAD I . 13.61 47.55 -24.01
N10 FAD I . 14.43 48.49 -23.35
C10 FAD I . 15.71 48.68 -23.74
C1' FAD I . 13.93 49.23 -22.18
C2' FAD I . 14.16 48.47 -20.86
O2' FAD I . 13.51 47.19 -20.83
C3' FAD I . 13.50 49.21 -19.70
O3' FAD I . 14.13 50.46 -19.53
C4' FAD I . 13.75 48.59 -18.35
O4' FAD I . 13.39 49.63 -17.44
C5' FAD I . 15.21 48.29 -18.11
O5' FAD I . 15.59 47.10 -18.83
P FAD I . 15.37 45.69 -18.23
O1P FAD I . 16.06 44.86 -19.30
O2P FAD I . 13.96 45.65 -17.91
O3P FAD I . 16.22 45.60 -16.92
PA FAD J . -16.45 2.72 16.14
O1A FAD J . -16.17 1.28 16.36
O2A FAD J . -17.07 3.64 17.12
O5B FAD J . -17.48 2.84 15.04
C5B FAD J . -17.33 2.08 13.83
C4B FAD J . -18.51 2.36 12.95
O4B FAD J . -19.70 2.30 13.75
C3B FAD J . -18.49 3.73 12.30
O3B FAD J . -18.88 3.64 10.93
C2B FAD J . -19.45 4.54 13.19
O2B FAD J . -20.00 5.70 12.55
C1B FAD J . -20.46 3.46 13.55
N9A FAD J . -21.16 3.77 14.78
C8A FAD J . -20.64 3.79 16.04
N7A FAD J . -21.49 4.14 16.97
C5A FAD J . -22.65 4.41 16.26
C6A FAD J . -23.91 4.89 16.64
N6A FAD J . -24.24 5.18 17.91
N1A FAD J . -24.83 5.09 15.69
C2A FAD J . -24.52 4.80 14.43
N3A FAD J . -23.36 4.34 13.94
C4A FAD J . -22.47 4.18 14.90
N1 FAD J . -8.36 9.42 17.88
C2 FAD J . -7.84 10.40 18.68
O2 FAD J . -8.37 10.75 19.72
N3 FAD J . -6.70 11.04 18.30
C4 FAD J . -5.98 10.80 17.17
O4 FAD J . -4.94 11.41 16.94
C4X FAD J . -6.54 9.80 16.32
N5 FAD J . -5.90 9.52 15.23
C5X FAD J . -6.39 8.54 14.44
C6 FAD J . -5.67 8.19 13.28
C7 FAD J . -6.11 7.16 12.45
C7M FAD J . -5.35 6.80 11.22
C8 FAD J . -7.28 6.48 12.78
C8M FAD J . -7.81 5.43 11.88
C9 FAD J . -7.98 6.81 13.93
C9A FAD J . -7.56 7.84 14.75
N10 FAD J . -8.24 8.17 15.93
C10 FAD J . -7.74 9.15 16.75
C1' FAD J . -9.47 7.46 16.33
C2' FAD J . -10.64 7.79 15.41
O2' FAD J . -11.05 9.14 15.62
C3' FAD J . -11.78 6.79 15.61
O3' FAD J . -11.55 5.65 14.78
C4' FAD J . -13.21 7.29 15.32
O4' FAD J . -13.68 8.16 16.34
C5' FAD J . -14.24 6.18 15.22
O5' FAD J . -14.16 5.34 16.39
P FAD J . -13.88 3.80 16.28
O1P FAD J . -12.68 3.41 15.43
O2P FAD J . -13.74 3.09 17.50
O3P FAD J . -15.17 3.39 15.54
N1A COS K . -35.04 21.44 29.54
C2A COS K . -35.13 20.07 29.46
N3A COS K . -34.34 19.34 28.60
C4A COS K . -33.41 19.95 27.79
C5A COS K . -33.29 21.31 27.87
C6A COS K . -34.12 22.06 28.75
N6A COS K . -34.17 23.51 28.99
N7A COS K . -32.34 21.69 27.00
C8A COS K . -31.86 20.57 26.39
N9A COS K . -32.49 19.47 26.85
C1B COS K . -32.31 18.06 26.50
C2B COS K . -32.38 17.77 25.18
O2B COS K . -33.77 17.72 24.69
C3B COS K . -31.70 16.36 25.03
O3B COS K . -32.64 15.40 25.08
P3B COS K . -32.97 14.38 23.79
O7A COS K . -32.25 13.05 23.97
O8A COS K . -34.45 14.08 23.65
O9A COS K . -32.51 15.03 22.50
C4B COS K . -30.67 16.24 26.27
O4B COS K . -30.83 17.41 26.90
C5B COS K . -29.17 15.99 25.90
O5B COS K . -28.66 14.64 25.90
P1A COS K . -27.09 14.20 26.32
O1A COS K . -26.32 15.44 26.65
O2A COS K . -27.20 13.35 27.58
O3A COS K . -26.19 13.25 25.22
P2A COS K . -24.54 13.28 24.76
O4A COS K . -23.88 14.54 25.26
O5A COS K . -24.43 13.28 23.25
O6A COS K . -23.58 12.03 25.27
CBP COS K . -21.75 11.31 23.67
CCP COS K . -23.12 11.05 24.34
CDP COS K . -21.34 12.78 23.84
CEP COS K . -20.67 10.39 24.30
CAP COS K . -21.89 11.02 22.16
OAP COS K . -23.21 11.31 21.84
C9P COS K . -20.97 11.78 21.13
O9P COS K . -21.45 12.61 20.45
N8P COS K . -19.50 11.48 20.90
C7P COS K . -18.73 12.28 19.85
C6P COS K . -17.22 11.88 19.76
C5P COS K . -16.25 12.26 18.54
O5P COS K . -16.39 13.21 17.66
N4P COS K . -15.07 11.34 18.58
C3P COS K . -13.97 11.38 17.65
C2P COS K . -12.63 11.63 18.37
S1P COS K . -11.25 11.01 17.32
S'P COS K . -9.60 12.26 16.78
CA CA L . 15.22 7.06 1.83
PA FAD M . -2.75 -4.16 27.95
O1A FAD M . -4.19 -3.83 27.85
O2A FAD M . -1.67 -3.01 27.85
O5B FAD M . -2.75 -4.95 29.35
C5B FAD M . -3.08 -4.28 30.59
C4B FAD M . -3.27 -5.22 31.75
O4B FAD M . -1.99 -5.64 32.31
C3B FAD M . -4.07 -4.60 32.91
O3B FAD M . -4.93 -5.61 33.46
C2B FAD M . -2.95 -4.28 33.91
O2B FAD M . -3.49 -4.18 35.22
C1B FAD M . -2.14 -5.55 33.73
N9A FAD M . -0.86 -5.73 34.42
C8A FAD M . 0.34 -5.12 34.16
N7A FAD M . 1.34 -5.53 34.91
C5A FAD M . 0.76 -6.50 35.71
C6A FAD M . 1.27 -7.33 36.74
N6A FAD M . 2.55 -7.29 37.13
N1A FAD M . 0.42 -8.19 37.36
C2A FAD M . -0.85 -8.20 36.98
N3A FAD M . -1.45 -7.47 36.03
C4A FAD M . -0.59 -6.64 35.44
N1 FAD M . -5.32 -7.55 20.91
C2 FAD M . -5.43 -8.95 21.00
O2 FAD M . -5.36 -9.69 22.10
N3 FAD M . -5.72 -9.62 19.80
C4 FAD M . -5.92 -9.06 18.52
O4 FAD M . -6.18 -9.75 17.54
C4X FAD M . -5.82 -7.64 18.43
N5 FAD M . -6.01 -7.11 17.26
C5X FAD M . -5.93 -5.75 17.13
C6 FAD M . -6.12 -5.18 15.87
C7 FAD M . -6.02 -3.81 15.66
C7M FAD M . -6.23 -3.20 14.30
C8 FAD M . -5.74 -2.98 16.76
C8M FAD M . -5.65 -1.50 16.57
C9 FAD M . -5.54 -3.54 18.02
C9A FAD M . -5.64 -4.92 18.22
N10 FAD M . -5.48 -5.50 19.49
C10 FAD M . -5.52 -6.93 19.64
C1' FAD M . -5.05 -4.66 20.58
C2' FAD M . -6.05 -4.46 21.69
O2' FAD M . -6.99 -3.42 21.41
C3' FAD M . -5.24 -4.14 22.95
O3' FAD M . -4.14 -3.33 22.55
C4' FAD M . -4.71 -5.47 23.52
O4' FAD M . -5.71 -6.14 24.31
C5' FAD M . -3.37 -5.34 24.21
O5' FAD M . -3.08 -6.57 24.91
P FAD M . -2.96 -6.63 26.47
O1P FAD M . -4.32 -6.80 27.17
O2P FAD M . -1.94 -7.63 26.67
O3P FAD M . -2.36 -5.18 26.81
CA CA N . -11.04 -65.67 19.17
PA FAD O . -19.49 -44.15 16.20
O1A FAD O . -18.76 -42.92 16.49
O2A FAD O . -19.44 -45.33 17.17
O5B FAD O . -19.07 -44.77 14.83
C5B FAD O . -17.68 -45.03 14.50
C4B FAD O . -17.52 -45.22 13.00
O4B FAD O . -18.55 -46.10 12.49
C3B FAD O . -17.68 -43.97 12.15
O3B FAD O . -16.51 -43.17 12.19
C2B FAD O . -17.97 -44.58 10.78
O2B FAD O . -16.70 -44.95 10.24
C1B FAD O . -18.83 -45.78 11.14
N9A FAD O . -20.26 -45.54 11.05
C8A FAD O . -21.06 -45.28 12.11
N7A FAD O . -22.30 -45.05 11.80
C5A FAD O . -22.33 -45.18 10.43
C6A FAD O . -23.37 -45.04 9.51
N6A FAD O . -24.62 -44.73 9.85
N1A FAD O . -23.08 -45.24 8.20
C2A FAD O . -21.81 -45.52 7.87
N3A FAD O . -20.74 -45.67 8.67
C4A FAD O . -21.08 -45.48 9.95
N1 FAD O . -25.58 -46.12 21.20
C2 FAD O . -24.90 -46.94 22.06
O2 FAD O . -24.58 -48.08 21.76
N3 FAD O . -24.53 -46.49 23.29
C4 FAD O . -24.79 -45.25 23.80
O4 FAD O . -24.41 -44.94 24.93
C4X FAD O . -25.53 -44.39 22.91
N5 FAD O . -25.81 -43.19 23.31
C5X FAD O . -26.49 -42.37 22.45
C6 FAD O . -26.80 -41.10 22.89
C7 FAD O . -27.50 -40.22 22.08
C7M FAD O . -27.85 -38.85 22.58
C8 FAD O . -27.88 -40.62 20.79
C8M FAD O . -28.64 -39.67 19.89
C9 FAD O . -27.57 -41.91 20.34
C9A FAD O . -26.88 -42.79 21.17
N10 FAD O . -26.57 -44.11 20.78
C10 FAD O . -25.88 -44.94 21.61
C1' FAD O . -26.89 -44.62 19.44
C2' FAD O . -25.73 -44.45 18.46
O2' FAD O . -25.26 -43.11 18.42
C3' FAD O . -26.18 -44.83 17.05
O3' FAD O . -26.21 -46.24 16.98
C4' FAD O . -25.28 -44.49 15.88
O4' FAD O . -25.94 -44.99 14.71
C5' FAD O . -23.90 -45.11 15.97
O5' FAD O . -23.16 -44.53 17.07
P FAD O . -22.17 -43.33 16.84
O1P FAD O . -21.55 -42.84 18.15
O2P FAD O . -22.96 -42.35 16.16
O3P FAD O . -21.02 -43.84 15.91
CA CA P . -9.33 -60.74 -4.05
PA FAD Q . -7.61 5.31 -21.47
O1A FAD Q . -6.48 6.23 -21.65
O2A FAD Q . -8.38 4.66 -22.54
O5B FAD Q . -8.76 6.00 -20.79
C5B FAD Q . -8.71 6.26 -19.37
C4B FAD Q . -10.01 6.91 -19.01
O4B FAD Q . -10.55 7.55 -20.19
C3B FAD Q . -11.10 5.96 -18.52
O3B FAD Q . -11.80 6.49 -17.40
C2B FAD Q . -11.99 5.83 -19.76
O2B FAD Q . -13.30 5.26 -19.57
C1B FAD Q . -11.91 7.26 -20.29
N9A FAD Q . -12.22 7.28 -21.69
C8A FAD Q . -11.44 6.73 -22.65
N7A FAD Q . -11.95 6.80 -23.85
C5A FAD Q . -13.16 7.43 -23.66
C6A FAD Q . -14.19 7.78 -24.55
N6A FAD Q . -14.15 7.53 -25.86
N1A FAD Q . -15.28 8.39 -24.04
C2A FAD Q . -15.34 8.61 -22.71
N3A FAD Q . -14.42 8.32 -21.77
C4A FAD Q . -13.35 7.72 -22.32
N1 FAD Q . -4.87 -4.92 -20.85
C2 FAD Q . -4.73 -6.08 -21.55
O2 FAD Q . -4.90 -6.10 -22.77
N3 FAD Q . -4.41 -7.25 -20.90
C4 FAD Q . -4.19 -7.38 -19.56
O4 FAD Q . -3.90 -8.48 -19.09
C4X FAD Q . -4.36 -6.15 -18.81
N5 FAD Q . -4.17 -6.19 -17.53
C5X FAD Q . -4.29 -5.01 -16.81
C6 FAD Q . -4.03 -5.01 -15.45
C7 FAD Q . -4.07 -3.84 -14.71
C7M FAD Q . -3.79 -3.85 -13.23
C8 FAD Q . -4.39 -2.65 -15.35
C8M FAD Q . -4.52 -1.38 -14.58
C9 FAD Q . -4.65 -2.64 -16.71
C9A FAD Q . -4.61 -3.81 -17.44
N10 FAD Q . -4.84 -3.82 -18.83
C10 FAD Q . -4.69 -4.96 -19.55
C1' FAD Q . -5.15 -2.58 -19.56
C2' FAD Q . -6.58 -2.09 -19.31
O2' FAD Q . -7.51 -2.92 -19.97
C3' FAD Q . -6.71 -0.62 -19.74
O3' FAD Q . -6.07 0.14 -18.73
C4' FAD Q . -8.12 -0.04 -19.99
O4' FAD Q . -8.80 -0.48 -21.17
C5' FAD Q . -8.17 1.46 -20.11
O5' FAD Q . -7.21 1.92 -21.09
P FAD Q . -6.20 3.07 -20.75
O1P FAD Q . -5.53 2.64 -19.45
O2P FAD Q . -5.31 3.44 -21.78
O3P FAD Q . -7.18 4.19 -20.45
N1A COS R . -27.41 -1.90 -39.28
C2A COS R . -27.45 -0.62 -38.81
N3A COS R . -26.30 0.01 -38.44
C4A COS R . -25.09 -0.61 -38.54
C5A COS R . -25.07 -1.88 -39.01
C6A COS R . -26.24 -2.52 -39.38
N6A COS R . -26.51 -3.86 -39.92
N7A COS R . -23.78 -2.29 -39.02
C8A COS R . -23.02 -1.28 -38.56
N9A COS R . -23.79 -0.22 -38.24
C1B COS R . -23.36 1.08 -37.71
C2B COS R . -24.05 1.62 -36.68
O2B COS R . -25.32 2.24 -37.11
C3B COS R . -23.09 2.69 -36.04
O3B COS R . -23.46 3.95 -36.40
P3B COS R . -24.45 5.05 -35.56
O7A COS R . -23.83 6.43 -35.57
O8A COS R . -25.83 5.17 -36.18
O9A COS R . -24.63 4.67 -34.12
C4B COS R . -21.62 2.23 -36.53
O4B COS R . -21.81 1.05 -37.10
C5B COS R . -20.44 2.24 -35.48
O5B COS R . -19.77 1.02 -35.16
P1A COS R . -18.10 0.77 -35.14
O1A COS R . -17.86 -0.60 -35.68
O2A COS R . -17.49 1.77 -36.09
O3A COS R . -17.32 0.84 -33.61
P2A COS R . -15.71 0.57 -33.05
O4A COS R . -14.88 1.83 -33.11
O5A COS R . -14.99 -0.53 -33.81
O6A COS R . -15.69 0.17 -31.45
CBP COS R . -15.17 0.36 -29.10
CCP COS R . -15.09 1.02 -30.49
CDP COS R . -14.86 1.37 -27.98
CEP COS R . -16.61 -0.17 -28.88
CAP COS R . -14.09 -0.73 -29.06
OAP COS R . -12.87 -0.29 -29.58
C9P COS R . -13.87 -1.22 -27.60
O9P COS R . -14.76 -1.70 -26.99
N8P COS R . -12.53 -1.10 -26.97
C7P COS R . -12.39 -1.59 -25.56
C6P COS R . -11.63 -2.94 -25.56
C5P COS R . -11.17 -3.21 -24.13
O5P COS R . -11.98 -3.49 -23.32
N4P COS R . -9.74 -3.13 -23.80
C3P COS R . -9.27 -3.39 -22.46
C2P COS R . -8.04 -4.35 -22.46
S1P COS R . -8.45 -5.95 -21.64
S'P COS R . -7.46 -6.43 -19.83
CA CA S . 7.08 -14.83 2.25
#